data_9AZO
#
_entry.id   9AZO
#
_cell.length_a   79.151
_cell.length_b   157.864
_cell.length_c   95.011
_cell.angle_alpha   90.000
_cell.angle_beta   114.449
_cell.angle_gamma   90.000
#
_symmetry.space_group_name_H-M   'P 1 21 1'
#
loop_
_entity.id
_entity.type
_entity.pdbx_description
1 polymer PmdC
2 non-polymer 'SULFATE ION'
3 non-polymer 'NADP NICOTINAMIDE-ADENINE-DINUCLEOTIDE PHOSPHATE'
4 water water
#
_entity_poly.entity_id   1
_entity_poly.type   'polypeptide(L)'
_entity_poly.pdbx_seq_one_letter_code
;MSKTIKVALAGAGAFGIKHLDGIKNIDGVEVVSLVGRRFDQTKEVADKYGIAHVATDLAESLALPEVDAVILCTPTQMHA
EQAIACMKAGKHVQVEIPLADALKDAQEVAELQKQTGLVAMVGHTRRFNPSHQWVHKKIEAGEFNIQQMDVQTYFFRRTN
MNALGQARSWTDHLLWHHAAHTVDLFAYQAGSPIVKANAVQGPIHKDLGIAMDMSIQLKAANGAICTLSLSFNNDGPLGT
FFRYIGDTGTYLARYDDLYTGKDEKIDVSQVDVSMNGIELQDREFFAAIREGREPNSSVQQVFNCYKVLHDLEQQLNAD
;
_entity_poly.pdbx_strand_id   A,B,C,D,E,F
#
loop_
_chem_comp.id
_chem_comp.type
_chem_comp.name
_chem_comp.formula
NAP non-polymer 'NADP NICOTINAMIDE-ADENINE-DINUCLEOTIDE PHOSPHATE' 'C21 H28 N7 O17 P3'
SO4 non-polymer 'SULFATE ION' 'O4 S -2'
#
# COMPACT_ATOMS: atom_id res chain seq x y z
N LYS A 3 -24.12 -37.80 55.02
CA LYS A 3 -23.18 -38.87 55.33
C LYS A 3 -21.75 -38.34 55.26
N THR A 4 -20.95 -38.66 56.27
CA THR A 4 -19.53 -38.36 56.24
C THR A 4 -18.83 -39.13 55.12
N ILE A 5 -18.10 -38.37 54.29
CA ILE A 5 -17.25 -38.95 53.25
C ILE A 5 -15.96 -39.44 53.89
N LYS A 6 -15.65 -40.72 53.72
CA LYS A 6 -14.39 -41.27 54.21
C LYS A 6 -13.30 -41.31 53.12
N VAL A 7 -12.13 -40.78 53.48
CA VAL A 7 -11.01 -40.49 52.60
C VAL A 7 -9.78 -41.30 53.00
N ALA A 8 -9.09 -41.83 51.99
CA ALA A 8 -7.70 -42.25 52.09
C ALA A 8 -6.82 -41.14 51.52
N LEU A 9 -5.74 -40.81 52.23
CA LEU A 9 -4.74 -39.85 51.76
C LEU A 9 -3.46 -40.62 51.50
N ALA A 10 -2.91 -40.47 50.29
CA ALA A 10 -1.65 -41.10 49.90
C ALA A 10 -0.53 -40.06 49.80
N GLY A 11 0.52 -40.24 50.60
CA GLY A 11 1.67 -39.35 50.62
C GLY A 11 1.64 -38.28 51.70
N ALA A 12 2.09 -38.63 52.90
CA ALA A 12 2.19 -37.68 54.00
C ALA A 12 3.36 -36.69 53.96
N GLY A 13 3.74 -36.23 52.77
CA GLY A 13 4.76 -35.19 52.65
C GLY A 13 4.18 -33.83 52.95
N ALA A 14 4.93 -32.79 52.57
CA ALA A 14 4.53 -31.41 52.84
C ALA A 14 3.14 -31.04 52.31
N PHE A 15 2.80 -31.50 51.11
CA PHE A 15 1.46 -31.17 50.60
C PHE A 15 0.38 -32.05 51.21
N GLY A 16 0.66 -33.33 51.42
CA GLY A 16 -0.29 -34.15 52.16
C GLY A 16 -0.62 -33.58 53.53
N ILE A 17 0.37 -33.07 54.24
CA ILE A 17 0.15 -32.37 55.51
C ILE A 17 -0.73 -31.14 55.34
N LYS A 18 -0.49 -30.36 54.29
CA LYS A 18 -1.34 -29.19 54.06
C LYS A 18 -2.80 -29.58 53.80
N HIS A 19 -3.04 -30.67 53.05
CA HIS A 19 -4.41 -31.17 52.90
C HIS A 19 -5.01 -31.67 54.21
N LEU A 20 -4.28 -32.45 55.00
CA LEU A 20 -4.82 -32.89 56.28
C LEU A 20 -5.21 -31.74 57.18
N ASP A 21 -4.36 -30.70 57.22
CA ASP A 21 -4.68 -29.50 58.01
C ASP A 21 -5.92 -28.79 57.49
N GLY A 22 -6.10 -28.77 56.17
CA GLY A 22 -7.29 -28.16 55.60
C GLY A 22 -8.53 -28.97 55.91
N ILE A 23 -8.45 -30.29 55.73
CA ILE A 23 -9.57 -31.20 55.95
C ILE A 23 -10.06 -31.10 57.38
N LYS A 24 -9.18 -30.81 58.35
CA LYS A 24 -9.70 -30.60 59.70
C LYS A 24 -10.80 -29.53 59.75
N ASN A 25 -10.82 -28.60 58.79
CA ASN A 25 -11.82 -27.54 58.80
C ASN A 25 -13.07 -27.84 57.97
N ILE A 26 -13.20 -29.03 57.39
CA ILE A 26 -14.31 -29.36 56.51
C ILE A 26 -15.21 -30.36 57.22
N ASP A 27 -16.42 -29.92 57.59
CA ASP A 27 -17.40 -30.79 58.22
C ASP A 27 -17.81 -31.97 57.33
N GLY A 28 -18.05 -33.13 57.95
CA GLY A 28 -18.48 -34.34 57.28
C GLY A 28 -17.48 -35.05 56.37
N VAL A 29 -16.18 -34.85 56.57
CA VAL A 29 -15.16 -35.63 55.88
C VAL A 29 -14.21 -36.19 56.94
N GLU A 30 -13.77 -37.42 56.76
CA GLU A 30 -12.85 -38.04 57.70
C GLU A 30 -11.84 -38.88 56.93
N VAL A 31 -10.57 -38.67 57.22
CA VAL A 31 -9.49 -39.49 56.70
C VAL A 31 -9.33 -40.74 57.57
N VAL A 32 -9.65 -41.90 56.99
CA VAL A 32 -9.61 -43.19 57.68
C VAL A 32 -8.36 -44.00 57.38
N SER A 33 -7.67 -43.75 56.26
CA SER A 33 -6.47 -44.48 55.91
C SER A 33 -5.39 -43.52 55.45
N LEU A 34 -4.16 -43.71 55.93
CA LEU A 34 -2.98 -42.99 55.46
C LEU A 34 -1.96 -43.96 54.86
N VAL A 35 -1.56 -43.67 53.62
CA VAL A 35 -0.58 -44.44 52.86
C VAL A 35 0.70 -43.63 52.74
N GLY A 36 1.83 -44.26 53.04
CA GLY A 36 3.14 -43.63 52.88
C GLY A 36 4.23 -44.66 52.75
N ARG A 37 5.36 -44.24 52.16
CA ARG A 37 6.39 -45.20 51.80
C ARG A 37 7.00 -45.94 53.01
N ARG A 38 7.00 -45.32 54.20
CA ARG A 38 7.66 -45.88 55.38
C ARG A 38 6.70 -45.95 56.57
N PHE A 39 6.41 -47.18 57.02
CA PHE A 39 5.38 -47.39 58.04
C PHE A 39 5.54 -46.51 59.27
N ASP A 40 6.72 -46.51 59.90
CA ASP A 40 6.90 -45.78 61.16
C ASP A 40 6.64 -44.29 61.03
N GLN A 41 7.10 -43.69 59.95
CA GLN A 41 6.92 -42.27 59.71
C GLN A 41 5.45 -41.95 59.43
N THR A 42 4.81 -42.84 58.65
CA THR A 42 3.39 -42.74 58.36
C THR A 42 2.55 -42.88 59.63
N LYS A 43 2.92 -43.80 60.52
CA LYS A 43 2.18 -43.98 61.76
C LYS A 43 2.29 -42.75 62.64
N GLU A 44 3.47 -42.14 62.71
CA GLU A 44 3.60 -40.90 63.47
C GLU A 44 2.63 -39.85 62.96
N VAL A 45 2.53 -39.68 61.64
CA VAL A 45 1.55 -38.72 61.13
C VAL A 45 0.12 -39.14 61.43
N ALA A 46 -0.22 -40.41 61.23
CA ALA A 46 -1.58 -40.86 61.51
C ALA A 46 -1.98 -40.60 62.96
N ASP A 47 -1.09 -40.91 63.89
CA ASP A 47 -1.37 -40.65 65.30
C ASP A 47 -1.52 -39.17 65.58
N LYS A 48 -0.70 -38.32 64.96
CA LYS A 48 -0.89 -36.89 65.14
C LYS A 48 -2.26 -36.44 64.65
N TYR A 49 -2.76 -37.04 63.58
CA TYR A 49 -4.04 -36.64 63.00
C TYR A 49 -5.21 -37.54 63.40
N GLY A 50 -4.98 -38.58 64.19
CA GLY A 50 -6.04 -39.49 64.59
C GLY A 50 -6.60 -40.37 63.52
N ILE A 51 -5.79 -40.71 62.51
CA ILE A 51 -6.19 -41.56 61.39
C ILE A 51 -5.96 -43.02 61.77
N ALA A 52 -7.02 -43.85 61.71
CA ALA A 52 -6.95 -45.21 62.25
C ALA A 52 -6.14 -46.19 61.37
N HIS A 53 -6.26 -46.12 60.04
CA HIS A 53 -5.60 -47.08 59.17
C HIS A 53 -4.32 -46.52 58.54
N VAL A 54 -3.27 -47.36 58.54
CA VAL A 54 -1.94 -47.05 58.00
C VAL A 54 -1.51 -48.16 57.06
N ALA A 55 -1.11 -47.80 55.85
CA ALA A 55 -0.62 -48.74 54.85
C ALA A 55 0.67 -48.28 54.18
N THR A 56 1.39 -49.27 53.62
CA THR A 56 2.55 -48.99 52.78
C THR A 56 2.26 -49.17 51.28
N ASP A 57 1.13 -49.78 50.93
CA ASP A 57 0.62 -49.89 49.57
C ASP A 57 -0.75 -49.24 49.48
N LEU A 58 -0.98 -48.52 48.37
CA LEU A 58 -2.28 -47.91 48.12
C LEU A 58 -3.37 -48.96 48.03
N ALA A 59 -3.04 -50.12 47.48
CA ALA A 59 -4.03 -51.18 47.31
C ALA A 59 -4.65 -51.57 48.65
N GLU A 60 -3.87 -51.53 49.74
CA GLU A 60 -4.42 -51.83 51.06
C GLU A 60 -5.56 -50.88 51.41
N SER A 61 -5.43 -49.60 51.06
CA SER A 61 -6.54 -48.71 51.33
C SER A 61 -7.67 -48.94 50.33
N LEU A 62 -7.32 -49.30 49.08
CA LEU A 62 -8.35 -49.60 48.08
C LEU A 62 -9.14 -50.84 48.45
N ALA A 63 -8.54 -51.78 49.20
CA ALA A 63 -9.32 -52.93 49.61
C ALA A 63 -10.35 -52.59 50.70
N LEU A 64 -10.22 -51.45 51.37
CA LEU A 64 -11.22 -51.07 52.39
C LEU A 64 -12.54 -50.66 51.74
N PRO A 65 -13.65 -51.36 52.01
CA PRO A 65 -14.92 -50.98 51.37
C PRO A 65 -15.52 -49.64 51.80
N GLU A 66 -15.23 -49.17 53.02
CA GLU A 66 -15.79 -47.91 53.53
C GLU A 66 -15.14 -46.67 52.93
N VAL A 67 -13.93 -46.78 52.40
CA VAL A 67 -13.27 -45.62 51.82
C VAL A 67 -14.05 -45.16 50.59
N ASP A 68 -14.47 -43.90 50.59
CA ASP A 68 -15.17 -43.35 49.45
C ASP A 68 -14.27 -42.60 48.50
N ALA A 69 -13.25 -41.92 48.98
CA ALA A 69 -12.48 -41.07 48.08
C ALA A 69 -11.00 -41.17 48.44
N VAL A 70 -10.15 -40.84 47.48
CA VAL A 70 -8.70 -40.85 47.64
C VAL A 70 -8.14 -39.51 47.21
N ILE A 71 -7.21 -38.98 48.02
CA ILE A 71 -6.40 -37.82 47.68
C ILE A 71 -4.96 -38.29 47.47
N LEU A 72 -4.41 -38.01 46.28
CA LEU A 72 -3.07 -38.44 45.89
C LEU A 72 -2.10 -37.26 45.97
N CYS A 73 -1.22 -37.30 46.98
CA CYS A 73 -0.13 -36.36 47.15
C CYS A 73 1.22 -37.06 47.04
N THR A 74 1.26 -38.11 46.24
CA THR A 74 2.48 -38.87 46.05
C THR A 74 3.39 -38.13 45.09
N PRO A 75 4.59 -38.66 44.86
CA PRO A 75 5.43 -38.12 43.77
C PRO A 75 4.77 -38.26 42.42
N THR A 76 5.01 -37.25 41.58
CA THR A 76 4.40 -37.16 40.26
C THR A 76 4.46 -38.44 39.43
N GLN A 77 5.58 -39.15 39.47
CA GLN A 77 5.74 -40.33 38.65
C GLN A 77 4.70 -41.42 38.94
N MET A 78 4.06 -41.37 40.10
CA MET A 78 3.08 -42.39 40.48
C MET A 78 1.63 -42.01 40.20
N HIS A 79 1.36 -40.74 39.92
CA HIS A 79 -0.03 -40.25 39.95
C HIS A 79 -0.97 -40.99 38.99
N ALA A 80 -0.62 -41.10 37.71
CA ALA A 80 -1.57 -41.66 36.74
C ALA A 80 -1.93 -43.12 37.04
N GLU A 81 -0.91 -43.95 37.25
CA GLU A 81 -1.15 -45.33 37.60
C GLU A 81 -2.03 -45.43 38.85
N GLN A 82 -1.70 -44.65 39.88
CA GLN A 82 -2.48 -44.74 41.12
C GLN A 82 -3.89 -44.20 40.92
N ALA A 83 -4.05 -43.13 40.14
CA ALA A 83 -5.40 -42.66 39.86
C ALA A 83 -6.21 -43.72 39.12
N ILE A 84 -5.59 -44.39 38.16
CA ILE A 84 -6.26 -45.47 37.46
C ILE A 84 -6.66 -46.57 38.44
N ALA A 85 -5.74 -46.94 39.33
CA ALA A 85 -6.05 -47.98 40.30
C ALA A 85 -7.24 -47.59 41.18
N CYS A 86 -7.27 -46.33 41.61
CA CYS A 86 -8.39 -45.88 42.43
C CYS A 86 -9.70 -46.05 41.71
N MET A 87 -9.77 -45.58 40.47
CA MET A 87 -11.03 -45.68 39.73
C MET A 87 -11.40 -47.13 39.44
N LYS A 88 -10.42 -47.99 39.18
CA LYS A 88 -10.78 -49.42 39.06
C LYS A 88 -11.36 -49.97 40.35
N ALA A 89 -10.95 -49.44 41.51
CA ALA A 89 -11.57 -49.83 42.76
C ALA A 89 -12.88 -49.09 43.07
N GLY A 90 -13.40 -48.27 42.15
CA GLY A 90 -14.65 -47.52 42.37
C GLY A 90 -14.62 -46.29 43.28
N LYS A 91 -13.46 -45.69 43.49
CA LYS A 91 -13.28 -44.56 44.38
C LYS A 91 -13.13 -43.27 43.59
N HIS A 92 -13.77 -42.20 44.07
CA HIS A 92 -13.46 -40.87 43.54
C HIS A 92 -12.00 -40.57 43.84
N VAL A 93 -11.40 -39.75 42.99
CA VAL A 93 -9.98 -39.46 43.14
C VAL A 93 -9.71 -37.99 42.87
N GLN A 94 -8.87 -37.40 43.71
CA GLN A 94 -8.26 -36.11 43.47
C GLN A 94 -6.77 -36.34 43.37
N VAL A 95 -6.16 -35.79 42.32
CA VAL A 95 -4.74 -36.05 42.04
C VAL A 95 -4.07 -34.70 42.11
N GLU A 96 -3.00 -34.61 42.90
CA GLU A 96 -2.20 -33.41 42.89
C GLU A 96 -1.66 -33.15 41.50
N ILE A 97 -1.41 -31.89 41.22
CA ILE A 97 -0.82 -31.54 39.92
C ILE A 97 0.61 -32.02 39.89
N PRO A 98 1.10 -32.50 38.75
CA PRO A 98 0.39 -32.81 37.50
C PRO A 98 -0.41 -34.10 37.43
N LEU A 99 -1.51 -34.07 36.67
CA LEU A 99 -2.23 -35.29 36.40
C LEU A 99 -1.33 -36.41 35.92
N ALA A 100 -0.34 -36.11 35.07
CA ALA A 100 0.65 -37.10 34.66
C ALA A 100 1.87 -36.40 34.10
N ASP A 101 2.98 -37.14 33.99
CA ASP A 101 4.13 -36.62 33.25
C ASP A 101 4.19 -37.17 31.81
N ALA A 102 3.13 -37.79 31.31
CA ALA A 102 3.05 -38.17 29.91
C ALA A 102 1.61 -38.01 29.46
N LEU A 103 1.45 -37.52 28.23
CA LEU A 103 0.11 -37.35 27.67
C LEU A 103 -0.65 -38.67 27.60
N LYS A 104 0.02 -39.76 27.21
CA LYS A 104 -0.67 -41.04 27.08
C LYS A 104 -1.33 -41.43 28.40
N ASP A 105 -0.60 -41.30 29.51
CA ASP A 105 -1.14 -41.71 30.81
C ASP A 105 -2.25 -40.78 31.27
N ALA A 106 -2.10 -39.47 31.05
CA ALA A 106 -3.21 -38.56 31.31
C ALA A 106 -4.46 -38.92 30.50
N GLN A 107 -4.25 -39.36 29.25
CA GLN A 107 -5.38 -39.77 28.41
C GLN A 107 -6.02 -41.05 28.95
N GLU A 108 -5.20 -41.99 29.38
CA GLU A 108 -5.70 -43.23 30.01
C GLU A 108 -6.51 -42.93 31.27
N VAL A 109 -6.07 -41.96 32.09
CA VAL A 109 -6.86 -41.55 33.26
C VAL A 109 -8.19 -40.95 32.82
N ALA A 110 -8.16 -40.07 31.82
CA ALA A 110 -9.38 -39.45 31.32
C ALA A 110 -10.36 -40.49 30.78
N GLU A 111 -9.85 -41.47 30.04
CA GLU A 111 -10.67 -42.54 29.48
C GLU A 111 -11.31 -43.39 30.58
N LEU A 112 -10.55 -43.73 31.62
CA LEU A 112 -11.18 -44.49 32.68
C LEU A 112 -12.22 -43.67 33.42
N GLN A 113 -11.94 -42.39 33.66
CA GLN A 113 -12.95 -41.55 34.28
C GLN A 113 -14.23 -41.51 33.43
N LYS A 114 -14.08 -41.32 32.12
CA LYS A 114 -15.25 -41.29 31.24
C LYS A 114 -16.00 -42.61 31.30
N GLN A 115 -15.27 -43.72 31.41
CA GLN A 115 -15.93 -45.01 31.51
C GLN A 115 -16.66 -45.21 32.84
N THR A 116 -16.09 -44.73 33.95
CA THR A 116 -16.70 -44.94 35.26
C THR A 116 -17.74 -43.90 35.64
N GLY A 117 -17.62 -42.68 35.11
CA GLY A 117 -18.44 -41.55 35.53
C GLY A 117 -18.15 -41.06 36.93
N LEU A 118 -17.06 -41.53 37.54
CA LEU A 118 -16.58 -41.09 38.85
C LEU A 118 -15.92 -39.71 38.79
N VAL A 119 -16.06 -38.96 39.88
CA VAL A 119 -15.27 -37.75 40.13
C VAL A 119 -13.77 -38.02 40.14
N ALA A 120 -13.08 -37.48 39.14
CA ALA A 120 -11.63 -37.43 39.13
C ALA A 120 -11.20 -35.99 38.96
N MET A 121 -10.49 -35.45 39.95
CA MET A 121 -10.12 -34.03 39.99
C MET A 121 -8.61 -33.90 39.99
N VAL A 122 -8.11 -32.85 39.33
CA VAL A 122 -6.69 -32.51 39.42
C VAL A 122 -6.54 -31.24 40.23
N GLY A 123 -5.53 -31.23 41.11
CA GLY A 123 -5.23 -30.16 42.04
C GLY A 123 -4.61 -28.92 41.43
N HIS A 124 -5.27 -28.30 40.44
CA HIS A 124 -4.90 -26.98 39.92
C HIS A 124 -5.29 -25.85 40.89
N THR A 125 -4.58 -25.82 42.02
CA THR A 125 -4.87 -24.95 43.15
C THR A 125 -5.02 -23.47 42.77
N ARG A 126 -4.35 -23.06 41.68
CA ARG A 126 -4.46 -21.69 41.21
C ARG A 126 -5.89 -21.34 40.85
N ARG A 127 -6.69 -22.33 40.43
CA ARG A 127 -8.11 -22.06 40.26
C ARG A 127 -8.77 -21.68 41.57
N PHE A 128 -8.24 -22.16 42.71
CA PHE A 128 -8.94 -21.96 43.96
C PHE A 128 -8.32 -20.90 44.88
N ASN A 129 -7.13 -20.38 44.58
CA ASN A 129 -6.61 -19.29 45.40
C ASN A 129 -7.52 -18.08 45.28
N PRO A 130 -7.88 -17.43 46.40
CA PRO A 130 -8.80 -16.29 46.36
C PRO A 130 -8.39 -15.14 45.46
N SER A 131 -7.08 -14.87 45.40
CA SER A 131 -6.55 -13.81 44.52
C SER A 131 -6.82 -14.05 43.03
N HIS A 132 -6.66 -15.29 42.58
CA HIS A 132 -6.91 -15.60 41.16
C HIS A 132 -8.41 -15.66 40.91
N GLN A 133 -9.19 -16.13 41.89
CA GLN A 133 -10.65 -16.09 41.80
C GLN A 133 -11.17 -14.66 41.70
N TRP A 134 -10.58 -13.72 42.46
CA TRP A 134 -10.98 -12.32 42.33
C TRP A 134 -10.78 -11.80 40.92
N VAL A 135 -9.61 -12.04 40.36
CA VAL A 135 -9.39 -11.56 38.99
C VAL A 135 -10.34 -12.27 38.02
N HIS A 136 -10.54 -13.59 38.19
CA HIS A 136 -11.42 -14.37 37.33
C HIS A 136 -12.84 -13.83 37.36
N LYS A 137 -13.36 -13.55 38.56
CA LYS A 137 -14.68 -12.97 38.70
C LYS A 137 -14.79 -11.60 38.05
N LYS A 138 -13.72 -10.77 38.09
CA LYS A 138 -13.78 -9.52 37.33
C LYS A 138 -13.87 -9.76 35.83
N ILE A 139 -13.17 -10.77 35.34
CA ILE A 139 -13.25 -11.11 33.91
C ILE A 139 -14.62 -11.62 33.53
N GLU A 140 -15.18 -12.55 34.31
CA GLU A 140 -16.52 -13.06 34.01
C GLU A 140 -17.58 -11.96 34.04
N ALA A 141 -17.42 -10.94 34.89
CA ALA A 141 -18.31 -9.80 34.95
C ALA A 141 -18.14 -8.85 33.76
N GLY A 142 -17.15 -9.09 32.89
CA GLY A 142 -16.82 -8.22 31.77
C GLY A 142 -16.15 -6.93 32.12
N GLU A 143 -15.61 -6.83 33.32
CA GLU A 143 -14.93 -5.64 33.81
C GLU A 143 -13.43 -5.63 33.51
N PHE A 144 -12.84 -6.78 33.10
CA PHE A 144 -11.41 -6.90 32.85
C PHE A 144 -11.07 -7.91 31.75
N ASN A 145 -10.15 -7.56 30.84
CA ASN A 145 -9.61 -8.53 29.89
C ASN A 145 -8.08 -8.57 29.91
N ILE A 146 -7.52 -9.77 30.04
CA ILE A 146 -6.06 -10.00 30.04
C ILE A 146 -5.46 -9.78 28.65
N GLN A 147 -4.46 -8.87 28.56
CA GLN A 147 -3.60 -8.74 27.40
C GLN A 147 -2.32 -9.59 27.53
N GLN A 148 -1.66 -9.56 28.69
CA GLN A 148 -0.45 -10.35 28.90
C GLN A 148 -0.36 -10.84 30.34
N MET A 149 0.03 -12.09 30.54
CA MET A 149 0.44 -12.61 31.85
C MET A 149 1.93 -12.87 31.89
N ASP A 150 2.66 -12.22 32.81
CA ASP A 150 4.08 -12.47 32.98
C ASP A 150 4.33 -13.21 34.31
N VAL A 151 4.89 -14.42 34.24
CA VAL A 151 4.95 -15.35 35.36
C VAL A 151 6.38 -15.86 35.61
N GLN A 152 6.76 -15.91 36.89
CA GLN A 152 8.05 -16.47 37.33
C GLN A 152 7.78 -17.59 38.34
N THR A 153 8.27 -18.80 38.02
CA THR A 153 8.25 -19.94 38.93
C THR A 153 9.68 -20.35 39.24
N TYR A 154 10.14 -19.97 40.43
CA TYR A 154 11.53 -20.05 40.85
C TYR A 154 11.73 -20.81 42.16
N PHE A 155 12.71 -21.72 42.17
CA PHE A 155 13.16 -22.36 43.38
C PHE A 155 14.69 -22.41 43.29
N PHE A 156 15.35 -22.63 44.44
CA PHE A 156 16.79 -22.96 44.49
C PHE A 156 16.78 -24.43 44.87
N ARG A 157 16.91 -25.31 43.87
CA ARG A 157 16.69 -26.75 44.03
C ARG A 157 17.66 -27.56 43.17
N ARG A 158 18.92 -27.60 43.62
CA ARG A 158 19.97 -28.37 42.95
C ARG A 158 20.05 -29.78 43.50
N THR A 159 19.17 -30.05 44.46
CA THR A 159 18.90 -31.28 45.19
C THR A 159 17.39 -31.51 45.14
N ASN A 160 17.01 -32.77 45.34
CA ASN A 160 15.65 -33.32 45.28
C ASN A 160 14.90 -32.98 46.58
N MET A 161 14.62 -31.68 46.73
CA MET A 161 13.94 -31.06 47.88
C MET A 161 12.53 -30.53 47.59
N ASN A 162 11.63 -30.69 48.57
CA ASN A 162 10.27 -30.11 48.62
C ASN A 162 10.32 -28.60 48.97
N ALA A 163 9.16 -27.93 48.98
CA ALA A 163 9.04 -26.49 49.30
C ALA A 163 9.46 -26.12 50.73
N LEU A 164 9.60 -27.05 51.64
CA LEU A 164 10.07 -26.70 52.97
C LEU A 164 11.56 -26.90 53.10
N GLY A 165 12.23 -27.19 51.99
CA GLY A 165 13.65 -27.44 52.08
C GLY A 165 14.02 -28.83 52.54
N GLN A 166 13.09 -29.78 52.60
CA GLN A 166 13.44 -31.14 53.01
C GLN A 166 13.74 -31.97 51.76
N ALA A 167 14.67 -32.93 51.91
CA ALA A 167 14.99 -33.86 50.83
C ALA A 167 13.87 -34.80 50.38
N ARG A 168 13.64 -34.83 49.07
CA ARG A 168 12.80 -35.79 48.38
C ARG A 168 13.55 -37.06 47.98
N SER A 169 12.82 -38.16 47.94
CA SER A 169 13.26 -39.43 47.40
C SER A 169 13.00 -39.54 45.89
N TRP A 170 12.39 -38.52 45.28
CA TRP A 170 12.01 -38.49 43.87
C TRP A 170 12.43 -37.17 43.23
N THR A 171 12.59 -37.17 41.89
CA THR A 171 12.98 -35.98 41.13
C THR A 171 11.78 -35.30 40.45
N ASP A 172 11.69 -33.98 40.61
CA ASP A 172 10.70 -33.04 40.09
C ASP A 172 10.96 -32.67 38.63
N HIS A 173 10.12 -31.79 38.05
CA HIS A 173 10.25 -31.50 36.62
C HIS A 173 9.63 -30.12 36.33
N LEU A 174 10.43 -29.23 35.73
CA LEU A 174 9.96 -27.87 35.41
C LEU A 174 8.73 -27.85 34.49
N LEU A 175 8.73 -28.67 33.45
CA LEU A 175 7.60 -28.74 32.53
C LEU A 175 6.33 -29.32 33.11
N TRP A 176 6.34 -30.57 33.48
CA TRP A 176 5.07 -31.20 33.82
C TRP A 176 4.49 -30.66 35.12
N HIS A 177 5.31 -30.34 36.11
CA HIS A 177 4.66 -29.87 37.32
C HIS A 177 4.44 -28.37 37.45
N HIS A 178 5.41 -27.53 37.09
CA HIS A 178 5.32 -26.11 37.42
C HIS A 178 4.75 -25.29 36.29
N ALA A 179 5.15 -25.56 35.05
CA ALA A 179 4.57 -24.84 33.93
C ALA A 179 3.09 -25.18 33.80
N ALA A 180 2.72 -26.39 34.16
CA ALA A 180 1.32 -26.82 34.15
C ALA A 180 0.37 -25.86 34.87
N HIS A 181 0.79 -25.30 36.03
CA HIS A 181 -0.05 -24.32 36.70
C HIS A 181 -0.36 -23.14 35.80
N THR A 182 0.65 -22.63 35.11
CA THR A 182 0.47 -21.42 34.32
C THR A 182 -0.19 -21.71 32.98
N VAL A 183 0.19 -22.79 32.33
CA VAL A 183 -0.43 -23.15 31.07
C VAL A 183 -1.92 -23.31 31.24
N ASP A 184 -2.35 -24.06 32.27
CA ASP A 184 -3.77 -24.17 32.55
C ASP A 184 -4.40 -22.84 32.94
N LEU A 185 -3.81 -22.14 33.94
CA LEU A 185 -4.38 -20.89 34.45
C LEU A 185 -4.51 -19.79 33.39
N PHE A 186 -3.55 -19.68 32.48
CA PHE A 186 -3.65 -18.68 31.40
C PHE A 186 -4.89 -18.92 30.54
N ALA A 187 -5.09 -20.12 30.06
CA ALA A 187 -6.27 -20.40 29.24
C ALA A 187 -7.55 -20.16 30.03
N TYR A 188 -7.53 -20.57 31.31
CA TYR A 188 -8.69 -20.39 32.18
C TYR A 188 -9.02 -18.92 32.35
N GLN A 189 -8.04 -18.09 32.72
CA GLN A 189 -8.33 -16.67 32.92
C GLN A 189 -8.57 -15.89 31.62
N ALA A 190 -7.87 -16.24 30.54
CA ALA A 190 -8.16 -15.58 29.28
C ALA A 190 -9.52 -15.97 28.71
N GLY A 191 -10.13 -17.05 29.21
CA GLY A 191 -11.38 -17.52 28.64
C GLY A 191 -11.27 -17.95 27.18
N SER A 192 -10.07 -18.34 26.73
CA SER A 192 -9.72 -18.57 25.35
C SER A 192 -8.64 -19.63 25.27
N PRO A 193 -8.75 -20.56 24.31
CA PRO A 193 -7.75 -21.61 24.15
C PRO A 193 -6.37 -21.14 23.71
N ILE A 194 -5.34 -21.86 24.16
CA ILE A 194 -3.98 -21.62 23.67
C ILE A 194 -3.82 -22.15 22.25
N VAL A 195 -3.31 -21.30 21.37
CA VAL A 195 -3.15 -21.66 19.96
C VAL A 195 -1.69 -21.61 19.53
N LYS A 196 -0.79 -21.02 20.34
CA LYS A 196 0.64 -21.07 20.03
C LYS A 196 1.45 -21.24 21.29
N ALA A 197 2.41 -22.17 21.25
CA ALA A 197 3.31 -22.38 22.36
C ALA A 197 4.71 -22.67 21.86
N ASN A 198 5.72 -22.03 22.46
CA ASN A 198 7.14 -22.23 22.20
C ASN A 198 7.85 -22.31 23.54
N ALA A 199 8.80 -23.22 23.65
CA ALA A 199 9.65 -23.33 24.82
C ALA A 199 11.11 -23.45 24.43
N VAL A 200 12.00 -22.95 25.29
CA VAL A 200 13.41 -23.34 25.18
C VAL A 200 13.90 -23.73 26.57
N GLN A 201 14.87 -24.68 26.61
CA GLN A 201 15.44 -25.14 27.86
C GLN A 201 16.96 -25.10 27.80
N GLY A 202 17.57 -24.95 28.98
CA GLY A 202 19.00 -25.08 29.20
C GLY A 202 19.49 -26.52 29.26
N PRO A 203 20.78 -26.69 29.60
CA PRO A 203 21.37 -28.03 29.67
C PRO A 203 20.75 -28.90 30.75
N ILE A 204 20.74 -30.20 30.48
CA ILE A 204 20.32 -31.22 31.44
C ILE A 204 21.35 -31.37 32.56
N HIS A 205 20.89 -31.33 33.81
CA HIS A 205 21.75 -31.53 34.99
C HIS A 205 22.23 -32.98 35.16
N LYS A 206 23.56 -33.17 35.20
CA LYS A 206 24.16 -34.50 35.28
C LYS A 206 23.61 -35.36 36.42
N ASP A 207 23.35 -34.80 37.62
CA ASP A 207 22.95 -35.71 38.71
C ASP A 207 21.44 -35.84 38.82
N LEU A 208 20.67 -34.87 38.36
CA LEU A 208 19.23 -34.95 38.49
C LEU A 208 18.57 -35.40 37.19
N GLY A 209 19.25 -35.24 36.05
CA GLY A 209 18.66 -35.67 34.79
C GLY A 209 17.51 -34.86 34.26
N ILE A 210 17.33 -33.64 34.73
CA ILE A 210 16.24 -32.78 34.30
C ILE A 210 16.87 -31.46 33.94
N ALA A 211 16.15 -30.69 33.12
CA ALA A 211 16.53 -29.29 32.88
C ALA A 211 16.36 -28.45 34.14
N MET A 212 17.31 -27.54 34.38
CA MET A 212 17.30 -26.64 35.52
C MET A 212 16.68 -25.27 35.22
N ASP A 213 16.51 -24.92 33.94
CA ASP A 213 15.95 -23.65 33.45
C ASP A 213 15.10 -23.90 32.21
N MET A 214 14.00 -23.16 32.13
CA MET A 214 13.07 -23.33 31.02
C MET A 214 12.32 -22.02 30.79
N SER A 215 12.03 -21.72 29.51
CA SER A 215 11.24 -20.57 29.11
C SER A 215 10.07 -20.94 28.19
N ILE A 216 8.87 -20.50 28.54
CA ILE A 216 7.65 -20.83 27.81
C ILE A 216 6.93 -19.56 27.39
N GLN A 217 6.46 -19.52 26.15
CA GLN A 217 5.60 -18.47 25.62
C GLN A 217 4.30 -19.02 25.06
N LEU A 218 3.17 -18.40 25.45
CA LEU A 218 1.84 -18.82 25.00
C LEU A 218 1.11 -17.68 24.32
N LYS A 219 0.27 -18.02 23.34
CA LYS A 219 -0.67 -17.10 22.73
C LYS A 219 -2.04 -17.76 22.70
N ALA A 220 -3.04 -17.08 23.24
CA ALA A 220 -4.44 -17.49 23.15
C ALA A 220 -5.07 -17.06 21.83
N ALA A 221 -6.12 -17.78 21.45
CA ALA A 221 -6.82 -17.48 20.21
C ALA A 221 -7.34 -16.05 20.15
N ASN A 222 -7.77 -15.50 21.29
CA ASN A 222 -8.19 -14.10 21.36
C ASN A 222 -7.01 -13.12 21.33
N GLY A 223 -5.78 -13.59 21.24
CA GLY A 223 -4.65 -12.71 21.14
C GLY A 223 -3.90 -12.42 22.44
N ALA A 224 -4.46 -12.77 23.60
CA ALA A 224 -3.69 -12.64 24.84
C ALA A 224 -2.40 -13.46 24.77
N ILE A 225 -1.32 -12.95 25.40
CA ILE A 225 -0.05 -13.69 25.43
C ILE A 225 0.34 -13.89 26.90
N CYS A 226 1.13 -14.92 27.14
CA CYS A 226 1.75 -15.20 28.42
C CYS A 226 3.23 -15.46 28.24
N THR A 227 4.04 -14.89 29.14
CA THR A 227 5.46 -15.20 29.28
C THR A 227 5.73 -15.91 30.61
N LEU A 228 6.42 -17.05 30.55
CA LEU A 228 6.72 -17.85 31.73
C LEU A 228 8.20 -18.19 31.83
N SER A 229 8.85 -17.75 32.91
CA SER A 229 10.21 -18.18 33.26
C SER A 229 10.22 -19.21 34.39
N LEU A 230 10.86 -20.39 34.19
CA LEU A 230 11.05 -21.38 35.24
C LEU A 230 12.51 -21.66 35.53
N SER A 231 12.82 -21.81 36.83
CA SER A 231 14.18 -22.12 37.26
C SER A 231 14.24 -22.86 38.59
N PHE A 232 15.11 -23.86 38.63
CA PHE A 232 15.58 -24.47 39.88
C PHE A 232 16.92 -23.89 40.36
N ASN A 233 17.48 -22.91 39.65
CA ASN A 233 18.72 -22.19 39.96
C ASN A 233 18.58 -20.83 40.68
N ASN A 234 17.36 -20.37 40.92
CA ASN A 234 17.07 -19.04 41.48
C ASN A 234 17.34 -18.98 43.00
N ASP A 235 18.45 -18.35 43.38
CA ASP A 235 18.76 -18.01 44.79
C ASP A 235 18.08 -16.76 45.36
N GLY A 236 16.77 -16.89 45.56
CA GLY A 236 15.95 -15.81 46.07
C GLY A 236 14.66 -16.37 46.64
N PRO A 237 13.69 -15.49 46.83
CA PRO A 237 12.34 -15.90 47.23
C PRO A 237 11.77 -16.96 46.29
N LEU A 238 11.36 -18.08 46.85
CA LEU A 238 10.86 -19.22 46.09
C LEU A 238 9.34 -19.15 45.89
N GLY A 239 8.91 -19.64 44.77
CA GLY A 239 7.49 -19.74 44.51
C GLY A 239 7.11 -19.08 43.20
N THR A 240 5.81 -18.83 43.04
CA THR A 240 5.30 -18.16 41.86
C THR A 240 4.72 -16.76 42.05
N PHE A 241 5.14 -15.86 41.18
CA PHE A 241 4.67 -14.50 41.11
C PHE A 241 4.02 -14.35 39.75
N PHE A 242 2.76 -13.90 39.74
CA PHE A 242 1.98 -13.72 38.52
C PHE A 242 1.67 -12.26 38.30
N ARG A 243 1.92 -11.76 37.07
CA ARG A 243 1.46 -10.43 36.66
C ARG A 243 0.41 -10.46 35.54
N TYR A 244 -0.82 -10.05 35.88
CA TYR A 244 -1.90 -9.80 34.94
C TYR A 244 -1.85 -8.37 34.42
N ILE A 245 -1.53 -8.16 33.15
CA ILE A 245 -1.62 -6.83 32.53
C ILE A 245 -2.86 -6.82 31.63
N GLY A 246 -3.89 -6.07 32.02
CA GLY A 246 -5.11 -5.97 31.24
C GLY A 246 -5.49 -4.61 30.70
N ASP A 247 -6.70 -4.54 30.14
CA ASP A 247 -7.21 -3.28 29.60
C ASP A 247 -7.59 -2.30 30.71
N THR A 248 -8.11 -2.80 31.84
CA THR A 248 -8.58 -1.91 32.88
C THR A 248 -7.64 -1.86 34.06
N GLY A 249 -6.61 -2.69 34.12
CA GLY A 249 -5.73 -2.62 35.26
C GLY A 249 -4.57 -3.60 35.14
N THR A 250 -3.75 -3.61 36.19
CA THR A 250 -2.66 -4.54 36.39
C THR A 250 -2.74 -5.11 37.80
N TYR A 251 -2.55 -6.41 37.89
CA TYR A 251 -2.58 -7.13 39.14
C TYR A 251 -1.39 -8.06 39.33
N LEU A 252 -0.91 -8.13 40.57
CA LEU A 252 0.20 -8.97 40.99
C LEU A 252 -0.33 -9.99 42.00
N ALA A 253 -0.39 -11.26 41.61
CA ALA A 253 -0.80 -12.30 42.54
C ALA A 253 0.43 -13.00 43.13
N ARG A 254 0.45 -13.10 44.46
CA ARG A 254 1.48 -13.77 45.25
C ARG A 254 0.79 -14.73 46.25
N TYR A 255 0.69 -16.02 45.87
CA TYR A 255 -0.13 -17.02 46.54
C TYR A 255 -1.56 -16.51 46.67
N ASP A 256 -2.02 -16.37 47.91
CA ASP A 256 -3.38 -15.96 48.19
C ASP A 256 -3.54 -14.44 48.24
N ASP A 257 -2.43 -13.70 48.22
CA ASP A 257 -2.45 -12.24 48.16
C ASP A 257 -2.54 -11.70 46.73
N LEU A 258 -3.23 -10.56 46.60
CA LEU A 258 -3.38 -9.81 45.36
C LEU A 258 -3.00 -8.35 45.57
N TYR A 259 -2.34 -7.77 44.57
CA TYR A 259 -1.96 -6.37 44.60
C TYR A 259 -2.28 -5.69 43.27
N THR A 260 -2.44 -4.38 43.30
CA THR A 260 -2.39 -3.62 42.05
C THR A 260 -0.94 -3.58 41.55
N GLY A 261 -0.76 -3.14 40.31
CA GLY A 261 0.59 -2.89 39.79
C GLY A 261 1.36 -1.77 40.48
N LYS A 262 0.70 -1.08 41.42
CA LYS A 262 1.28 -0.04 42.28
C LYS A 262 1.48 -0.49 43.73
N ASP A 263 1.51 -1.78 43.98
CA ASP A 263 1.66 -2.36 45.32
C ASP A 263 0.52 -2.03 46.27
N GLU A 264 -0.66 -1.68 45.78
CA GLU A 264 -1.74 -1.56 46.73
C GLU A 264 -2.32 -2.95 46.96
N LYS A 265 -2.33 -3.40 48.20
CA LYS A 265 -2.87 -4.72 48.52
C LYS A 265 -4.38 -4.66 48.32
N ILE A 266 -4.94 -5.64 47.64
CA ILE A 266 -6.38 -5.77 47.48
C ILE A 266 -6.94 -6.78 48.49
N ASP A 267 -8.03 -6.43 49.16
CA ASP A 267 -8.72 -7.38 50.05
C ASP A 267 -9.55 -8.44 49.33
N VAL A 268 -9.03 -9.67 49.36
CA VAL A 268 -9.65 -10.91 48.86
C VAL A 268 -10.25 -11.80 49.95
N SER A 269 -10.24 -11.40 51.23
CA SER A 269 -10.77 -12.30 52.26
C SER A 269 -12.26 -12.61 52.17
N GLN A 270 -13.03 -11.78 51.46
CA GLN A 270 -14.46 -11.86 51.11
C GLN A 270 -14.83 -12.76 49.93
N VAL A 271 -13.88 -13.28 49.18
CA VAL A 271 -14.18 -13.96 47.91
C VAL A 271 -14.75 -15.37 48.13
N ASP A 272 -14.27 -16.07 49.14
CA ASP A 272 -14.58 -17.47 49.35
C ASP A 272 -14.57 -17.68 50.86
N VAL A 273 -15.09 -18.82 51.30
CA VAL A 273 -15.21 -19.08 52.73
C VAL A 273 -13.88 -19.32 53.44
N SER A 274 -12.80 -19.50 52.69
CA SER A 274 -11.48 -19.71 53.27
C SER A 274 -10.43 -18.98 52.45
N MET A 275 -9.38 -18.52 53.14
CA MET A 275 -8.21 -17.96 52.47
C MET A 275 -7.22 -19.03 52.06
N ASN A 276 -7.48 -20.29 52.35
CA ASN A 276 -6.56 -21.37 52.02
C ASN A 276 -7.03 -22.05 50.75
N GLY A 277 -6.27 -21.86 49.66
CA GLY A 277 -6.59 -22.50 48.40
C GLY A 277 -6.64 -24.02 48.42
N ILE A 278 -5.83 -24.66 49.26
CA ILE A 278 -5.88 -26.12 49.34
C ILE A 278 -7.20 -26.56 49.97
N GLU A 279 -7.64 -25.84 50.99
CA GLU A 279 -8.92 -26.16 51.61
C GLU A 279 -10.06 -25.93 50.62
N LEU A 280 -10.00 -24.85 49.85
CA LEU A 280 -11.03 -24.58 48.85
C LEU A 280 -11.03 -25.64 47.75
N GLN A 281 -9.86 -26.12 47.33
CA GLN A 281 -9.76 -27.23 46.39
C GLN A 281 -10.47 -28.49 46.91
N ASP A 282 -10.20 -28.85 48.16
CA ASP A 282 -10.85 -30.03 48.74
C ASP A 282 -12.35 -29.81 48.97
N ARG A 283 -12.75 -28.61 49.39
CA ARG A 283 -14.18 -28.33 49.47
C ARG A 283 -14.87 -28.53 48.14
N GLU A 284 -14.26 -28.04 47.06
CA GLU A 284 -14.86 -28.26 45.74
C GLU A 284 -14.92 -29.76 45.41
N PHE A 285 -13.85 -30.51 45.69
CA PHE A 285 -13.84 -31.96 45.45
C PHE A 285 -14.96 -32.70 46.20
N PHE A 286 -15.11 -32.42 47.50
CA PHE A 286 -16.14 -33.08 48.29
C PHE A 286 -17.54 -32.59 47.98
N ALA A 287 -17.70 -31.31 47.60
CA ALA A 287 -19.00 -30.83 47.14
C ALA A 287 -19.42 -31.57 45.88
N ALA A 288 -18.51 -31.70 44.91
CA ALA A 288 -18.82 -32.44 43.70
C ALA A 288 -19.22 -33.88 44.02
N ILE A 289 -18.53 -34.51 44.97
CA ILE A 289 -18.92 -35.86 45.38
C ILE A 289 -20.33 -35.89 45.98
N ARG A 290 -20.64 -35.00 46.94
CA ARG A 290 -21.98 -35.02 47.54
C ARG A 290 -23.11 -34.65 46.60
N GLU A 291 -22.87 -33.73 45.69
CA GLU A 291 -23.89 -33.22 44.81
C GLU A 291 -23.99 -34.01 43.52
N GLY A 292 -23.05 -34.92 43.27
CA GLY A 292 -23.05 -35.66 42.04
C GLY A 292 -22.82 -34.79 40.83
N ARG A 293 -21.95 -33.79 40.95
CA ARG A 293 -21.63 -32.89 39.85
C ARG A 293 -20.15 -33.00 39.54
N GLU A 294 -19.76 -32.51 38.37
CA GLU A 294 -18.35 -32.32 38.03
C GLU A 294 -17.69 -31.24 38.88
N PRO A 295 -16.50 -31.48 39.44
CA PRO A 295 -15.79 -30.38 40.10
C PRO A 295 -15.17 -29.45 39.07
N ASN A 296 -15.03 -28.21 39.49
CA ASN A 296 -14.05 -27.31 38.89
C ASN A 296 -12.67 -27.92 38.97
N SER A 297 -11.92 -27.86 37.85
CA SER A 297 -10.62 -28.54 37.69
C SER A 297 -10.74 -30.05 37.59
N SER A 298 -11.85 -30.52 37.04
CA SER A 298 -11.96 -31.92 36.65
C SER A 298 -10.91 -32.28 35.60
N VAL A 299 -10.57 -33.58 35.56
CA VAL A 299 -9.61 -34.11 34.59
C VAL A 299 -9.99 -33.68 33.18
N GLN A 300 -11.29 -33.66 32.89
CA GLN A 300 -11.80 -33.20 31.61
C GLN A 300 -11.53 -31.70 31.40
N GLN A 301 -11.75 -30.88 32.44
CA GLN A 301 -11.53 -29.44 32.28
C GLN A 301 -10.06 -29.09 32.03
N VAL A 302 -9.13 -29.75 32.72
CA VAL A 302 -7.71 -29.40 32.62
C VAL A 302 -6.91 -30.10 31.53
N PHE A 303 -7.44 -31.17 30.92
CA PHE A 303 -6.68 -32.01 29.97
C PHE A 303 -6.02 -31.27 28.76
N ASN A 304 -6.63 -30.21 28.20
CA ASN A 304 -5.96 -29.50 27.09
C ASN A 304 -4.63 -28.88 27.51
N CYS A 305 -4.49 -28.56 28.80
CA CYS A 305 -3.20 -28.16 29.35
C CYS A 305 -2.13 -29.20 29.12
N TYR A 306 -2.47 -30.45 29.37
CA TYR A 306 -1.52 -31.53 29.20
C TYR A 306 -1.20 -31.76 27.74
N LYS A 307 -2.16 -31.47 26.85
CA LYS A 307 -1.87 -31.50 25.40
C LYS A 307 -0.85 -30.43 25.02
N VAL A 308 -1.01 -29.23 25.54
CA VAL A 308 -0.03 -28.19 25.28
C VAL A 308 1.34 -28.58 25.83
N LEU A 309 1.37 -29.14 27.04
CA LEU A 309 2.65 -29.57 27.61
C LEU A 309 3.32 -30.62 26.74
N HIS A 310 2.56 -31.56 26.22
CA HIS A 310 3.12 -32.55 25.32
C HIS A 310 3.71 -31.87 24.07
N ASP A 311 2.98 -30.92 23.48
CA ASP A 311 3.51 -30.23 22.31
C ASP A 311 4.82 -29.51 22.60
N LEU A 312 4.92 -28.85 23.78
CA LEU A 312 6.17 -28.20 24.22
C LEU A 312 7.30 -29.19 24.44
N GLU A 313 7.00 -30.34 25.06
CA GLU A 313 7.99 -31.38 25.24
C GLU A 313 8.52 -31.88 23.89
N GLN A 314 7.62 -32.09 22.91
CA GLN A 314 8.08 -32.52 21.58
C GLN A 314 8.96 -31.46 20.95
N GLN A 315 8.62 -30.20 21.14
CA GLN A 315 9.48 -29.15 20.65
C GLN A 315 10.86 -29.24 21.31
N LEU A 316 10.90 -29.41 22.63
CA LEU A 316 12.17 -29.44 23.33
C LEU A 316 13.05 -30.61 22.95
N ASN A 317 12.48 -31.73 22.53
CA ASN A 317 13.27 -32.89 22.05
C ASN A 317 13.63 -32.80 20.56
N LYS B 3 42.93 18.59 22.20
CA LYS B 3 42.01 19.36 21.37
C LYS B 3 40.59 19.11 21.84
N THR B 4 39.83 20.19 21.99
CA THR B 4 38.40 20.03 22.25
C THR B 4 37.71 19.37 21.06
N ILE B 5 36.99 18.29 21.33
CA ILE B 5 36.14 17.65 20.34
C ILE B 5 34.84 18.45 20.28
N LYS B 6 34.50 18.95 19.09
CA LYS B 6 33.23 19.66 18.93
C LYS B 6 32.11 18.74 18.41
N VAL B 7 30.97 18.81 19.10
CA VAL B 7 29.85 17.90 18.92
C VAL B 7 28.61 18.68 18.49
N ALA B 8 27.88 18.11 17.53
CA ALA B 8 26.49 18.44 17.25
C ALA B 8 25.58 17.40 17.91
N LEU B 9 24.53 17.88 18.57
CA LEU B 9 23.50 17.03 19.13
C LEU B 9 22.19 17.28 18.38
N ALA B 10 21.59 16.20 17.88
CA ALA B 10 20.30 16.26 17.17
C ALA B 10 19.16 15.67 18.00
N GLY B 11 18.15 16.48 18.29
CA GLY B 11 17.02 16.00 19.08
C GLY B 11 17.08 16.36 20.56
N ALA B 12 16.58 17.55 20.88
CA ALA B 12 16.46 18.07 22.24
C ALA B 12 15.33 17.46 23.06
N GLY B 13 15.04 16.18 22.90
CA GLY B 13 14.06 15.51 23.73
C GLY B 13 14.61 15.14 25.10
N ALA B 14 13.87 14.27 25.78
CA ALA B 14 14.24 13.85 27.13
C ALA B 14 15.65 13.25 27.19
N PHE B 15 16.00 12.45 26.18
CA PHE B 15 17.33 11.85 26.13
C PHE B 15 18.41 12.79 25.64
N GLY B 16 18.13 13.64 24.66
CA GLY B 16 19.11 14.65 24.30
C GLY B 16 19.52 15.52 25.48
N ILE B 17 18.53 15.93 26.30
CA ILE B 17 18.84 16.67 27.52
C ILE B 17 19.71 15.86 28.46
N LYS B 18 19.43 14.56 28.61
CA LYS B 18 20.28 13.73 29.46
C LYS B 18 21.73 13.62 28.94
N HIS B 19 21.91 13.53 27.61
CA HIS B 19 23.27 13.58 27.05
C HIS B 19 23.95 14.91 27.33
N LEU B 20 23.25 16.02 27.13
CA LEU B 20 23.80 17.34 27.41
C LEU B 20 24.25 17.48 28.87
N ASP B 21 23.44 16.96 29.81
CA ASP B 21 23.82 16.98 31.22
C ASP B 21 25.06 16.13 31.48
N GLY B 22 25.19 15.01 30.78
CA GLY B 22 26.38 14.18 30.95
C GLY B 22 27.62 14.86 30.37
N ILE B 23 27.50 15.37 29.16
CA ILE B 23 28.61 16.00 28.45
C ILE B 23 29.15 17.17 29.25
N LYS B 24 28.28 17.84 30.02
CA LYS B 24 28.79 18.92 30.89
C LYS B 24 29.95 18.46 31.80
N ASN B 25 30.04 17.17 32.11
CA ASN B 25 31.11 16.61 32.95
C ASN B 25 32.31 16.06 32.19
N ILE B 26 32.36 16.18 30.87
CA ILE B 26 33.43 15.56 30.09
C ILE B 26 34.38 16.65 29.57
N ASP B 27 35.59 16.69 30.13
CA ASP B 27 36.61 17.63 29.70
C ASP B 27 37.00 17.40 28.24
N GLY B 28 37.29 18.51 27.55
CA GLY B 28 37.70 18.50 26.15
C GLY B 28 36.63 18.09 25.15
N VAL B 29 35.36 18.26 25.50
CA VAL B 29 34.25 18.09 24.58
C VAL B 29 33.37 19.32 24.71
N GLU B 30 32.85 19.81 23.59
CA GLU B 30 31.97 20.97 23.60
C GLU B 30 30.90 20.79 22.55
N VAL B 31 29.64 20.95 22.95
CA VAL B 31 28.51 20.96 22.03
C VAL B 31 28.34 22.35 21.42
N VAL B 32 28.60 22.48 20.11
CA VAL B 32 28.54 23.76 19.40
C VAL B 32 27.25 23.92 18.60
N SER B 33 26.55 22.84 18.26
CA SER B 33 25.32 22.94 17.49
C SER B 33 24.25 22.06 18.11
N LEU B 34 23.03 22.61 18.22
CA LEU B 34 21.83 21.88 18.64
C LEU B 34 20.75 21.88 17.57
N VAL B 35 20.26 20.67 17.21
CA VAL B 35 19.22 20.47 16.20
C VAL B 35 17.90 20.02 16.83
N GLY B 36 16.79 20.68 16.45
CA GLY B 36 15.46 20.30 16.89
C GLY B 36 14.37 20.81 15.96
N ARG B 37 13.21 20.14 16.02
CA ARG B 37 12.15 20.36 15.03
C ARG B 37 11.54 21.76 15.03
N ARG B 38 11.57 22.47 16.14
CA ARG B 38 10.92 23.77 16.24
C ARG B 38 11.95 24.75 16.75
N PHE B 39 12.28 25.73 15.91
CA PHE B 39 13.39 26.62 16.19
C PHE B 39 13.34 27.18 17.61
N ASP B 40 12.21 27.77 18.04
CA ASP B 40 12.19 28.41 19.37
C ASP B 40 12.48 27.45 20.51
N GLN B 41 11.94 26.24 20.49
CA GLN B 41 12.22 25.30 21.58
C GLN B 41 13.68 24.85 21.58
N THR B 42 14.23 24.61 20.39
CA THR B 42 15.64 24.28 20.28
C THR B 42 16.50 25.44 20.75
N LYS B 43 16.13 26.67 20.39
CA LYS B 43 16.88 27.85 20.80
C LYS B 43 16.85 28.03 22.32
N GLU B 44 15.68 27.82 22.94
CA GLU B 44 15.56 27.88 24.39
C GLU B 44 16.48 26.87 25.07
N VAL B 45 16.51 25.64 24.58
CA VAL B 45 17.44 24.66 25.15
C VAL B 45 18.90 25.06 24.91
N ALA B 46 19.22 25.48 23.68
CA ALA B 46 20.58 25.90 23.38
C ALA B 46 21.03 27.01 24.32
N ASP B 47 20.17 28.00 24.54
CA ASP B 47 20.50 29.09 25.45
C ASP B 47 20.71 28.58 26.88
N LYS B 48 19.87 27.63 27.32
CA LYS B 48 20.09 27.06 28.64
C LYS B 48 21.45 26.36 28.75
N TYR B 49 21.90 25.72 27.67
CA TYR B 49 23.15 24.97 27.70
C TYR B 49 24.33 25.73 27.11
N GLY B 50 24.12 26.96 26.65
CA GLY B 50 25.15 27.79 26.03
C GLY B 50 25.62 27.35 24.66
N ILE B 51 24.76 26.69 23.90
CA ILE B 51 25.08 26.22 22.55
C ILE B 51 24.80 27.36 21.57
N ALA B 52 25.83 27.77 20.82
CA ALA B 52 25.79 28.99 20.00
C ALA B 52 24.95 28.84 18.73
N HIS B 53 25.03 27.70 18.07
CA HIS B 53 24.35 27.47 16.80
C HIS B 53 23.06 26.68 17.01
N VAL B 54 21.99 27.13 16.35
CA VAL B 54 20.70 26.47 16.44
C VAL B 54 20.18 26.20 15.03
N ALA B 55 19.82 24.95 14.79
CA ALA B 55 19.28 24.53 13.52
C ALA B 55 18.04 23.68 13.73
N THR B 56 17.22 23.66 12.69
CA THR B 56 16.08 22.76 12.56
C THR B 56 16.32 21.60 11.59
N ASP B 57 17.39 21.65 10.81
CA ASP B 57 17.83 20.57 9.96
C ASP B 57 19.24 20.13 10.37
N LEU B 58 19.47 18.83 10.36
CA LEU B 58 20.80 18.29 10.67
C LEU B 58 21.85 18.78 9.67
N ALA B 59 21.46 18.93 8.40
CA ALA B 59 22.40 19.34 7.35
C ALA B 59 23.04 20.67 7.68
N GLU B 60 22.29 21.56 8.33
CA GLU B 60 22.84 22.83 8.76
C GLU B 60 24.02 22.61 9.71
N SER B 61 23.91 21.63 10.61
CA SER B 61 25.03 21.36 11.50
C SER B 61 26.16 20.60 10.81
N LEU B 62 25.82 19.71 9.88
CA LEU B 62 26.84 18.97 9.13
C LEU B 62 27.65 19.89 8.21
N ALA B 63 27.07 20.99 7.74
CA ALA B 63 27.86 21.91 6.92
C ALA B 63 28.89 22.71 7.72
N LEU B 64 28.81 22.71 9.05
CA LEU B 64 29.81 23.42 9.84
C LEU B 64 31.14 22.69 9.78
N PRO B 65 32.21 23.31 9.26
CA PRO B 65 33.49 22.59 9.17
C PRO B 65 34.13 22.26 10.51
N GLU B 66 33.83 23.03 11.57
CA GLU B 66 34.40 22.79 12.89
C GLU B 66 33.79 21.59 13.60
N VAL B 67 32.60 21.16 13.22
CA VAL B 67 31.94 20.02 13.86
C VAL B 67 32.71 18.74 13.59
N ASP B 68 33.12 18.05 14.67
CA ASP B 68 33.84 16.78 14.62
C ASP B 68 32.95 15.56 14.79
N ALA B 69 31.92 15.64 15.62
CA ALA B 69 31.14 14.44 15.92
C ALA B 69 29.67 14.81 16.09
N VAL B 70 28.81 13.81 15.91
CA VAL B 70 27.37 13.95 16.03
C VAL B 70 26.80 12.89 16.96
N ILE B 71 25.91 13.30 17.85
CA ILE B 71 25.09 12.39 18.65
C ILE B 71 23.64 12.51 18.19
N LEU B 72 23.06 11.39 17.77
CA LEU B 72 21.70 11.36 17.26
C LEU B 72 20.75 10.81 18.32
N CYS B 73 19.92 11.70 18.87
CA CYS B 73 18.83 11.40 19.79
C CYS B 73 17.47 11.76 19.20
N THR B 74 17.36 11.68 17.87
CA THR B 74 16.12 11.99 17.15
C THR B 74 15.15 10.81 17.28
N PRO B 75 13.93 10.92 16.73
CA PRO B 75 13.06 9.74 16.63
C PRO B 75 13.71 8.64 15.81
N THR B 76 13.45 7.39 16.24
CA THR B 76 14.00 6.16 15.65
C THR B 76 13.92 6.07 14.13
N GLN B 77 12.79 6.50 13.55
CA GLN B 77 12.61 6.36 12.10
C GLN B 77 13.67 7.12 11.31
N MET B 78 14.34 8.07 11.95
CA MET B 78 15.36 8.91 11.33
C MET B 78 16.78 8.41 11.55
N HIS B 79 17.00 7.48 12.48
CA HIS B 79 18.37 7.18 12.91
C HIS B 79 19.28 6.72 11.77
N ALA B 80 18.85 5.72 10.99
CA ALA B 80 19.74 5.16 9.98
C ALA B 80 20.12 6.16 8.89
N GLU B 81 19.13 6.82 8.31
CA GLU B 81 19.42 7.85 7.33
C GLU B 81 20.37 8.91 7.89
N GLN B 82 20.09 9.37 9.10
CA GLN B 82 20.91 10.44 9.65
C GLN B 82 22.33 9.94 9.95
N ALA B 83 22.47 8.71 10.43
CA ALA B 83 23.81 8.19 10.65
C ALA B 83 24.60 8.14 9.35
N ILE B 84 23.97 7.71 8.27
CA ILE B 84 24.61 7.71 6.96
C ILE B 84 25.02 9.11 6.55
N ALA B 85 24.14 10.08 6.75
CA ALA B 85 24.47 11.46 6.42
C ALA B 85 25.70 11.92 7.19
N CYS B 86 25.77 11.57 8.47
CA CYS B 86 26.94 11.97 9.27
C CYS B 86 28.21 11.43 8.65
N MET B 87 28.23 10.15 8.34
CA MET B 87 29.44 9.58 7.78
C MET B 87 29.75 10.13 6.38
N LYS B 88 28.73 10.37 5.55
CA LYS B 88 29.04 11.00 4.27
C LYS B 88 29.63 12.40 4.42
N ALA B 89 29.25 13.14 5.46
CA ALA B 89 29.90 14.42 5.71
C ALA B 89 31.23 14.26 6.46
N GLY B 90 31.68 13.02 6.69
CA GLY B 90 32.93 12.76 7.37
C GLY B 90 32.94 12.96 8.88
N LYS B 91 31.79 12.92 9.56
CA LYS B 91 31.70 13.15 10.99
C LYS B 91 31.52 11.82 11.71
N HIS B 92 32.22 11.64 12.82
CA HIS B 92 31.89 10.51 13.70
C HIS B 92 30.47 10.64 14.19
N VAL B 93 29.84 9.52 14.46
CA VAL B 93 28.44 9.53 14.85
C VAL B 93 28.18 8.50 15.95
N GLN B 94 27.39 8.89 16.92
CA GLN B 94 26.80 7.99 17.88
C GLN B 94 25.30 8.04 17.71
N VAL B 95 24.66 6.88 17.63
CA VAL B 95 23.25 6.80 17.35
C VAL B 95 22.61 6.16 18.56
N GLU B 96 21.60 6.80 19.09
CA GLU B 96 20.83 6.16 20.14
C GLU B 96 20.22 4.87 19.64
N ILE B 97 19.98 3.98 20.57
CA ILE B 97 19.36 2.71 20.22
C ILE B 97 17.91 2.99 19.83
N PRO B 98 17.38 2.30 18.82
CA PRO B 98 18.05 1.35 17.89
C PRO B 98 18.88 1.93 16.74
N LEU B 99 19.95 1.22 16.32
CA LEU B 99 20.66 1.60 15.11
C LEU B 99 19.72 1.85 13.91
N ALA B 100 18.70 1.01 13.77
CA ALA B 100 17.67 1.21 12.75
C ALA B 100 16.45 0.41 13.17
N ASP B 101 15.31 0.70 12.54
CA ASP B 101 14.17 -0.19 12.71
C ASP B 101 14.02 -1.17 11.53
N ALA B 102 15.04 -1.28 10.67
CA ALA B 102 15.07 -2.30 9.62
C ALA B 102 16.49 -2.80 9.39
N LEU B 103 16.62 -4.10 9.13
CA LEU B 103 17.93 -4.66 8.85
C LEU B 103 18.59 -3.99 7.65
N LYS B 104 17.83 -3.71 6.58
CA LYS B 104 18.45 -3.12 5.39
C LYS B 104 19.18 -1.82 5.72
N ASP B 105 18.54 -0.94 6.49
CA ASP B 105 19.16 0.36 6.79
C ASP B 105 20.35 0.20 7.73
N ALA B 106 20.25 -0.71 8.70
CA ALA B 106 21.40 -1.04 9.54
C ALA B 106 22.58 -1.56 8.72
N GLN B 107 22.31 -2.34 7.68
CA GLN B 107 23.42 -2.79 6.84
C GLN B 107 24.04 -1.61 6.10
N GLU B 108 23.21 -0.70 5.59
CA GLU B 108 23.77 0.49 4.93
C GLU B 108 24.65 1.33 5.85
N VAL B 109 24.25 1.50 7.13
CA VAL B 109 25.11 2.23 8.07
C VAL B 109 26.42 1.48 8.29
N ALA B 110 26.34 0.17 8.50
CA ALA B 110 27.57 -0.60 8.70
C ALA B 110 28.51 -0.53 7.50
N GLU B 111 27.96 -0.63 6.28
CA GLU B 111 28.81 -0.55 5.10
C GLU B 111 29.48 0.81 4.95
N LEU B 112 28.74 1.89 5.21
CA LEU B 112 29.39 3.19 5.13
C LEU B 112 30.43 3.38 6.23
N GLN B 113 30.18 2.89 7.44
CA GLN B 113 31.21 2.93 8.49
C GLN B 113 32.48 2.22 8.03
N LYS B 114 32.31 1.03 7.45
CA LYS B 114 33.46 0.29 6.95
C LYS B 114 34.19 1.02 5.83
N GLN B 115 33.46 1.70 4.95
CA GLN B 115 34.15 2.42 3.89
C GLN B 115 34.92 3.61 4.44
N THR B 116 34.35 4.30 5.41
CA THR B 116 35.00 5.50 5.94
C THR B 116 36.00 5.20 7.05
N GLY B 117 35.82 4.11 7.80
CA GLY B 117 36.66 3.89 8.95
C GLY B 117 36.44 4.88 10.09
N LEU B 118 35.36 5.66 10.02
CA LEU B 118 34.97 6.58 11.08
C LEU B 118 34.35 5.83 12.26
N VAL B 119 34.58 6.35 13.47
CA VAL B 119 33.81 5.93 14.65
C VAL B 119 32.31 6.11 14.47
N ALA B 120 31.59 4.99 14.42
CA ALA B 120 30.14 4.99 14.51
C ALA B 120 29.73 4.06 15.64
N MET B 121 29.06 4.61 16.64
CA MET B 121 28.69 3.94 17.88
C MET B 121 27.18 3.95 18.00
N VAL B 122 26.61 2.88 18.55
CA VAL B 122 25.19 2.83 18.91
C VAL B 122 25.02 2.85 20.43
N GLY B 123 24.01 3.60 20.88
CA GLY B 123 23.77 3.76 22.32
C GLY B 123 23.18 2.58 23.09
N HIS B 124 23.82 1.42 23.06
CA HIS B 124 23.46 0.31 23.95
C HIS B 124 23.90 0.52 25.40
N THR B 125 23.26 1.50 26.05
CA THR B 125 23.61 2.00 27.37
C THR B 125 23.74 0.90 28.42
N ARG B 126 23.06 -0.24 28.24
CA ARG B 126 23.17 -1.36 29.17
C ARG B 126 24.60 -1.88 29.27
N ARG B 127 25.40 -1.78 28.21
CA ARG B 127 26.80 -2.14 28.36
C ARG B 127 27.54 -1.26 29.34
N PHE B 128 27.11 -0.01 29.53
CA PHE B 128 27.85 0.96 30.32
C PHE B 128 27.24 1.25 31.69
N ASN B 129 26.04 0.78 32.00
CA ASN B 129 25.54 0.96 33.35
C ASN B 129 26.44 0.24 34.34
N PRO B 130 26.83 0.89 35.45
CA PRO B 130 27.75 0.25 36.41
C PRO B 130 27.29 -1.09 36.94
N SER B 131 25.98 -1.26 37.15
CA SER B 131 25.44 -2.56 37.59
C SER B 131 25.68 -3.70 36.59
N HIS B 132 25.52 -3.42 35.29
CA HIS B 132 25.75 -4.42 34.26
C HIS B 132 27.23 -4.62 34.03
N GLN B 133 28.01 -3.55 34.13
CA GLN B 133 29.46 -3.69 34.07
C GLN B 133 29.99 -4.57 35.19
N TRP B 134 29.46 -4.41 36.41
CA TRP B 134 29.84 -5.28 37.53
C TRP B 134 29.57 -6.73 37.19
N VAL B 135 28.38 -7.03 36.69
CA VAL B 135 28.10 -8.42 36.31
C VAL B 135 29.06 -8.91 35.20
N HIS B 136 29.30 -8.06 34.20
CA HIS B 136 30.20 -8.41 33.11
C HIS B 136 31.61 -8.73 33.62
N LYS B 137 32.14 -7.88 34.50
CA LYS B 137 33.46 -8.11 35.10
C LYS B 137 33.52 -9.37 35.96
N LYS B 138 32.42 -9.70 36.66
CA LYS B 138 32.43 -10.97 37.37
C LYS B 138 32.53 -12.11 36.39
N ILE B 139 31.86 -11.97 35.25
CA ILE B 139 31.91 -12.99 34.22
C ILE B 139 33.32 -13.08 33.61
N GLU B 140 33.93 -11.93 33.26
CA GLU B 140 35.29 -11.95 32.70
C GLU B 140 36.30 -12.56 33.65
N ALA B 141 36.12 -12.40 34.96
CA ALA B 141 37.00 -13.05 35.93
C ALA B 141 36.78 -14.55 36.04
N GLY B 142 35.76 -15.10 35.36
CA GLY B 142 35.41 -16.49 35.49
C GLY B 142 34.74 -16.89 36.78
N GLU B 143 34.21 -15.92 37.50
CA GLU B 143 33.53 -16.13 38.78
C GLU B 143 32.04 -16.37 38.63
N PHE B 144 31.46 -16.11 37.45
CA PHE B 144 30.01 -16.23 37.28
C PHE B 144 29.67 -16.66 35.85
N ASN B 145 28.74 -17.63 35.72
CA ASN B 145 28.20 -17.98 34.40
C ASN B 145 26.68 -17.91 34.43
N ILE B 146 26.11 -17.18 33.47
CA ILE B 146 24.65 -17.02 33.33
C ILE B 146 23.99 -18.32 32.90
N GLN B 147 23.00 -18.77 33.68
CA GLN B 147 22.10 -19.83 33.22
C GLN B 147 20.82 -19.25 32.59
N GLN B 148 20.19 -18.26 33.23
CA GLN B 148 19.00 -17.61 32.69
C GLN B 148 18.96 -16.12 33.05
N MET B 149 18.55 -15.30 32.07
CA MET B 149 18.15 -13.90 32.28
C MET B 149 16.65 -13.74 32.07
N ASP B 150 15.96 -13.22 33.08
CA ASP B 150 14.53 -12.89 33.09
C ASP B 150 14.33 -11.37 33.09
N VAL B 151 13.66 -10.83 32.06
CA VAL B 151 13.60 -9.39 31.81
C VAL B 151 12.15 -8.90 31.61
N GLN B 152 11.82 -7.75 32.21
CA GLN B 152 10.53 -7.06 32.03
C GLN B 152 10.84 -5.64 31.56
N THR B 153 10.33 -5.27 30.39
CA THR B 153 10.38 -3.90 29.87
C THR B 153 8.94 -3.41 29.72
N TYR B 154 8.52 -2.56 30.64
CA TYR B 154 7.14 -2.14 30.85
C TYR B 154 6.95 -0.63 30.83
N PHE B 155 5.94 -0.18 30.10
CA PHE B 155 5.52 1.22 30.15
C PHE B 155 4.01 1.20 30.19
N PHE B 156 3.41 2.30 30.61
CA PHE B 156 1.98 2.50 30.43
C PHE B 156 1.96 3.55 29.33
N ARG B 157 1.78 3.10 28.10
CA ARG B 157 1.98 3.97 26.95
C ARG B 157 0.97 3.68 25.85
N ARG B 158 -0.27 4.10 26.09
CA ARG B 158 -1.37 3.98 25.12
C ARG B 158 -1.45 5.18 24.20
N THR B 159 -0.56 6.15 24.39
CA THR B 159 -0.30 7.40 23.67
C THR B 159 1.21 7.43 23.44
N ASN B 160 1.60 8.23 22.47
CA ASN B 160 2.97 8.45 21.96
C ASN B 160 3.76 9.40 22.88
N MET B 161 4.05 8.88 24.07
CA MET B 161 4.76 9.59 25.14
C MET B 161 6.17 9.04 25.41
N ASN B 162 7.11 9.95 25.73
CA ASN B 162 8.46 9.62 26.21
C ASN B 162 8.41 9.15 27.68
N ALA B 163 9.57 8.74 28.23
CA ALA B 163 9.68 8.28 29.63
C ALA B 163 9.33 9.30 30.70
N LEU B 164 9.24 10.57 30.37
CA LEU B 164 8.83 11.59 31.32
C LEU B 164 7.35 11.89 31.22
N GLY B 165 6.62 11.10 30.43
CA GLY B 165 5.21 11.38 30.31
C GLY B 165 4.89 12.52 29.39
N GLN B 166 5.85 13.01 28.60
CA GLN B 166 5.46 14.08 27.71
C GLN B 166 5.08 13.45 26.38
N ALA B 167 4.11 14.05 25.69
CA ALA B 167 3.76 13.57 24.36
C ALA B 167 4.87 13.65 23.32
N ARG B 168 5.08 12.55 22.61
CA ARG B 168 5.91 12.44 21.41
C ARG B 168 5.15 12.81 20.13
N SER B 169 5.90 13.34 19.15
CA SER B 169 5.44 13.58 17.79
C SER B 169 5.63 12.39 16.88
N TRP B 170 6.22 11.31 17.39
CA TRP B 170 6.54 10.09 16.67
C TRP B 170 6.07 8.89 17.51
N THR B 171 5.88 7.76 16.82
CA THR B 171 5.43 6.50 17.41
C THR B 171 6.59 5.54 17.65
N ASP B 172 6.63 4.98 18.86
CA ASP B 172 7.61 4.03 19.39
C ASP B 172 7.31 2.61 18.88
N HIS B 173 8.15 1.65 19.29
CA HIS B 173 8.04 0.30 18.78
C HIS B 173 8.68 -0.66 19.79
N LEU B 174 7.92 -1.67 20.23
CA LEU B 174 8.42 -2.65 21.22
C LEU B 174 9.65 -3.47 20.79
N LEU B 175 9.63 -4.00 19.55
CA LEU B 175 10.74 -4.81 19.02
C LEU B 175 12.03 -4.07 18.76
N TRP B 176 12.02 -3.17 17.79
CA TRP B 176 13.28 -2.58 17.35
C TRP B 176 13.86 -1.68 18.42
N HIS B 177 13.04 -0.98 19.17
CA HIS B 177 13.71 -0.15 20.15
C HIS B 177 13.94 -0.81 21.51
N HIS B 178 12.98 -1.55 22.03
CA HIS B 178 13.07 -2.00 23.41
C HIS B 178 13.64 -3.38 23.51
N ALA B 179 13.26 -4.31 22.63
CA ALA B 179 13.85 -5.63 22.70
C ALA B 179 15.34 -5.56 22.40
N ALA B 180 15.75 -4.62 21.57
CA ALA B 180 17.17 -4.43 21.24
C ALA B 180 18.12 -4.35 22.43
N HIS B 181 17.74 -3.67 23.54
CA HIS B 181 18.61 -3.64 24.72
C HIS B 181 18.92 -5.02 25.26
N THR B 182 17.89 -5.86 25.36
CA THR B 182 18.06 -7.18 25.95
C THR B 182 18.65 -8.17 24.96
N VAL B 183 18.23 -8.10 23.69
CA VAL B 183 18.82 -9.01 22.70
C VAL B 183 20.33 -8.82 22.64
N ASP B 184 20.80 -7.57 22.57
CA ASP B 184 22.25 -7.33 22.64
C ASP B 184 22.87 -7.73 23.99
N LEU B 185 22.30 -7.22 25.09
CA LEU B 185 22.86 -7.46 26.43
C LEU B 185 22.93 -8.95 26.78
N PHE B 186 21.96 -9.77 26.35
CA PHE B 186 22.04 -11.20 26.61
C PHE B 186 23.26 -11.87 25.98
N ALA B 187 23.48 -11.69 24.69
CA ALA B 187 24.66 -12.31 24.05
C ALA B 187 25.94 -11.75 24.64
N TYR B 188 25.95 -10.44 24.88
CA TYR B 188 27.11 -9.77 25.43
C TYR B 188 27.46 -10.34 26.82
N GLN B 189 26.48 -10.39 27.71
CA GLN B 189 26.73 -10.88 29.05
C GLN B 189 26.93 -12.39 29.09
N ALA B 190 26.23 -13.13 28.23
CA ALA B 190 26.42 -14.57 28.14
C ALA B 190 27.77 -14.95 27.52
N GLY B 191 28.45 -14.02 26.85
CA GLY B 191 29.67 -14.37 26.16
C GLY B 191 29.49 -15.41 25.06
N SER B 192 28.28 -15.53 24.50
CA SER B 192 27.95 -16.61 23.63
C SER B 192 26.88 -16.10 22.65
N PRO B 193 26.99 -16.47 21.39
CA PRO B 193 26.00 -16.02 20.39
C PRO B 193 24.61 -16.62 20.61
N ILE B 194 23.60 -15.83 20.26
CA ILE B 194 22.23 -16.34 20.23
C ILE B 194 22.04 -17.25 19.03
N VAL B 195 21.52 -18.45 19.29
CA VAL B 195 21.33 -19.44 18.23
C VAL B 195 19.87 -19.82 18.07
N LYS B 196 18.98 -19.46 19.00
CA LYS B 196 17.54 -19.66 18.85
C LYS B 196 16.76 -18.48 19.42
N ALA B 197 15.76 -18.00 18.67
CA ALA B 197 14.89 -16.93 19.14
C ALA B 197 13.43 -17.18 18.73
N ASN B 198 12.49 -16.97 19.66
CA ASN B 198 11.06 -17.08 19.37
C ASN B 198 10.33 -15.87 19.98
N ALA B 199 9.37 -15.33 19.22
CA ALA B 199 8.48 -14.29 19.68
C ALA B 199 7.01 -14.58 19.37
N VAL B 200 6.10 -14.10 20.25
CA VAL B 200 4.68 -13.94 19.96
C VAL B 200 4.29 -12.54 20.42
N GLN B 201 3.31 -11.94 19.76
CA GLN B 201 2.82 -10.60 20.06
C GLN B 201 1.30 -10.57 20.13
N GLY B 202 0.75 -9.61 20.90
CA GLY B 202 -0.67 -9.32 20.86
C GLY B 202 -1.16 -8.51 19.64
N PRO B 203 -2.45 -8.15 19.66
CA PRO B 203 -3.06 -7.40 18.55
C PRO B 203 -2.46 -5.99 18.35
N ILE B 204 -2.49 -5.56 17.08
CA ILE B 204 -2.11 -4.20 16.69
C ILE B 204 -3.15 -3.19 17.17
N HIS B 205 -2.68 -2.12 17.84
CA HIS B 205 -3.48 -1.00 18.34
C HIS B 205 -4.06 -0.09 17.25
N LYS B 206 -5.40 0.07 17.27
CA LYS B 206 -6.13 0.81 16.24
C LYS B 206 -5.58 2.20 15.96
N ASP B 207 -5.18 2.96 16.99
CA ASP B 207 -4.76 4.33 16.68
C ASP B 207 -3.27 4.49 16.50
N LEU B 208 -2.46 3.60 17.07
CA LEU B 208 -1.01 3.73 16.99
C LEU B 208 -0.38 2.81 15.94
N GLY B 209 -1.06 1.73 15.52
CA GLY B 209 -0.46 0.88 14.52
C GLY B 209 0.72 0.00 14.95
N ILE B 210 0.88 -0.25 16.25
CA ILE B 210 1.98 -1.04 16.78
C ILE B 210 1.45 -2.13 17.71
N ALA B 211 2.24 -3.18 17.89
CA ALA B 211 1.93 -4.15 18.95
C ALA B 211 2.12 -3.54 20.34
N MET B 212 1.18 -3.83 21.25
CA MET B 212 1.23 -3.35 22.64
C MET B 212 1.85 -4.34 23.64
N ASP B 213 1.99 -5.62 23.28
CA ASP B 213 2.55 -6.68 24.12
C ASP B 213 3.39 -7.63 23.29
N MET B 214 4.49 -8.10 23.86
CA MET B 214 5.36 -8.99 23.11
C MET B 214 6.09 -9.91 24.08
N SER B 215 6.32 -11.15 23.67
CA SER B 215 7.11 -12.08 24.46
C SER B 215 8.24 -12.65 23.62
N ILE B 216 9.46 -12.57 24.13
CA ILE B 216 10.63 -13.03 23.38
C ILE B 216 11.38 -14.04 24.24
N GLN B 217 11.80 -15.13 23.63
CA GLN B 217 12.66 -16.12 24.25
C GLN B 217 13.92 -16.34 23.43
N LEU B 218 15.08 -16.31 24.09
CA LEU B 218 16.37 -16.49 23.43
C LEU B 218 17.13 -17.66 24.05
N LYS B 219 17.94 -18.33 23.24
CA LYS B 219 18.88 -19.34 23.69
C LYS B 219 20.24 -19.05 23.07
N ALA B 220 21.26 -18.98 23.90
CA ALA B 220 22.65 -18.89 23.47
C ALA B 220 23.25 -20.26 23.14
N ALA B 221 24.29 -20.21 22.31
CA ALA B 221 24.98 -21.43 21.91
C ALA B 221 25.53 -22.23 23.11
N ASN B 222 25.97 -21.54 24.19
CA ASN B 222 26.40 -22.26 25.40
C ASN B 222 25.27 -22.82 26.23
N GLY B 223 24.00 -22.66 25.84
CA GLY B 223 22.89 -23.23 26.57
C GLY B 223 22.19 -22.28 27.54
N ALA B 224 22.77 -21.12 27.84
CA ALA B 224 22.06 -20.09 28.61
C ALA B 224 20.77 -19.67 27.89
N ILE B 225 19.73 -19.32 28.65
CA ILE B 225 18.47 -18.87 28.06
C ILE B 225 18.10 -17.48 28.60
N CYS B 226 17.28 -16.77 27.82
CA CYS B 226 16.70 -15.49 28.22
C CYS B 226 15.20 -15.50 27.99
N THR B 227 14.44 -14.99 28.99
CA THR B 227 13.02 -14.70 28.87
C THR B 227 12.78 -13.19 28.95
N LEU B 228 12.05 -12.62 27.97
CA LEU B 228 11.78 -11.19 27.89
C LEU B 228 10.29 -10.91 27.71
N SER B 229 9.69 -10.19 28.65
CA SER B 229 8.33 -9.67 28.52
C SER B 229 8.35 -8.17 28.20
N LEU B 230 7.66 -7.74 27.12
CA LEU B 230 7.53 -6.31 26.79
C LEU B 230 6.07 -5.85 26.78
N SER B 231 5.82 -4.64 27.28
CA SER B 231 4.47 -4.08 27.29
C SER B 231 4.39 -2.57 27.28
N PHE B 232 3.48 -2.04 26.48
CA PHE B 232 3.01 -0.66 26.59
C PHE B 232 1.69 -0.55 27.36
N ASN B 233 1.15 -1.67 27.83
CA ASN B 233 -0.07 -1.76 28.64
C ASN B 233 0.12 -1.83 30.17
N ASN B 234 1.35 -1.86 30.67
CA ASN B 234 1.67 -2.07 32.09
C ASN B 234 1.39 -0.81 32.91
N ASP B 235 0.30 -0.83 33.67
CA ASP B 235 0.03 0.21 34.67
C ASP B 235 0.77 0.07 36.01
N GLY B 236 2.07 0.29 35.95
CA GLY B 236 2.92 0.18 37.09
C GLY B 236 4.21 0.95 36.86
N PRO B 237 5.22 0.66 37.69
CA PRO B 237 6.57 1.21 37.50
C PRO B 237 7.08 0.92 36.09
N LEU B 238 7.49 1.98 35.41
CA LEU B 238 7.93 1.91 34.03
C LEU B 238 9.42 1.66 33.93
N GLY B 239 9.80 0.93 32.90
CA GLY B 239 11.22 0.75 32.67
C GLY B 239 11.57 -0.71 32.59
N THR B 240 12.85 -0.99 32.73
CA THR B 240 13.38 -2.35 32.72
C THR B 240 13.96 -2.89 34.03
N PHE B 241 13.56 -4.10 34.37
CA PHE B 241 14.03 -4.88 35.51
C PHE B 241 14.70 -6.14 34.96
N PHE B 242 15.95 -6.39 35.37
CA PHE B 242 16.74 -7.55 34.92
C PHE B 242 17.05 -8.52 36.04
N ARG B 243 16.77 -9.79 35.82
CA ARG B 243 17.23 -10.86 36.71
C ARG B 243 18.26 -11.78 36.04
N TYR B 244 19.50 -11.72 36.50
CA TYR B 244 20.56 -12.67 36.15
C TYR B 244 20.56 -13.89 37.10
N ILE B 245 20.20 -15.08 36.62
CA ILE B 245 20.33 -16.30 37.43
C ILE B 245 21.53 -17.10 36.96
N GLY B 246 22.59 -17.17 37.76
CA GLY B 246 23.78 -17.92 37.43
C GLY B 246 24.18 -19.07 38.35
N ASP B 247 25.37 -19.62 38.08
CA ASP B 247 25.90 -20.73 38.86
C ASP B 247 26.29 -20.31 40.26
N THR B 248 26.80 -19.10 40.42
CA THR B 248 27.28 -18.66 41.72
C THR B 248 26.31 -17.69 42.35
N GLY B 249 25.29 -17.25 41.64
CA GLY B 249 24.44 -16.31 42.36
C GLY B 249 23.27 -15.88 41.52
N THR B 250 22.49 -14.95 42.10
CA THR B 250 21.40 -14.27 41.43
C THR B 250 21.50 -12.78 41.64
N TYR B 251 21.28 -12.02 40.55
CA TYR B 251 21.33 -10.56 40.56
C TYR B 251 20.14 -9.87 39.90
N LEU B 252 19.73 -8.75 40.49
CA LEU B 252 18.61 -7.91 40.04
C LEU B 252 19.18 -6.54 39.63
N ALA B 253 19.18 -6.21 38.35
CA ALA B 253 19.61 -4.89 37.89
C ALA B 253 18.41 -3.99 37.62
N ARG B 254 18.45 -2.80 38.21
CA ARG B 254 17.44 -1.75 38.08
C ARG B 254 18.16 -0.44 37.74
N TYR B 255 18.25 -0.11 36.44
CA TYR B 255 19.11 0.95 35.92
C TYR B 255 20.55 0.77 36.39
N ASP B 256 21.04 1.73 37.14
CA ASP B 256 22.42 1.72 37.62
C ASP B 256 22.56 0.99 38.94
N ASP B 257 21.44 0.61 39.56
CA ASP B 257 21.48 -0.16 40.79
C ASP B 257 21.54 -1.67 40.54
N LEU B 258 22.26 -2.36 41.43
CA LEU B 258 22.36 -3.81 41.40
C LEU B 258 22.03 -4.37 42.79
N TYR B 259 21.32 -5.50 42.81
CA TYR B 259 20.97 -6.22 44.02
C TYR B 259 21.25 -7.71 43.86
N THR B 260 21.45 -8.39 44.99
CA THR B 260 21.40 -9.84 45.03
C THR B 260 19.97 -10.33 44.91
N GLY B 261 19.84 -11.64 44.71
CA GLY B 261 18.54 -12.28 44.74
C GLY B 261 17.81 -12.22 46.07
N LYS B 262 18.45 -11.65 47.10
CA LYS B 262 17.82 -11.42 48.39
C LYS B 262 17.52 -9.94 48.63
N ASP B 263 17.53 -9.13 47.57
CA ASP B 263 17.29 -7.69 47.59
C ASP B 263 18.34 -6.92 48.43
N GLU B 264 19.54 -7.46 48.61
CA GLU B 264 20.61 -6.70 49.24
C GLU B 264 21.26 -5.81 48.19
N LYS B 265 21.30 -4.51 48.43
CA LYS B 265 21.89 -3.58 47.46
C LYS B 265 23.41 -3.80 47.41
N ILE B 266 23.96 -3.91 46.21
CA ILE B 266 25.40 -4.00 45.95
C ILE B 266 25.95 -2.63 45.57
N ASP B 267 27.08 -2.27 46.18
CA ASP B 267 27.81 -1.05 45.84
C ASP B 267 28.59 -1.16 44.51
N VAL B 268 28.09 -0.46 43.49
CA VAL B 268 28.71 -0.35 42.15
C VAL B 268 29.49 0.95 41.95
N SER B 269 29.58 1.82 42.95
CA SER B 269 30.30 3.08 42.74
C SER B 269 31.80 2.89 42.45
N GLN B 270 32.37 1.74 42.78
CA GLN B 270 33.74 1.38 42.48
C GLN B 270 34.03 0.92 41.05
N VAL B 271 33.01 0.67 40.22
CA VAL B 271 33.22 0.01 38.92
C VAL B 271 33.75 0.97 37.85
N ASP B 272 33.30 2.22 37.84
CA ASP B 272 33.59 3.16 36.78
C ASP B 272 33.65 4.55 37.39
N VAL B 273 34.19 5.50 36.61
CA VAL B 273 34.39 6.85 37.11
C VAL B 273 33.11 7.66 37.29
N SER B 274 31.98 7.19 36.78
CA SER B 274 30.70 7.88 36.92
C SER B 274 29.59 6.86 37.17
N MET B 275 28.59 7.28 37.94
CA MET B 275 27.40 6.46 38.10
C MET B 275 26.36 6.66 37.00
N ASN B 276 26.59 7.57 36.04
CA ASN B 276 25.61 7.83 34.99
C ASN B 276 26.04 7.04 33.74
N GLY B 277 25.26 6.01 33.42
CA GLY B 277 25.55 5.21 32.25
C GLY B 277 25.57 5.96 30.92
N ILE B 278 24.76 7.02 30.79
CA ILE B 278 24.75 7.82 29.57
C ILE B 278 26.05 8.59 29.44
N GLU B 279 26.54 9.14 30.56
CA GLU B 279 27.82 9.85 30.55
C GLU B 279 28.96 8.90 30.23
N LEU B 280 28.94 7.71 30.81
CA LEU B 280 29.96 6.71 30.54
C LEU B 280 29.92 6.28 29.09
N GLN B 281 28.72 6.16 28.53
CA GLN B 281 28.56 5.90 27.09
C GLN B 281 29.25 6.99 26.27
N ASP B 282 29.00 8.25 26.61
CA ASP B 282 29.66 9.31 25.85
C ASP B 282 31.17 9.35 26.08
N ARG B 283 31.63 9.09 27.31
CA ARG B 283 33.07 8.99 27.56
C ARG B 283 33.71 7.93 26.70
N GLU B 284 33.06 6.78 26.57
CA GLU B 284 33.59 5.74 25.69
C GLU B 284 33.65 6.22 24.24
N PHE B 285 32.58 6.90 23.78
CA PHE B 285 32.56 7.44 22.42
C PHE B 285 33.71 8.42 22.17
N PHE B 286 33.90 9.36 23.08
CA PHE B 286 34.96 10.35 22.91
C PHE B 286 36.34 9.78 23.11
N ALA B 287 36.49 8.79 23.98
CA ALA B 287 37.76 8.09 24.12
C ALA B 287 38.15 7.38 22.83
N ALA B 288 37.22 6.63 22.24
CA ALA B 288 37.50 5.96 20.97
C ALA B 288 37.89 6.95 19.85
N ILE B 289 37.18 8.08 19.76
CA ILE B 289 37.59 9.09 18.77
C ILE B 289 38.99 9.61 19.03
N ARG B 290 39.27 9.98 20.28
CA ARG B 290 40.56 10.56 20.65
C ARG B 290 41.71 9.58 20.48
N GLU B 291 41.47 8.30 20.77
CA GLU B 291 42.45 7.25 20.75
C GLU B 291 42.55 6.54 19.39
N GLY B 292 41.62 6.80 18.48
CA GLY B 292 41.60 6.13 17.19
C GLY B 292 41.35 4.63 17.24
N ARG B 293 40.49 4.18 18.15
CA ARG B 293 40.15 2.77 18.31
C ARG B 293 38.64 2.58 18.11
N GLU B 294 38.24 1.32 17.93
CA GLU B 294 36.82 0.97 17.96
C GLU B 294 36.19 1.13 19.35
N PRO B 295 35.01 1.74 19.44
CA PRO B 295 34.31 1.78 20.73
C PRO B 295 33.66 0.46 21.11
N ASN B 296 33.55 0.26 22.41
CA ASN B 296 32.56 -0.64 22.96
C ASN B 296 31.17 -0.23 22.50
N SER B 297 30.39 -1.20 22.05
CA SER B 297 29.08 -0.96 21.45
C SER B 297 29.18 -0.29 20.07
N SER B 298 30.27 -0.56 19.37
CA SER B 298 30.38 -0.23 17.95
C SER B 298 29.33 -0.95 17.11
N VAL B 299 29.01 -0.35 15.95
CA VAL B 299 28.07 -0.93 14.98
C VAL B 299 28.44 -2.37 14.65
N GLN B 300 29.74 -2.66 14.53
CA GLN B 300 30.21 -4.00 14.26
C GLN B 300 29.88 -4.96 15.42
N GLN B 301 30.10 -4.49 16.67
CA GLN B 301 29.88 -5.33 17.84
C GLN B 301 28.41 -5.70 18.01
N VAL B 302 27.51 -4.75 17.79
CA VAL B 302 26.08 -4.94 18.03
C VAL B 302 25.27 -5.46 16.83
N PHE B 303 25.81 -5.41 15.62
CA PHE B 303 25.03 -5.75 14.43
C PHE B 303 24.33 -7.10 14.47
N ASN B 304 24.93 -8.13 15.07
CA ASN B 304 24.22 -9.41 15.13
C ASN B 304 22.93 -9.31 15.94
N CYS B 305 22.86 -8.36 16.89
CA CYS B 305 21.59 -8.06 17.54
C CYS B 305 20.51 -7.66 16.56
N TYR B 306 20.86 -6.81 15.63
CA TYR B 306 19.86 -6.39 14.65
C TYR B 306 19.47 -7.52 13.73
N LYS B 307 20.39 -8.45 13.47
CA LYS B 307 20.03 -9.66 12.72
C LYS B 307 18.99 -10.50 13.47
N VAL B 308 19.21 -10.69 14.78
CA VAL B 308 18.24 -11.43 15.59
C VAL B 308 16.88 -10.74 15.57
N LEU B 309 16.87 -9.41 15.68
CA LEU B 309 15.61 -8.67 15.63
C LEU B 309 14.88 -8.89 14.30
N HIS B 310 15.62 -8.91 13.20
CA HIS B 310 15.03 -9.18 11.89
C HIS B 310 14.41 -10.58 11.84
N ASP B 311 15.13 -11.57 12.35
CA ASP B 311 14.58 -12.93 12.37
C ASP B 311 13.30 -13.01 13.19
N LEU B 312 13.25 -12.32 14.34
CA LEU B 312 12.03 -12.27 15.15
C LEU B 312 10.87 -11.59 14.44
N GLU B 313 11.14 -10.47 13.76
CA GLU B 313 10.06 -9.84 12.99
C GLU B 313 9.53 -10.78 11.87
N GLN B 314 10.42 -11.49 11.17
CA GLN B 314 9.96 -12.44 10.17
C GLN B 314 9.12 -13.55 10.78
N GLN B 315 9.50 -14.01 11.97
CA GLN B 315 8.70 -14.98 12.69
C GLN B 315 7.31 -14.42 13.01
N LEU B 316 7.25 -13.20 13.56
CA LEU B 316 5.96 -12.64 13.95
C LEU B 316 5.05 -12.41 12.76
N ASN B 317 5.60 -12.19 11.58
CA ASN B 317 4.76 -12.04 10.40
C ASN B 317 4.40 -13.39 9.78
N LYS C 3 -2.43 -38.69 16.46
CA LYS C 3 -3.65 -38.43 17.22
C LYS C 3 -4.88 -38.59 16.35
N THR C 4 -5.91 -39.30 16.83
CA THR C 4 -7.16 -39.27 16.09
C THR C 4 -7.69 -37.84 16.14
N ILE C 5 -7.98 -37.29 14.98
CA ILE C 5 -8.62 -35.99 14.88
C ILE C 5 -10.12 -36.14 15.11
N LYS C 6 -10.63 -35.43 16.12
CA LYS C 6 -12.07 -35.41 16.38
C LYS C 6 -12.67 -34.18 15.69
N VAL C 7 -13.74 -34.42 14.93
CA VAL C 7 -14.34 -33.43 14.03
C VAL C 7 -15.79 -33.15 14.40
N ALA C 8 -16.16 -31.89 14.35
CA ALA C 8 -17.55 -31.45 14.26
C ALA C 8 -17.92 -31.09 12.82
N LEU C 9 -19.08 -31.56 12.34
CA LEU C 9 -19.64 -31.20 11.04
C LEU C 9 -20.90 -30.38 11.26
N ALA C 10 -20.95 -29.19 10.66
CA ALA C 10 -22.10 -28.29 10.72
C ALA C 10 -22.82 -28.23 9.36
N GLY C 11 -24.09 -28.61 9.36
CA GLY C 11 -24.90 -28.59 8.16
C GLY C 11 -24.95 -29.96 7.54
N ALA C 12 -25.88 -30.79 8.02
CA ALA C 12 -26.15 -32.12 7.48
C ALA C 12 -26.92 -32.12 6.17
N GLY C 13 -26.69 -31.15 5.30
CA GLY C 13 -27.30 -31.11 3.97
C GLY C 13 -26.63 -32.05 2.99
N ALA C 14 -26.92 -31.85 1.71
CA ALA C 14 -26.38 -32.72 0.65
C ALA C 14 -24.85 -32.85 0.69
N PHE C 15 -24.16 -31.74 0.95
CA PHE C 15 -22.71 -31.78 1.06
C PHE C 15 -22.22 -32.32 2.38
N GLY C 16 -22.87 -31.98 3.49
CA GLY C 16 -22.47 -32.62 4.73
C GLY C 16 -22.53 -34.14 4.63
N ILE C 17 -23.57 -34.67 4.01
CA ILE C 17 -23.63 -36.11 3.78
C ILE C 17 -22.48 -36.59 2.92
N LYS C 18 -22.13 -35.85 1.86
CA LYS C 18 -20.98 -36.27 1.06
C LYS C 18 -19.68 -36.30 1.86
N HIS C 19 -19.47 -35.32 2.74
CA HIS C 19 -18.31 -35.34 3.63
C HIS C 19 -18.33 -36.52 4.57
N LEU C 20 -19.48 -36.81 5.19
CA LEU C 20 -19.59 -37.97 6.08
C LEU C 20 -19.25 -39.28 5.36
N ASP C 21 -19.74 -39.46 4.13
CA ASP C 21 -19.41 -40.65 3.36
C ASP C 21 -17.94 -40.73 3.02
N GLY C 22 -17.30 -39.59 2.75
CA GLY C 22 -15.88 -39.62 2.47
C GLY C 22 -15.07 -39.95 3.73
N ILE C 23 -15.38 -39.27 4.83
CA ILE C 23 -14.65 -39.43 6.08
C ILE C 23 -14.72 -40.88 6.56
N LYS C 24 -15.81 -41.60 6.27
CA LYS C 24 -15.83 -43.01 6.62
C LYS C 24 -14.62 -43.78 6.10
N ASN C 25 -13.96 -43.30 5.05
CA ASN C 25 -12.79 -43.94 4.45
C ASN C 25 -11.46 -43.42 5.00
N ILE C 26 -11.45 -42.53 5.98
CA ILE C 26 -10.21 -41.93 6.46
C ILE C 26 -9.89 -42.47 7.86
N ASP C 27 -8.87 -43.32 7.96
CA ASP C 27 -8.42 -43.86 9.24
C ASP C 27 -7.92 -42.78 10.19
N GLY C 28 -8.19 -42.97 11.48
CA GLY C 28 -7.76 -42.05 12.52
C GLY C 28 -8.42 -40.69 12.51
N VAL C 29 -9.61 -40.58 11.93
CA VAL C 29 -10.45 -39.39 12.01
C VAL C 29 -11.83 -39.84 12.45
N GLU C 30 -12.47 -39.07 13.32
CA GLU C 30 -13.80 -39.45 13.75
C GLU C 30 -14.64 -38.17 13.95
N VAL C 31 -15.83 -38.15 13.36
CA VAL C 31 -16.82 -37.09 13.57
C VAL C 31 -17.61 -37.39 14.85
N VAL C 32 -17.41 -36.54 15.86
CA VAL C 32 -18.04 -36.72 17.17
C VAL C 32 -19.28 -35.85 17.36
N SER C 33 -19.43 -34.75 16.59
CA SER C 33 -20.58 -33.85 16.69
C SER C 33 -21.13 -33.49 15.32
N LEU C 34 -22.48 -33.51 15.19
CA LEU C 34 -23.22 -33.03 14.03
C LEU C 34 -24.17 -31.88 14.37
N VAL C 35 -24.04 -30.76 13.64
CA VAL C 35 -24.87 -29.56 13.81
C VAL C 35 -25.82 -29.36 12.63
N GLY C 36 -27.10 -29.12 12.93
CA GLY C 36 -28.08 -28.80 11.90
C GLY C 36 -29.26 -28.07 12.50
N ARG C 37 -29.97 -27.33 11.64
CA ARG C 37 -31.00 -26.38 12.12
C ARG C 37 -32.17 -27.06 12.83
N ARG C 38 -32.49 -28.31 12.50
CA ARG C 38 -33.66 -29.01 13.05
C ARG C 38 -33.25 -30.34 13.64
N PHE C 39 -33.41 -30.46 14.97
CA PHE C 39 -32.92 -31.59 15.74
C PHE C 39 -33.26 -32.97 15.20
N ASP C 40 -34.55 -33.25 14.94
CA ASP C 40 -34.92 -34.62 14.56
C ASP C 40 -34.23 -35.09 13.28
N GLN C 41 -34.15 -34.25 12.26
CA GLN C 41 -33.48 -34.63 11.02
C GLN C 41 -31.98 -34.77 11.20
N THR C 42 -31.39 -33.87 11.98
CA THR C 42 -29.98 -33.99 12.29
C THR C 42 -29.68 -35.29 13.03
N LYS C 43 -30.54 -35.64 13.98
CA LYS C 43 -30.38 -36.87 14.75
C LYS C 43 -30.51 -38.11 13.87
N GLU C 44 -31.46 -38.10 12.93
CA GLU C 44 -31.57 -39.21 11.98
C GLU C 44 -30.28 -39.42 11.20
N VAL C 45 -29.66 -38.34 10.73
CA VAL C 45 -28.38 -38.47 10.03
C VAL C 45 -27.30 -38.99 10.96
N ALA C 46 -27.23 -38.43 12.17
CA ALA C 46 -26.26 -38.86 13.16
C ALA C 46 -26.39 -40.34 13.47
N ASP C 47 -27.61 -40.81 13.67
CA ASP C 47 -27.84 -42.22 13.95
C ASP C 47 -27.40 -43.11 12.79
N LYS C 48 -27.66 -42.70 11.55
CA LYS C 48 -27.15 -43.49 10.44
C LYS C 48 -25.63 -43.57 10.45
N TYR C 49 -24.96 -42.51 10.86
CA TYR C 49 -23.51 -42.48 10.84
C TYR C 49 -22.85 -42.78 12.17
N GLY C 50 -23.63 -43.02 13.23
CA GLY C 50 -23.07 -43.29 14.54
C GLY C 50 -22.42 -42.11 15.24
N ILE C 51 -22.89 -40.90 14.98
CA ILE C 51 -22.32 -39.71 15.61
C ILE C 51 -23.02 -39.50 16.95
N ALA C 52 -22.24 -39.46 18.03
CA ALA C 52 -22.84 -39.51 19.37
C ALA C 52 -23.50 -38.19 19.75
N HIS C 53 -22.90 -37.05 19.40
CA HIS C 53 -23.43 -35.74 19.79
C HIS C 53 -24.17 -35.06 18.64
N VAL C 54 -25.33 -34.47 18.96
CA VAL C 54 -26.17 -33.74 18.02
C VAL C 54 -26.54 -32.39 18.62
N ALA C 55 -26.29 -31.31 17.87
CA ALA C 55 -26.64 -29.97 18.32
C ALA C 55 -27.36 -29.19 17.22
N THR C 56 -28.11 -28.18 17.65
CA THR C 56 -28.73 -27.20 16.75
C THR C 56 -27.98 -25.88 16.74
N ASP C 57 -27.05 -25.68 17.66
CA ASP C 57 -26.18 -24.51 17.63
C ASP C 57 -24.74 -24.98 17.48
N LEU C 58 -23.99 -24.27 16.64
CA LEU C 58 -22.58 -24.56 16.48
C LEU C 58 -21.83 -24.30 17.78
N ALA C 59 -22.26 -23.28 18.53
CA ALA C 59 -21.60 -22.91 19.78
C ALA C 59 -21.55 -24.09 20.74
N GLU C 60 -22.60 -24.92 20.74
CA GLU C 60 -22.56 -26.11 21.57
C GLU C 60 -21.42 -27.03 21.16
N SER C 61 -21.16 -27.16 19.85
CA SER C 61 -20.04 -28.00 19.43
C SER C 61 -18.69 -27.34 19.65
N LEU C 62 -18.61 -26.04 19.52
CA LEU C 62 -17.34 -25.37 19.78
C LEU C 62 -16.93 -25.47 21.25
N ALA C 63 -17.89 -25.59 22.17
CA ALA C 63 -17.57 -25.75 23.58
C ALA C 63 -17.01 -27.13 23.95
N LEU C 64 -17.12 -28.13 23.08
CA LEU C 64 -16.54 -29.43 23.41
C LEU C 64 -15.02 -29.30 23.35
N PRO C 65 -14.29 -29.53 24.44
CA PRO C 65 -12.83 -29.35 24.37
C PRO C 65 -12.07 -30.36 23.54
N GLU C 66 -12.58 -31.57 23.39
CA GLU C 66 -11.88 -32.60 22.62
C GLU C 66 -11.94 -32.42 21.11
N VAL C 67 -12.94 -31.71 20.58
CA VAL C 67 -13.06 -31.53 19.15
C VAL C 67 -11.88 -30.69 18.65
N ASP C 68 -11.17 -31.22 17.67
CA ASP C 68 -10.03 -30.56 17.07
C ASP C 68 -10.41 -29.79 15.83
N ALA C 69 -11.38 -30.24 15.05
CA ALA C 69 -11.57 -29.52 13.78
C ALA C 69 -13.05 -29.41 13.49
N VAL C 70 -13.40 -28.41 12.66
CA VAL C 70 -14.77 -28.14 12.25
C VAL C 70 -14.84 -28.07 10.73
N ILE C 71 -15.86 -28.71 10.17
CA ILE C 71 -16.22 -28.60 8.76
C ILE C 71 -17.55 -27.87 8.62
N LEU C 72 -17.57 -26.76 7.89
CA LEU C 72 -18.77 -25.94 7.70
C LEU C 72 -19.35 -26.21 6.30
N CYS C 73 -20.50 -26.90 6.27
CA CYS C 73 -21.31 -27.16 5.06
C CYS C 73 -22.69 -26.50 5.18
N THR C 74 -22.73 -25.38 5.88
CA THR C 74 -23.92 -24.58 6.15
C THR C 74 -24.26 -23.68 4.95
N PRO C 75 -25.35 -22.92 5.03
CA PRO C 75 -25.60 -21.89 4.01
C PRO C 75 -24.50 -20.83 3.95
N THR C 76 -24.24 -20.39 2.71
CA THR C 76 -23.21 -19.40 2.40
C THR C 76 -23.22 -18.16 3.26
N GLN C 77 -24.41 -17.63 3.55
CA GLN C 77 -24.54 -16.40 4.32
C GLN C 77 -23.94 -16.48 5.71
N MET C 78 -23.75 -17.69 6.22
CA MET C 78 -23.21 -17.92 7.55
C MET C 78 -21.72 -18.20 7.56
N HIS C 79 -21.12 -18.48 6.40
CA HIS C 79 -19.77 -19.05 6.39
C HIS C 79 -18.70 -18.21 7.08
N ALA C 80 -18.57 -16.95 6.74
CA ALA C 80 -17.47 -16.19 7.29
C ALA C 80 -17.59 -16.04 8.80
N GLU C 81 -18.76 -15.60 9.24
CA GLU C 81 -19.04 -15.49 10.67
C GLU C 81 -18.81 -16.82 11.36
N GLN C 82 -19.31 -17.92 10.79
CA GLN C 82 -19.14 -19.20 11.49
C GLN C 82 -17.68 -19.63 11.52
N ALA C 83 -16.97 -19.39 10.42
CA ALA C 83 -15.56 -19.72 10.40
C ALA C 83 -14.80 -18.95 11.48
N ILE C 84 -15.14 -17.67 11.65
CA ILE C 84 -14.56 -16.83 12.69
C ILE C 84 -14.82 -17.39 14.08
N ALA C 85 -16.06 -17.82 14.34
CA ALA C 85 -16.35 -18.40 15.65
C ALA C 85 -15.47 -19.61 15.90
N CYS C 86 -15.28 -20.44 14.87
CA CYS C 86 -14.44 -21.61 14.99
C CYS C 86 -13.03 -21.25 15.40
N MET C 87 -12.43 -20.28 14.72
CA MET C 87 -11.06 -19.94 15.08
C MET C 87 -10.98 -19.32 16.48
N LYS C 88 -11.99 -18.52 16.87
CA LYS C 88 -12.01 -18.02 18.24
C LYS C 88 -12.12 -19.14 19.27
N ALA C 89 -12.77 -20.25 18.91
CA ALA C 89 -12.78 -21.39 19.82
C ALA C 89 -11.53 -22.23 19.70
N GLY C 90 -10.54 -21.77 18.93
CA GLY C 90 -9.31 -22.53 18.82
C GLY C 90 -9.39 -23.77 17.95
N LYS C 91 -10.37 -23.86 17.05
CA LYS C 91 -10.55 -25.05 16.21
C LYS C 91 -10.06 -24.77 14.80
N HIS C 92 -9.37 -25.73 14.23
CA HIS C 92 -9.13 -25.64 12.79
C HIS C 92 -10.48 -25.63 12.07
N VAL C 93 -10.53 -25.00 10.92
CA VAL C 93 -11.81 -24.88 10.24
C VAL C 93 -11.60 -25.10 8.75
N GLN C 94 -12.50 -25.88 8.17
CA GLN C 94 -12.64 -25.98 6.73
C GLN C 94 -14.02 -25.47 6.39
N VAL C 95 -14.07 -24.58 5.43
CA VAL C 95 -15.31 -23.92 5.09
C VAL C 95 -15.60 -24.30 3.67
N GLU C 96 -16.82 -24.78 3.44
CA GLU C 96 -17.25 -25.00 2.08
C GLU C 96 -17.21 -23.69 1.31
N ILE C 97 -17.06 -23.81 0.01
CA ILE C 97 -17.06 -22.63 -0.87
C ILE C 97 -18.48 -22.09 -0.94
N PRO C 98 -18.63 -20.77 -0.99
CA PRO C 98 -17.60 -19.75 -0.85
C PRO C 98 -17.14 -19.42 0.58
N LEU C 99 -15.86 -19.04 0.71
CA LEU C 99 -15.34 -18.53 1.97
C LEU C 99 -16.23 -17.44 2.54
N ALA C 100 -16.72 -16.57 1.67
CA ALA C 100 -17.67 -15.52 2.02
C ALA C 100 -18.37 -15.08 0.75
N ASP C 101 -19.49 -14.39 0.91
CA ASP C 101 -20.16 -13.68 -0.16
C ASP C 101 -19.83 -12.17 -0.15
N ALA C 102 -18.82 -11.76 0.62
CA ALA C 102 -18.32 -10.40 0.60
C ALA C 102 -16.81 -10.39 0.82
N LEU C 103 -16.13 -9.48 0.11
CA LEU C 103 -14.68 -9.36 0.25
C LEU C 103 -14.32 -9.03 1.70
N LYS C 104 -15.09 -8.13 2.33
CA LYS C 104 -14.83 -7.70 3.70
C LYS C 104 -14.79 -8.89 4.65
N ASP C 105 -15.79 -9.77 4.54
CA ASP C 105 -15.87 -10.90 5.45
C ASP C 105 -14.77 -11.92 5.19
N ALA C 106 -14.44 -12.17 3.92
CA ALA C 106 -13.28 -13.01 3.62
C ALA C 106 -12.00 -12.43 4.21
N GLN C 107 -11.88 -11.11 4.20
CA GLN C 107 -10.72 -10.46 4.80
C GLN C 107 -10.69 -10.65 6.31
N GLU C 108 -11.84 -10.55 6.96
CA GLU C 108 -11.88 -10.81 8.40
C GLU C 108 -11.44 -12.23 8.74
N VAL C 109 -11.87 -13.20 7.92
CA VAL C 109 -11.43 -14.58 8.13
C VAL C 109 -9.93 -14.70 7.94
N ALA C 110 -9.39 -14.09 6.88
CA ALA C 110 -7.96 -14.17 6.65
C ALA C 110 -7.15 -13.53 7.78
N GLU C 111 -7.59 -12.38 8.27
CA GLU C 111 -6.90 -11.72 9.36
C GLU C 111 -6.92 -12.54 10.65
N LEU C 112 -8.06 -13.15 10.99
CA LEU C 112 -8.07 -14.00 12.18
C LEU C 112 -7.23 -15.27 12.01
N GLN C 113 -7.24 -15.88 10.81
CA GLN C 113 -6.36 -17.02 10.57
C GLN C 113 -4.91 -16.63 10.81
N LYS C 114 -4.49 -15.49 10.26
CA LYS C 114 -3.12 -15.03 10.46
C LYS C 114 -2.83 -14.76 11.93
N GLN C 115 -3.82 -14.25 12.66
CA GLN C 115 -3.61 -13.95 14.07
C GLN C 115 -3.46 -15.24 14.88
N THR C 116 -4.26 -16.26 14.56
CA THR C 116 -4.26 -17.53 15.28
C THR C 116 -3.25 -18.53 14.75
N GLY C 117 -2.90 -18.45 13.46
CA GLY C 117 -2.07 -19.49 12.88
C GLY C 117 -2.72 -20.85 12.75
N LEU C 118 -4.03 -20.95 12.95
CA LEU C 118 -4.76 -22.20 12.75
C LEU C 118 -4.95 -22.50 11.26
N VAL C 119 -4.98 -23.80 10.94
CA VAL C 119 -5.45 -24.28 9.65
C VAL C 119 -6.88 -23.84 9.36
N ALA C 120 -7.02 -22.99 8.33
CA ALA C 120 -8.30 -22.63 7.77
C ALA C 120 -8.34 -22.96 6.28
N MET C 121 -9.24 -23.83 5.89
CA MET C 121 -9.28 -24.31 4.52
C MET C 121 -10.61 -23.94 3.88
N VAL C 122 -10.59 -23.63 2.59
CA VAL C 122 -11.81 -23.43 1.83
C VAL C 122 -12.02 -24.61 0.88
N GLY C 123 -13.26 -25.07 0.79
CA GLY C 123 -13.65 -26.22 0.00
C GLY C 123 -13.69 -26.04 -1.51
N HIS C 124 -12.59 -25.60 -2.12
CA HIS C 124 -12.39 -25.59 -3.58
C HIS C 124 -12.11 -27.01 -4.11
N THR C 125 -13.13 -27.86 -4.05
CA THR C 125 -13.00 -29.28 -4.38
C THR C 125 -12.37 -29.54 -5.76
N ARG C 126 -12.50 -28.59 -6.68
CA ARG C 126 -11.91 -28.74 -8.01
C ARG C 126 -10.40 -28.93 -7.95
N ARG C 127 -9.76 -28.36 -6.92
CA ARG C 127 -8.35 -28.64 -6.72
C ARG C 127 -8.12 -30.10 -6.44
N PHE C 128 -9.10 -30.77 -5.89
CA PHE C 128 -8.91 -32.14 -5.44
C PHE C 128 -9.55 -33.19 -6.35
N ASN C 129 -10.37 -32.81 -7.33
CA ASN C 129 -10.89 -33.83 -8.24
C ASN C 129 -9.73 -34.46 -9.02
N PRO C 130 -9.67 -35.81 -9.11
CA PRO C 130 -8.55 -36.47 -9.79
C PRO C 130 -8.34 -36.04 -11.25
N SER C 131 -9.41 -35.77 -11.97
CA SER C 131 -9.30 -35.28 -13.34
C SER C 131 -8.58 -33.93 -13.41
N HIS C 132 -8.89 -33.04 -12.49
CA HIS C 132 -8.23 -31.76 -12.47
C HIS C 132 -6.81 -31.88 -11.93
N GLN C 133 -6.58 -32.75 -10.96
CA GLN C 133 -5.23 -33.05 -10.49
C GLN C 133 -4.35 -33.64 -11.59
N TRP C 134 -4.91 -34.53 -12.40
CA TRP C 134 -4.17 -35.05 -13.55
C TRP C 134 -3.72 -33.92 -14.45
N VAL C 135 -4.64 -33.02 -14.79
CA VAL C 135 -4.26 -31.89 -15.63
C VAL C 135 -3.22 -31.00 -14.95
N HIS C 136 -3.40 -30.74 -13.64
CA HIS C 136 -2.46 -29.89 -12.90
C HIS C 136 -1.06 -30.48 -12.93
N LYS C 137 -0.96 -31.78 -12.67
CA LYS C 137 0.32 -32.46 -12.72
C LYS C 137 0.96 -32.45 -14.09
N LYS C 138 0.15 -32.55 -15.17
CA LYS C 138 0.71 -32.43 -16.52
C LYS C 138 1.28 -31.04 -16.77
N ILE C 139 0.62 -30.02 -16.24
CA ILE C 139 1.09 -28.64 -16.37
C ILE C 139 2.40 -28.47 -15.59
N GLU C 140 2.44 -28.96 -14.36
CA GLU C 140 3.65 -28.88 -13.54
C GLU C 140 4.84 -29.59 -14.16
N ALA C 141 4.60 -30.69 -14.88
CA ALA C 141 5.66 -31.40 -15.60
C ALA C 141 6.12 -30.67 -16.86
N GLY C 142 5.49 -29.56 -17.22
CA GLY C 142 5.77 -28.82 -18.45
C GLY C 142 5.29 -29.48 -19.73
N GLU C 143 4.40 -30.44 -19.61
CA GLU C 143 3.84 -31.19 -20.73
C GLU C 143 2.59 -30.52 -21.30
N PHE C 144 1.99 -29.55 -20.61
CA PHE C 144 0.76 -28.90 -21.04
C PHE C 144 0.69 -27.44 -20.60
N ASN C 145 0.26 -26.57 -21.52
CA ASN C 145 -0.07 -25.19 -21.22
C ASN C 145 -1.47 -24.87 -21.71
N ILE C 146 -2.30 -24.28 -20.83
CA ILE C 146 -3.66 -23.87 -21.14
C ILE C 146 -3.67 -22.68 -22.10
N GLN C 147 -4.36 -22.84 -23.22
CA GLN C 147 -4.67 -21.67 -24.04
C GLN C 147 -6.04 -21.11 -23.69
N GLN C 148 -7.05 -21.98 -23.55
CA GLN C 148 -8.39 -21.57 -23.19
C GLN C 148 -9.13 -22.58 -22.31
N MET C 149 -9.85 -22.08 -21.30
CA MET C 149 -10.85 -22.84 -20.54
C MET C 149 -12.27 -22.38 -20.83
N ASP C 150 -13.12 -23.30 -21.30
CA ASP C 150 -14.55 -23.03 -21.52
C ASP C 150 -15.43 -23.80 -20.51
N VAL C 151 -16.22 -23.09 -19.72
CA VAL C 151 -16.91 -23.69 -18.55
C VAL C 151 -18.41 -23.42 -18.56
N GLN C 152 -19.20 -24.45 -18.22
CA GLN C 152 -20.65 -24.32 -18.04
C GLN C 152 -21.03 -24.79 -16.63
N THR C 153 -21.63 -23.91 -15.84
CA THR C 153 -22.21 -24.23 -14.53
C THR C 153 -23.72 -23.98 -14.58
N TYR C 154 -24.47 -25.09 -14.68
CA TYR C 154 -25.90 -25.09 -14.97
C TYR C 154 -26.74 -25.85 -13.95
N PHE C 155 -27.85 -25.27 -13.51
CA PHE C 155 -28.84 -25.96 -12.69
C PHE C 155 -30.21 -25.54 -13.22
N PHE C 156 -31.25 -26.29 -12.87
CA PHE C 156 -32.63 -25.84 -13.08
C PHE C 156 -33.13 -25.49 -11.68
N ARG C 157 -33.10 -24.17 -11.34
CA ARG C 157 -33.32 -23.74 -9.96
C ARG C 157 -34.07 -22.41 -9.88
N ARG C 158 -35.37 -22.44 -10.17
CA ARG C 158 -36.25 -21.28 -10.05
C ARG C 158 -36.88 -21.22 -8.66
N THR C 159 -36.53 -22.21 -7.86
CA THR C 159 -36.86 -22.48 -6.47
C THR C 159 -35.54 -22.74 -5.75
N ASN C 160 -35.56 -22.51 -4.44
CA ASN C 160 -34.43 -22.61 -3.52
C ASN C 160 -34.15 -24.07 -3.16
N MET C 161 -33.69 -24.79 -4.17
CA MET C 161 -33.39 -26.21 -4.11
C MET C 161 -31.89 -26.52 -4.20
N ASN C 162 -31.47 -27.55 -3.47
CA ASN C 162 -30.13 -28.11 -3.57
C ASN C 162 -30.00 -28.98 -4.84
N ALA C 163 -28.78 -29.49 -5.08
CA ALA C 163 -28.50 -30.35 -6.23
C ALA C 163 -29.29 -31.64 -6.21
N LEU C 164 -29.90 -32.00 -5.07
CA LEU C 164 -30.75 -33.17 -4.98
C LEU C 164 -32.23 -32.83 -5.14
N GLY C 165 -32.55 -31.58 -5.49
CA GLY C 165 -33.97 -31.25 -5.63
C GLY C 165 -34.74 -31.02 -4.35
N GLN C 166 -34.08 -30.91 -3.20
CA GLN C 166 -34.84 -30.67 -1.98
C GLN C 166 -34.88 -29.16 -1.75
N ALA C 167 -35.97 -28.66 -1.15
CA ALA C 167 -36.03 -27.24 -0.83
C ALA C 167 -34.95 -26.76 0.14
N ARG C 168 -34.25 -25.69 -0.24
CA ARG C 168 -33.36 -24.96 0.64
C ARG C 168 -34.11 -23.88 1.41
N SER C 169 -33.62 -23.58 2.60
CA SER C 169 -34.02 -22.46 3.45
C SER C 169 -33.23 -21.18 3.15
N TRP C 170 -32.28 -21.21 2.23
CA TRP C 170 -31.41 -20.10 1.88
C TRP C 170 -31.35 -19.93 0.35
N THR C 171 -31.00 -18.72 -0.08
CA THR C 171 -30.88 -18.39 -1.50
C THR C 171 -29.41 -18.41 -1.91
N ASP C 172 -29.13 -19.09 -3.02
CA ASP C 172 -27.83 -19.27 -3.66
C ASP C 172 -27.44 -18.06 -4.52
N HIS C 173 -26.26 -18.11 -5.15
CA HIS C 173 -25.79 -16.91 -5.85
C HIS C 173 -24.85 -17.39 -6.97
N LEU C 174 -25.14 -16.98 -8.22
CA LEU C 174 -24.32 -17.40 -9.36
C LEU C 174 -22.86 -16.96 -9.26
N LEU C 175 -22.64 -15.73 -8.86
CA LEU C 175 -21.31 -15.17 -8.67
C LEU C 175 -20.55 -15.74 -7.48
N TRP C 176 -21.01 -15.49 -6.24
CA TRP C 176 -20.18 -15.84 -5.10
C TRP C 176 -20.01 -17.34 -4.91
N HIS C 177 -21.02 -18.16 -5.18
CA HIS C 177 -20.79 -19.60 -5.00
C HIS C 177 -20.33 -20.39 -6.24
N HIS C 178 -20.89 -20.12 -7.42
CA HIS C 178 -20.64 -20.98 -8.56
C HIS C 178 -19.49 -20.46 -9.41
N ALA C 179 -19.39 -19.18 -9.64
CA ALA C 179 -18.25 -18.67 -10.39
C ALA C 179 -16.92 -18.86 -9.65
N ALA C 180 -16.94 -18.80 -8.30
CA ALA C 180 -15.76 -19.00 -7.46
C ALA C 180 -14.95 -20.26 -7.77
N HIS C 181 -15.63 -21.39 -8.07
CA HIS C 181 -14.91 -22.60 -8.47
C HIS C 181 -14.02 -22.37 -9.68
N THR C 182 -14.54 -21.70 -10.70
CA THR C 182 -13.80 -21.55 -11.95
C THR C 182 -12.77 -20.44 -11.88
N VAL C 183 -13.09 -19.31 -11.24
CA VAL C 183 -12.13 -18.22 -11.09
C VAL C 183 -10.88 -18.71 -10.37
N ASP C 184 -11.07 -19.42 -9.25
CA ASP C 184 -9.92 -20.03 -8.58
C ASP C 184 -9.24 -21.07 -9.46
N LEU C 185 -10.01 -22.01 -9.97
CA LEU C 185 -9.39 -23.07 -10.75
C LEU C 185 -8.64 -22.55 -11.97
N PHE C 186 -9.17 -21.53 -12.64
CA PHE C 186 -8.46 -20.96 -13.77
C PHE C 186 -7.11 -20.40 -13.35
N ALA C 187 -7.09 -19.54 -12.33
CA ALA C 187 -5.80 -18.99 -11.92
C ALA C 187 -4.86 -20.10 -11.46
N TYR C 188 -5.38 -21.07 -10.73
CA TYR C 188 -4.57 -22.19 -10.26
C TYR C 188 -3.97 -23.01 -11.41
N GLN C 189 -4.81 -23.46 -12.35
CA GLN C 189 -4.34 -24.28 -13.47
C GLN C 189 -3.51 -23.50 -14.48
N ALA C 190 -3.85 -22.24 -14.73
CA ALA C 190 -2.99 -21.45 -15.63
C ALA C 190 -1.64 -21.13 -15.00
N GLY C 191 -1.49 -21.30 -13.67
CA GLY C 191 -0.25 -20.89 -13.05
C GLY C 191 0.10 -19.42 -13.18
N SER C 192 -0.91 -18.54 -13.34
CA SER C 192 -0.71 -17.13 -13.70
C SER C 192 -1.85 -16.30 -13.14
N PRO C 193 -1.60 -15.09 -12.60
CA PRO C 193 -2.69 -14.25 -12.04
C PRO C 193 -3.68 -13.74 -13.10
N ILE C 194 -4.93 -13.58 -12.67
CA ILE C 194 -5.93 -12.95 -13.52
C ILE C 194 -5.70 -11.44 -13.61
N VAL C 195 -5.65 -10.94 -14.84
CA VAL C 195 -5.40 -9.53 -15.11
C VAL C 195 -6.55 -8.84 -15.84
N LYS C 196 -7.55 -9.56 -16.34
CA LYS C 196 -8.76 -8.96 -16.90
C LYS C 196 -9.96 -9.81 -16.58
N ALA C 197 -11.05 -9.19 -16.12
CA ALA C 197 -12.31 -9.85 -15.85
C ALA C 197 -13.47 -8.98 -16.29
N ASN C 198 -14.45 -9.58 -16.96
CA ASN C 198 -15.70 -8.93 -17.38
C ASN C 198 -16.89 -9.85 -17.10
N ALA C 199 -17.97 -9.27 -16.61
CA ALA C 199 -19.21 -10.01 -16.43
C ALA C 199 -20.38 -9.23 -16.99
N VAL C 200 -21.38 -9.97 -17.45
CA VAL C 200 -22.72 -9.43 -17.68
C VAL C 200 -23.73 -10.41 -17.08
N GLN C 201 -24.86 -9.86 -16.64
CA GLN C 201 -25.91 -10.67 -16.03
C GLN C 201 -27.27 -10.37 -16.65
N GLY C 202 -28.15 -11.36 -16.61
CA GLY C 202 -29.54 -11.14 -16.93
C GLY C 202 -30.28 -10.43 -15.81
N PRO C 203 -31.60 -10.29 -15.97
CA PRO C 203 -32.43 -9.62 -14.96
C PRO C 203 -32.47 -10.35 -13.62
N ILE C 204 -32.60 -9.55 -12.56
CA ILE C 204 -32.83 -10.06 -11.21
C ILE C 204 -34.24 -10.64 -11.12
N HIS C 205 -34.34 -11.87 -10.62
CA HIS C 205 -35.62 -12.52 -10.40
C HIS C 205 -36.40 -11.86 -9.25
N LYS C 206 -37.61 -11.39 -9.56
CA LYS C 206 -38.44 -10.66 -8.61
C LYS C 206 -38.60 -11.38 -7.27
N ASP C 207 -38.73 -12.71 -7.28
CA ASP C 207 -39.03 -13.40 -6.03
C ASP C 207 -37.78 -13.88 -5.32
N LEU C 208 -36.69 -14.09 -6.05
CA LEU C 208 -35.48 -14.60 -5.44
C LEU C 208 -34.45 -13.52 -5.16
N GLY C 209 -34.54 -12.38 -5.86
CA GLY C 209 -33.62 -11.27 -5.70
C GLY C 209 -32.23 -11.51 -6.25
N ILE C 210 -32.05 -12.49 -7.13
CA ILE C 210 -30.75 -12.82 -7.70
C ILE C 210 -30.82 -12.90 -9.23
N ALA C 211 -29.66 -12.73 -9.86
CA ALA C 211 -29.52 -13.01 -11.28
C ALA C 211 -29.67 -14.49 -11.56
N MET C 212 -30.41 -14.82 -12.64
CA MET C 212 -30.61 -16.20 -13.04
C MET C 212 -29.63 -16.69 -14.11
N ASP C 213 -28.93 -15.77 -14.79
CA ASP C 213 -27.97 -16.05 -15.84
C ASP C 213 -26.81 -15.08 -15.74
N MET C 214 -25.62 -15.58 -16.00
CA MET C 214 -24.42 -14.77 -15.88
C MET C 214 -23.36 -15.28 -16.83
N SER C 215 -22.58 -14.34 -17.37
CA SER C 215 -21.44 -14.65 -18.22
C SER C 215 -20.17 -13.98 -17.75
N ILE C 216 -19.10 -14.75 -17.58
CA ILE C 216 -17.85 -14.21 -17.07
C ILE C 216 -16.74 -14.55 -18.05
N GLN C 217 -15.87 -13.59 -18.33
CA GLN C 217 -14.67 -13.84 -19.13
C GLN C 217 -13.43 -13.40 -18.35
N LEU C 218 -12.42 -14.25 -18.29
CA LEU C 218 -11.16 -13.97 -17.59
C LEU C 218 -9.97 -14.07 -18.53
N LYS C 219 -8.93 -13.26 -18.28
CA LYS C 219 -7.66 -13.39 -18.96
C LYS C 219 -6.51 -13.39 -17.96
N ALA C 220 -5.65 -14.41 -18.03
CA ALA C 220 -4.43 -14.47 -17.23
C ALA C 220 -3.28 -13.66 -17.84
N ALA C 221 -2.35 -13.28 -16.95
CA ALA C 221 -1.20 -12.52 -17.38
C ALA C 221 -0.40 -13.26 -18.46
N ASN C 222 -0.34 -14.61 -18.41
CA ASN C 222 0.32 -15.33 -19.50
C ASN C 222 -0.51 -15.39 -20.79
N GLY C 223 -1.70 -14.81 -20.84
CA GLY C 223 -2.48 -14.77 -22.07
C GLY C 223 -3.55 -15.85 -22.19
N ALA C 224 -3.53 -16.86 -21.33
CA ALA C 224 -4.59 -17.85 -21.29
C ALA C 224 -5.92 -17.16 -21.04
N ILE C 225 -6.99 -17.70 -21.61
CA ILE C 225 -8.32 -17.12 -21.42
C ILE C 225 -9.27 -18.16 -20.84
N CYS C 226 -10.31 -17.68 -20.15
CA CYS C 226 -11.41 -18.47 -19.65
C CYS C 226 -12.74 -17.84 -20.03
N THR C 227 -13.67 -18.66 -20.51
CA THR C 227 -15.07 -18.33 -20.71
C THR C 227 -15.96 -19.12 -19.75
N LEU C 228 -16.86 -18.44 -19.03
CA LEU C 228 -17.73 -19.10 -18.07
C LEU C 228 -19.20 -18.73 -18.31
N SER C 229 -20.04 -19.73 -18.59
CA SER C 229 -21.51 -19.58 -18.63
C SER C 229 -22.15 -20.14 -17.36
N LEU C 230 -22.95 -19.31 -16.64
CA LEU C 230 -23.70 -19.76 -15.47
C LEU C 230 -25.20 -19.55 -15.62
N SER C 231 -25.97 -20.52 -15.13
CA SER C 231 -27.42 -20.42 -15.18
C SER C 231 -28.12 -21.23 -14.09
N PHE C 232 -29.16 -20.65 -13.51
CA PHE C 232 -30.14 -21.40 -12.71
C PHE C 232 -31.39 -21.76 -13.50
N ASN C 233 -31.45 -21.42 -14.79
CA ASN C 233 -32.53 -21.75 -15.71
C ASN C 233 -32.35 -22.97 -16.62
N ASN C 234 -31.22 -23.65 -16.58
CA ASN C 234 -30.88 -24.75 -17.49
C ASN C 234 -31.62 -26.04 -17.12
N ASP C 235 -32.65 -26.36 -17.90
CA ASP C 235 -33.34 -27.66 -17.85
C ASP C 235 -32.66 -28.82 -18.56
N GLY C 236 -31.54 -29.24 -17.98
CA GLY C 236 -30.74 -30.32 -18.52
C GLY C 236 -29.89 -30.88 -17.40
N PRO C 237 -28.85 -31.63 -17.78
CA PRO C 237 -27.86 -32.09 -16.79
C PRO C 237 -27.29 -30.95 -15.98
N LEU C 238 -27.37 -31.07 -14.67
CA LEU C 238 -26.95 -30.03 -13.73
C LEU C 238 -25.49 -30.21 -13.34
N GLY C 239 -24.82 -29.09 -13.13
CA GLY C 239 -23.48 -29.26 -12.64
C GLY C 239 -22.51 -28.52 -13.52
N THR C 240 -21.24 -28.87 -13.40
CA THR C 240 -20.19 -28.31 -14.22
C THR C 240 -19.48 -29.23 -15.21
N PHE C 241 -19.34 -28.73 -16.44
CA PHE C 241 -18.58 -29.36 -17.52
C PHE C 241 -17.48 -28.36 -17.83
N PHE C 242 -16.23 -28.81 -17.79
CA PHE C 242 -15.05 -27.97 -18.02
C PHE C 242 -14.34 -28.41 -19.29
N ARG C 243 -14.00 -27.45 -20.15
CA ARG C 243 -13.13 -27.73 -21.29
C ARG C 243 -11.77 -27.03 -21.23
N TYR C 244 -10.70 -27.82 -21.07
CA TYR C 244 -9.31 -27.38 -21.19
C TYR C 244 -8.81 -27.49 -22.64
N ILE C 245 -8.59 -26.37 -23.31
CA ILE C 245 -7.96 -26.40 -24.63
C ILE C 245 -6.51 -25.93 -24.49
N GLY C 246 -5.53 -26.82 -24.66
CA GLY C 246 -4.13 -26.41 -24.54
C GLY C 246 -3.25 -26.57 -25.76
N ASP C 247 -1.94 -26.34 -25.59
CA ASP C 247 -1.03 -26.47 -26.73
C ASP C 247 -0.87 -27.92 -27.16
N THR C 248 -0.91 -28.82 -26.21
CA THR C 248 -0.70 -30.22 -26.46
C THR C 248 -1.99 -31.01 -26.41
N GLY C 249 -3.11 -30.40 -26.03
CA GLY C 249 -4.26 -31.30 -26.03
C GLY C 249 -5.55 -30.61 -25.67
N THR C 250 -6.61 -31.41 -25.62
CA THR C 250 -7.88 -30.92 -25.13
C THR C 250 -8.43 -31.93 -24.13
N TYR C 251 -8.94 -31.42 -23.00
CA TYR C 251 -9.51 -32.24 -21.95
C TYR C 251 -10.88 -31.74 -21.50
N LEU C 252 -11.77 -32.68 -21.22
CA LEU C 252 -13.14 -32.44 -20.76
C LEU C 252 -13.26 -32.99 -19.34
N ALA C 253 -13.41 -32.11 -18.36
CA ALA C 253 -13.64 -32.54 -16.98
C ALA C 253 -15.12 -32.50 -16.61
N ARG C 254 -15.59 -33.61 -16.07
CA ARG C 254 -16.96 -33.80 -15.59
C ARG C 254 -16.89 -34.39 -14.17
N TYR C 255 -16.98 -33.53 -13.14
CA TYR C 255 -16.69 -33.90 -11.74
C TYR C 255 -15.31 -34.54 -11.64
N ASP C 256 -15.23 -35.81 -11.21
CA ASP C 256 -13.96 -36.49 -11.04
C ASP C 256 -13.51 -37.21 -12.30
N ASP C 257 -14.35 -37.29 -13.34
CA ASP C 257 -13.98 -37.91 -14.61
C ASP C 257 -13.29 -36.95 -15.60
N LEU C 258 -12.36 -37.52 -16.36
CA LEU C 258 -11.65 -36.78 -17.40
C LEU C 258 -11.75 -37.51 -18.72
N TYR C 259 -11.90 -36.73 -19.80
CA TYR C 259 -11.95 -37.24 -21.15
C TYR C 259 -11.06 -36.45 -22.09
N THR C 260 -10.62 -37.11 -23.18
CA THR C 260 -10.08 -36.30 -24.28
C THR C 260 -11.23 -35.57 -24.97
N GLY C 261 -10.86 -34.60 -25.82
CA GLY C 261 -11.83 -33.96 -26.67
C GLY C 261 -12.46 -34.86 -27.70
N LYS C 262 -12.03 -36.12 -27.79
CA LYS C 262 -12.57 -37.18 -28.64
C LYS C 262 -13.35 -38.23 -27.86
N ASP C 263 -13.75 -37.89 -26.63
CA ASP C 263 -14.47 -38.74 -25.70
C ASP C 263 -13.71 -39.97 -25.28
N GLU C 264 -12.39 -39.99 -25.38
CA GLU C 264 -11.74 -41.14 -24.79
C GLU C 264 -11.58 -40.83 -23.32
N LYS C 265 -12.14 -41.70 -22.50
CA LYS C 265 -12.07 -41.56 -21.06
C LYS C 265 -10.63 -41.77 -20.66
N ILE C 266 -10.09 -40.89 -19.84
CA ILE C 266 -8.75 -41.07 -19.31
C ILE C 266 -8.79 -41.67 -17.91
N ASP C 267 -7.98 -42.69 -17.70
CA ASP C 267 -7.81 -43.29 -16.39
C ASP C 267 -6.97 -42.45 -15.42
N VAL C 268 -7.67 -41.87 -14.45
CA VAL C 268 -7.14 -41.07 -13.34
C VAL C 268 -7.05 -41.84 -12.02
N SER C 269 -7.39 -43.14 -12.01
CA SER C 269 -7.36 -43.90 -10.76
C SER C 269 -5.97 -44.05 -10.11
N GLN C 270 -4.90 -43.87 -10.87
CA GLN C 270 -3.52 -43.85 -10.41
C GLN C 270 -3.08 -42.53 -9.77
N VAL C 271 -3.89 -41.46 -9.86
CA VAL C 271 -3.45 -40.10 -9.51
C VAL C 271 -3.42 -39.82 -8.00
N ASP C 272 -4.35 -40.37 -7.24
CA ASP C 272 -4.54 -40.07 -5.82
C ASP C 272 -5.08 -41.33 -5.17
N VAL C 273 -5.05 -41.36 -3.83
CA VAL C 273 -5.45 -42.55 -3.11
C VAL C 273 -6.96 -42.78 -3.15
N SER C 274 -7.73 -41.81 -3.64
CA SER C 274 -9.18 -41.93 -3.75
C SER C 274 -9.64 -41.34 -5.08
N MET C 275 -10.72 -41.94 -5.61
CA MET C 275 -11.39 -41.39 -6.78
C MET C 275 -12.40 -40.32 -6.42
N ASN C 276 -12.60 -40.06 -5.12
CA ASN C 276 -13.55 -39.08 -4.61
C ASN C 276 -12.81 -37.79 -4.25
N GLY C 277 -13.05 -36.72 -5.02
CA GLY C 277 -12.41 -35.45 -4.72
C GLY C 277 -12.71 -34.87 -3.33
N ILE C 278 -13.90 -35.16 -2.79
CA ILE C 278 -14.29 -34.70 -1.47
C ILE C 278 -13.49 -35.40 -0.37
N GLU C 279 -13.28 -36.69 -0.53
CA GLU C 279 -12.48 -37.43 0.41
C GLU C 279 -11.04 -36.92 0.41
N LEU C 280 -10.51 -36.67 -0.79
CA LEU C 280 -9.15 -36.15 -0.93
C LEU C 280 -9.01 -34.76 -0.33
N GLN C 281 -10.03 -33.92 -0.48
CA GLN C 281 -10.08 -32.62 0.16
C GLN C 281 -10.00 -32.73 1.70
N ASP C 282 -10.80 -33.63 2.27
CA ASP C 282 -10.76 -33.79 3.72
C ASP C 282 -9.43 -34.38 4.16
N ARG C 283 -8.88 -35.32 3.39
CA ARG C 283 -7.54 -35.84 3.66
C ARG C 283 -6.51 -34.72 3.67
N GLU C 284 -6.57 -33.78 2.72
CA GLU C 284 -5.64 -32.67 2.74
C GLU C 284 -5.78 -31.84 4.01
N PHE C 285 -7.01 -31.57 4.43
CA PHE C 285 -7.28 -30.84 5.65
C PHE C 285 -6.65 -31.51 6.88
N PHE C 286 -6.87 -32.82 7.03
CA PHE C 286 -6.32 -33.56 8.16
C PHE C 286 -4.82 -33.76 8.05
N ALA C 287 -4.28 -33.88 6.84
CA ALA C 287 -2.83 -33.92 6.68
C ALA C 287 -2.21 -32.62 7.15
N ALA C 288 -2.77 -31.47 6.73
CA ALA C 288 -2.28 -30.16 7.18
C ALA C 288 -2.35 -30.00 8.69
N ILE C 289 -3.43 -30.46 9.32
CA ILE C 289 -3.51 -30.43 10.77
C ILE C 289 -2.42 -31.29 11.43
N ARG C 290 -2.25 -32.55 10.98
CA ARG C 290 -1.26 -33.45 11.57
C ARG C 290 0.18 -33.00 11.35
N GLU C 291 0.46 -32.41 10.19
CA GLU C 291 1.82 -32.02 9.85
C GLU C 291 2.13 -30.61 10.29
N GLY C 292 1.11 -29.85 10.70
CA GLY C 292 1.31 -28.47 11.10
C GLY C 292 1.78 -27.60 9.95
N ARG C 293 1.27 -27.85 8.74
CA ARG C 293 1.62 -27.10 7.54
C ARG C 293 0.35 -26.46 6.96
N GLU C 294 0.55 -25.47 6.08
CA GLU C 294 -0.57 -24.93 5.28
C GLU C 294 -1.13 -25.95 4.27
N PRO C 295 -2.45 -26.11 4.18
CA PRO C 295 -3.05 -26.94 3.15
C PRO C 295 -3.07 -26.26 1.79
N ASN C 296 -3.07 -27.08 0.73
CA ASN C 296 -3.56 -26.67 -0.59
C ASN C 296 -4.99 -26.16 -0.49
N SER C 297 -5.27 -25.01 -1.10
CA SER C 297 -6.54 -24.28 -0.99
C SER C 297 -6.75 -23.68 0.40
N SER C 298 -5.66 -23.31 1.05
CA SER C 298 -5.72 -22.47 2.22
C SER C 298 -6.37 -21.14 1.84
N VAL C 299 -6.94 -20.48 2.84
CA VAL C 299 -7.57 -19.17 2.65
C VAL C 299 -6.63 -18.21 1.93
N GLN C 300 -5.35 -18.26 2.27
CA GLN C 300 -4.34 -17.42 1.62
C GLN C 300 -4.19 -17.76 0.14
N GLN C 301 -4.16 -19.05 -0.21
CA GLN C 301 -3.98 -19.45 -1.60
C GLN C 301 -5.15 -19.04 -2.50
N VAL C 302 -6.38 -19.17 -2.02
CA VAL C 302 -7.61 -18.92 -2.78
C VAL C 302 -8.09 -17.47 -2.71
N PHE C 303 -7.57 -16.68 -1.79
CA PHE C 303 -8.06 -15.33 -1.55
C PHE C 303 -8.11 -14.40 -2.80
N ASN C 304 -7.17 -14.54 -3.74
CA ASN C 304 -7.24 -13.70 -4.94
C ASN C 304 -8.51 -13.96 -5.74
N CYS C 305 -9.06 -15.17 -5.65
CA CYS C 305 -10.36 -15.41 -6.23
C CYS C 305 -11.44 -14.50 -5.68
N TYR C 306 -11.46 -14.31 -4.36
CA TYR C 306 -12.50 -13.46 -3.78
C TYR C 306 -12.29 -12.00 -4.16
N LYS C 307 -11.05 -11.60 -4.36
CA LYS C 307 -10.78 -10.26 -4.88
C LYS C 307 -11.34 -10.07 -6.30
N VAL C 308 -11.10 -11.04 -7.18
CA VAL C 308 -11.64 -10.96 -8.55
C VAL C 308 -13.16 -10.94 -8.55
N LEU C 309 -13.78 -11.79 -7.74
CA LEU C 309 -15.23 -11.81 -7.65
C LEU C 309 -15.76 -10.46 -7.20
N HIS C 310 -15.08 -9.80 -6.25
CA HIS C 310 -15.51 -8.46 -5.83
C HIS C 310 -15.48 -7.47 -6.99
N ASP C 311 -14.40 -7.48 -7.77
CA ASP C 311 -14.33 -6.60 -8.94
C ASP C 311 -15.46 -6.88 -9.96
N LEU C 312 -15.78 -8.15 -10.16
CA LEU C 312 -16.89 -8.51 -11.04
C LEU C 312 -18.23 -8.00 -10.50
N GLU C 313 -18.43 -8.12 -9.20
CA GLU C 313 -19.64 -7.57 -8.58
C GLU C 313 -19.76 -6.07 -8.78
N GLN C 314 -18.64 -5.36 -8.67
CA GLN C 314 -18.69 -3.92 -8.90
C GLN C 314 -19.11 -3.61 -10.34
N GLN C 315 -18.64 -4.40 -11.32
CA GLN C 315 -19.11 -4.24 -12.70
C GLN C 315 -20.61 -4.53 -12.82
N LEU C 316 -21.05 -5.64 -12.25
CA LEU C 316 -22.46 -6.05 -12.33
C LEU C 316 -23.42 -5.06 -11.67
N ASN C 317 -22.97 -4.30 -10.67
CA ASN C 317 -23.87 -3.29 -10.05
C ASN C 317 -23.85 -1.99 -10.85
N LYS D 3 -38.93 -15.88 -65.99
CA LYS D 3 -37.57 -16.01 -66.51
C LYS D 3 -36.68 -16.77 -65.55
N THR D 4 -35.92 -17.74 -66.10
CA THR D 4 -34.89 -18.39 -65.32
C THR D 4 -33.81 -17.37 -64.93
N ILE D 5 -33.51 -17.33 -63.64
CA ILE D 5 -32.41 -16.50 -63.13
C ILE D 5 -31.07 -17.19 -63.38
N LYS D 6 -30.19 -16.49 -64.10
CA LYS D 6 -28.82 -16.92 -64.36
C LYS D 6 -27.83 -16.30 -63.38
N VAL D 7 -26.97 -17.17 -62.82
CA VAL D 7 -26.08 -16.85 -61.72
C VAL D 7 -24.63 -17.05 -62.15
N ALA D 8 -23.75 -16.13 -61.75
CA ALA D 8 -22.33 -16.42 -61.70
C ALA D 8 -21.92 -16.74 -60.27
N LEU D 9 -21.14 -17.83 -60.10
CA LEU D 9 -20.57 -18.17 -58.79
C LEU D 9 -19.04 -18.06 -58.83
N ALA D 10 -18.50 -17.30 -57.87
CA ALA D 10 -17.06 -17.06 -57.67
C ALA D 10 -16.55 -17.80 -56.43
N GLY D 11 -15.57 -18.69 -56.63
CA GLY D 11 -14.95 -19.48 -55.58
C GLY D 11 -15.50 -20.89 -55.48
N ALA D 12 -14.90 -21.75 -56.31
CA ALA D 12 -15.16 -23.19 -56.33
C ALA D 12 -14.53 -23.96 -55.19
N GLY D 13 -14.44 -23.37 -53.99
CA GLY D 13 -13.98 -24.07 -52.81
C GLY D 13 -15.05 -24.97 -52.20
N ALA D 14 -14.79 -25.39 -50.96
CA ALA D 14 -15.70 -26.29 -50.24
C ALA D 14 -17.13 -25.74 -50.16
N PHE D 15 -17.25 -24.44 -49.91
CA PHE D 15 -18.56 -23.80 -49.83
C PHE D 15 -19.18 -23.55 -51.20
N GLY D 16 -18.38 -23.12 -52.17
CA GLY D 16 -18.91 -23.03 -53.53
C GLY D 16 -19.52 -24.35 -53.99
N ILE D 17 -18.85 -25.47 -53.68
CA ILE D 17 -19.43 -26.77 -53.96
C ILE D 17 -20.74 -26.98 -53.23
N LYS D 18 -20.82 -26.59 -51.95
CA LYS D 18 -22.11 -26.75 -51.27
C LYS D 18 -23.22 -25.93 -51.93
N HIS D 19 -22.92 -24.71 -52.38
CA HIS D 19 -23.90 -23.92 -53.13
C HIS D 19 -24.30 -24.57 -54.46
N LEU D 20 -23.32 -25.04 -55.25
CA LEU D 20 -23.64 -25.72 -56.50
C LEU D 20 -24.53 -26.95 -56.28
N ASP D 21 -24.22 -27.73 -55.26
CA ASP D 21 -25.04 -28.90 -54.92
C ASP D 21 -26.44 -28.50 -54.51
N GLY D 22 -26.57 -27.37 -53.80
CA GLY D 22 -27.90 -26.89 -53.42
C GLY D 22 -28.70 -26.40 -54.61
N ILE D 23 -28.08 -25.57 -55.44
CA ILE D 23 -28.74 -24.98 -56.61
C ILE D 23 -29.26 -26.05 -57.55
N LYS D 24 -28.56 -27.20 -57.65
CA LYS D 24 -29.10 -28.27 -58.50
C LYS D 24 -30.54 -28.66 -58.18
N ASN D 25 -31.02 -28.43 -56.96
CA ASN D 25 -32.39 -28.75 -56.58
C ASN D 25 -33.36 -27.59 -56.72
N ILE D 26 -32.93 -26.45 -57.23
CA ILE D 26 -33.79 -25.27 -57.29
C ILE D 26 -34.21 -25.00 -58.73
N ASP D 27 -35.49 -25.24 -58.99
CA ASP D 27 -36.08 -25.00 -60.30
C ASP D 27 -35.97 -23.52 -60.68
N GLY D 28 -35.75 -23.28 -61.97
CA GLY D 28 -35.65 -21.94 -62.53
C GLY D 28 -34.44 -21.12 -62.13
N VAL D 29 -33.35 -21.76 -61.73
CA VAL D 29 -32.07 -21.13 -61.50
C VAL D 29 -31.02 -21.92 -62.26
N GLU D 30 -30.06 -21.22 -62.88
CA GLU D 30 -28.99 -21.88 -63.62
C GLU D 30 -27.70 -21.12 -63.42
N VAL D 31 -26.65 -21.84 -63.03
CA VAL D 31 -25.30 -21.30 -62.93
C VAL D 31 -24.62 -21.30 -64.30
N VAL D 32 -24.39 -20.11 -64.86
CA VAL D 32 -23.79 -20.01 -66.19
C VAL D 32 -22.29 -19.67 -66.17
N SER D 33 -21.78 -19.10 -65.09
CA SER D 33 -20.37 -18.76 -64.99
C SER D 33 -19.79 -19.21 -63.66
N LEU D 34 -18.60 -19.78 -63.70
CA LEU D 34 -17.77 -20.13 -62.55
C LEU D 34 -16.44 -19.38 -62.58
N VAL D 35 -16.14 -18.67 -61.49
CA VAL D 35 -14.91 -17.90 -61.30
C VAL D 35 -14.04 -18.58 -60.24
N GLY D 36 -12.75 -18.76 -60.53
CA GLY D 36 -11.80 -19.33 -59.58
C GLY D 36 -10.35 -19.00 -59.83
N ARG D 37 -9.53 -19.11 -58.76
CA ARG D 37 -8.17 -18.60 -58.83
C ARG D 37 -7.30 -19.31 -59.85
N ARG D 38 -7.57 -20.57 -60.16
CA ARG D 38 -6.71 -21.35 -61.06
C ARG D 38 -7.61 -21.92 -62.13
N PHE D 39 -7.38 -21.48 -63.36
CA PHE D 39 -8.26 -21.80 -64.48
C PHE D 39 -8.54 -23.30 -64.55
N ASP D 40 -7.51 -24.14 -64.56
CA ASP D 40 -7.71 -25.57 -64.76
C ASP D 40 -8.60 -26.19 -63.69
N GLN D 41 -8.42 -25.81 -62.43
CA GLN D 41 -9.28 -26.35 -61.39
C GLN D 41 -10.71 -25.86 -61.53
N THR D 42 -10.87 -24.59 -61.90
CA THR D 42 -12.19 -24.05 -62.17
C THR D 42 -12.86 -24.79 -63.31
N LYS D 43 -12.10 -25.10 -64.35
CA LYS D 43 -12.62 -25.85 -65.50
C LYS D 43 -13.07 -27.25 -65.09
N GLU D 44 -12.26 -27.91 -64.27
CA GLU D 44 -12.64 -29.23 -63.75
C GLU D 44 -13.98 -29.18 -63.01
N VAL D 45 -14.17 -28.17 -62.15
CA VAL D 45 -15.46 -28.01 -61.45
C VAL D 45 -16.58 -27.66 -62.42
N ALA D 46 -16.35 -26.72 -63.32
CA ALA D 46 -17.39 -26.34 -64.28
C ALA D 46 -17.84 -27.54 -65.10
N ASP D 47 -16.89 -28.34 -65.58
CA ASP D 47 -17.24 -29.53 -66.34
C ASP D 47 -18.04 -30.51 -65.49
N LYS D 48 -17.66 -30.65 -64.22
CA LYS D 48 -18.44 -31.51 -63.33
C LYS D 48 -19.88 -31.02 -63.19
N TYR D 49 -20.10 -29.70 -63.19
CA TYR D 49 -21.45 -29.15 -63.01
C TYR D 49 -22.12 -28.74 -64.31
N GLY D 50 -21.45 -28.89 -65.44
CA GLY D 50 -22.03 -28.49 -66.70
C GLY D 50 -22.13 -26.98 -66.87
N ILE D 51 -21.25 -26.23 -66.22
CA ILE D 51 -21.24 -24.77 -66.29
C ILE D 51 -20.40 -24.36 -67.50
N ALA D 52 -21.00 -23.63 -68.43
CA ALA D 52 -20.34 -23.40 -69.71
C ALA D 52 -19.20 -22.39 -69.62
N HIS D 53 -19.35 -21.31 -68.86
CA HIS D 53 -18.32 -20.27 -68.83
C HIS D 53 -17.44 -20.38 -67.59
N VAL D 54 -16.13 -20.24 -67.84
CA VAL D 54 -15.11 -20.32 -66.81
C VAL D 54 -14.20 -19.11 -66.89
N ALA D 55 -14.03 -18.42 -65.77
CA ALA D 55 -13.13 -17.29 -65.71
C ALA D 55 -12.25 -17.37 -64.46
N THR D 56 -11.14 -16.69 -64.56
CA THR D 56 -10.24 -16.44 -63.45
C THR D 56 -10.37 -15.01 -62.94
N ASP D 57 -11.07 -14.15 -63.67
CA ASP D 57 -11.39 -12.80 -63.25
C ASP D 57 -12.90 -12.63 -63.13
N LEU D 58 -13.32 -11.93 -62.06
CA LEU D 58 -14.73 -11.62 -61.87
C LEU D 58 -15.27 -10.71 -62.97
N ALA D 59 -14.44 -9.79 -63.45
CA ALA D 59 -14.91 -8.86 -64.47
C ALA D 59 -15.39 -9.59 -65.72
N GLU D 60 -14.74 -10.69 -66.08
CA GLU D 60 -15.18 -11.48 -67.22
C GLU D 60 -16.60 -12.01 -67.04
N SER D 61 -16.96 -12.45 -65.82
CA SER D 61 -18.32 -12.92 -65.59
C SER D 61 -19.29 -11.76 -65.47
N LEU D 62 -18.83 -10.64 -64.90
CA LEU D 62 -19.66 -9.45 -64.80
C LEU D 62 -19.95 -8.85 -66.17
N ALA D 63 -19.07 -9.06 -67.13
CA ALA D 63 -19.31 -8.57 -68.48
C ALA D 63 -20.39 -9.34 -69.23
N LEU D 64 -20.79 -10.52 -68.75
CA LEU D 64 -21.86 -11.27 -69.42
C LEU D 64 -23.22 -10.61 -69.20
N PRO D 65 -23.93 -10.20 -70.27
CA PRO D 65 -25.24 -9.56 -70.08
C PRO D 65 -26.32 -10.49 -69.55
N GLU D 66 -26.21 -11.81 -69.79
CA GLU D 66 -27.19 -12.79 -69.35
C GLU D 66 -27.15 -13.08 -67.85
N VAL D 67 -26.02 -12.83 -67.19
CA VAL D 67 -25.88 -13.08 -65.76
C VAL D 67 -26.79 -12.14 -64.98
N ASP D 68 -27.67 -12.71 -64.15
CA ASP D 68 -28.57 -11.91 -63.33
C ASP D 68 -28.06 -11.70 -61.92
N ALA D 69 -27.39 -12.67 -61.33
CA ALA D 69 -27.02 -12.58 -59.93
C ALA D 69 -25.65 -13.20 -59.73
N VAL D 70 -24.98 -12.81 -58.65
CA VAL D 70 -23.66 -13.36 -58.35
C VAL D 70 -23.65 -13.89 -56.91
N ILE D 71 -23.07 -15.08 -56.74
CA ILE D 71 -22.78 -15.64 -55.41
C ILE D 71 -21.26 -15.65 -55.19
N LEU D 72 -20.85 -14.98 -54.10
CA LEU D 72 -19.46 -14.81 -53.72
C LEU D 72 -19.08 -15.77 -52.58
N CYS D 73 -18.26 -16.77 -52.91
CA CYS D 73 -17.67 -17.72 -51.98
C CYS D 73 -16.14 -17.64 -51.96
N THR D 74 -15.60 -16.45 -52.22
CA THR D 74 -14.16 -16.23 -52.25
C THR D 74 -13.59 -16.12 -50.84
N PRO D 75 -12.27 -15.95 -50.72
CA PRO D 75 -11.71 -15.61 -49.41
C PRO D 75 -12.27 -14.28 -48.92
N THR D 76 -12.45 -14.22 -47.60
CA THR D 76 -13.04 -13.09 -46.89
C THR D 76 -12.48 -11.75 -47.32
N GLN D 77 -11.16 -11.67 -47.54
CA GLN D 77 -10.54 -10.39 -47.87
C GLN D 77 -11.06 -9.76 -49.15
N MET D 78 -11.69 -10.55 -50.01
CA MET D 78 -12.20 -10.04 -51.27
C MET D 78 -13.68 -9.67 -51.25
N HIS D 79 -14.41 -10.09 -50.21
CA HIS D 79 -15.86 -10.04 -50.31
C HIS D 79 -16.38 -8.65 -50.63
N ALA D 80 -15.96 -7.65 -49.86
CA ALA D 80 -16.50 -6.32 -50.05
C ALA D 80 -16.15 -5.76 -51.42
N GLU D 81 -14.87 -5.82 -51.80
CA GLU D 81 -14.48 -5.35 -53.13
C GLU D 81 -15.28 -6.04 -54.23
N GLN D 82 -15.39 -7.36 -54.15
CA GLN D 82 -16.07 -8.06 -55.23
C GLN D 82 -17.55 -7.73 -55.22
N ALA D 83 -18.14 -7.60 -54.02
CA ALA D 83 -19.54 -7.22 -53.96
C ALA D 83 -19.80 -5.86 -54.59
N ILE D 84 -18.92 -4.89 -54.34
CA ILE D 84 -19.08 -3.59 -54.99
C ILE D 84 -19.03 -3.74 -56.51
N ALA D 85 -18.08 -4.52 -57.01
CA ALA D 85 -17.97 -4.73 -58.44
C ALA D 85 -19.24 -5.36 -59.00
N CYS D 86 -19.83 -6.30 -58.26
CA CYS D 86 -21.08 -6.89 -58.72
C CYS D 86 -22.17 -5.85 -58.88
N MET D 87 -22.41 -5.01 -57.85
CA MET D 87 -23.48 -4.01 -57.93
C MET D 87 -23.21 -2.89 -58.94
N LYS D 88 -21.96 -2.45 -59.05
CA LYS D 88 -21.66 -1.48 -60.09
C LYS D 88 -21.93 -2.03 -61.49
N ALA D 89 -21.77 -3.35 -61.68
CA ALA D 89 -22.12 -4.02 -62.94
C ALA D 89 -23.61 -4.33 -63.06
N GLY D 90 -24.44 -3.88 -62.11
CA GLY D 90 -25.87 -4.14 -62.17
C GLY D 90 -26.34 -5.53 -61.79
N LYS D 91 -25.56 -6.28 -61.04
CA LYS D 91 -25.91 -7.65 -60.65
C LYS D 91 -26.37 -7.68 -59.20
N HIS D 92 -27.43 -8.44 -58.92
CA HIS D 92 -27.77 -8.77 -57.53
C HIS D 92 -26.62 -9.56 -56.94
N VAL D 93 -26.44 -9.46 -55.62
CA VAL D 93 -25.29 -10.13 -55.03
C VAL D 93 -25.66 -10.81 -53.71
N GLN D 94 -25.16 -12.02 -53.56
CA GLN D 94 -25.15 -12.73 -52.30
C GLN D 94 -23.70 -12.92 -51.93
N VAL D 95 -23.36 -12.57 -50.70
CA VAL D 95 -21.98 -12.57 -50.22
C VAL D 95 -21.94 -13.55 -49.08
N GLU D 96 -21.01 -14.48 -49.14
CA GLU D 96 -20.81 -15.34 -48.00
C GLU D 96 -20.43 -14.51 -46.79
N ILE D 97 -20.74 -15.06 -45.65
CA ILE D 97 -20.36 -14.39 -44.42
C ILE D 97 -18.85 -14.51 -44.27
N PRO D 98 -18.17 -13.47 -43.78
CA PRO D 98 -18.66 -12.13 -43.47
C PRO D 98 -18.81 -11.17 -44.65
N LEU D 99 -19.78 -10.26 -44.56
CA LEU D 99 -19.91 -9.17 -45.54
C LEU D 99 -18.58 -8.44 -45.79
N ALA D 100 -17.81 -8.20 -44.74
CA ALA D 100 -16.48 -7.61 -44.87
C ALA D 100 -15.72 -7.94 -43.60
N ASP D 101 -14.39 -7.80 -43.65
CA ASP D 101 -13.58 -7.85 -42.43
C ASP D 101 -13.24 -6.46 -41.89
N ALA D 102 -13.90 -5.41 -42.39
CA ALA D 102 -13.80 -4.06 -41.86
C ALA D 102 -15.14 -3.37 -41.96
N LEU D 103 -15.46 -2.57 -40.94
CA LEU D 103 -16.71 -1.81 -40.92
C LEU D 103 -16.82 -0.83 -42.09
N LYS D 104 -15.74 -0.15 -42.45
CA LYS D 104 -15.78 0.82 -43.55
C LYS D 104 -16.28 0.17 -44.84
N ASP D 105 -15.76 -1.00 -45.17
CA ASP D 105 -16.11 -1.67 -46.42
C ASP D 105 -17.55 -2.17 -46.40
N ALA D 106 -17.98 -2.71 -45.27
CA ALA D 106 -19.39 -3.05 -45.10
C ALA D 106 -20.28 -1.82 -45.29
N GLN D 107 -19.83 -0.66 -44.83
CA GLN D 107 -20.62 0.55 -45.04
C GLN D 107 -20.68 0.94 -46.51
N GLU D 108 -19.55 0.82 -47.22
CA GLU D 108 -19.53 1.09 -48.66
C GLU D 108 -20.49 0.17 -49.41
N VAL D 109 -20.52 -1.11 -49.03
CA VAL D 109 -21.46 -2.04 -49.65
C VAL D 109 -22.91 -1.66 -49.34
N ALA D 110 -23.21 -1.32 -48.08
CA ALA D 110 -24.59 -0.93 -47.74
C ALA D 110 -25.01 0.31 -48.51
N GLU D 111 -24.13 1.30 -48.60
CA GLU D 111 -24.46 2.52 -49.33
C GLU D 111 -24.66 2.27 -50.82
N LEU D 112 -23.83 1.44 -51.45
CA LEU D 112 -24.05 1.17 -52.87
C LEU D 112 -25.32 0.37 -53.12
N GLN D 113 -25.63 -0.60 -52.25
CA GLN D 113 -26.89 -1.31 -52.38
C GLN D 113 -28.06 -0.33 -52.32
N LYS D 114 -28.01 0.59 -51.35
CA LYS D 114 -29.05 1.61 -51.21
C LYS D 114 -29.14 2.52 -52.43
N GLN D 115 -27.99 2.87 -53.03
CA GLN D 115 -28.03 3.74 -54.20
C GLN D 115 -28.60 3.06 -55.43
N THR D 116 -28.28 1.77 -55.61
CA THR D 116 -28.70 0.98 -56.76
C THR D 116 -30.06 0.34 -56.61
N GLY D 117 -30.51 0.07 -55.37
CA GLY D 117 -31.72 -0.70 -55.13
C GLY D 117 -31.64 -2.17 -55.49
N LEU D 118 -30.44 -2.67 -55.76
CA LEU D 118 -30.22 -4.08 -56.03
C LEU D 118 -30.30 -4.90 -54.73
N VAL D 119 -30.80 -6.14 -54.86
CA VAL D 119 -30.68 -7.17 -53.83
C VAL D 119 -29.24 -7.47 -53.47
N ALA D 120 -28.85 -7.17 -52.23
CA ALA D 120 -27.57 -7.62 -51.67
C ALA D 120 -27.83 -8.38 -50.39
N MET D 121 -27.45 -9.65 -50.37
CA MET D 121 -27.69 -10.58 -49.29
C MET D 121 -26.35 -11.05 -48.74
N VAL D 122 -26.31 -11.30 -47.42
CA VAL D 122 -25.15 -11.91 -46.77
C VAL D 122 -25.48 -13.34 -46.33
N GLY D 123 -24.53 -14.25 -46.54
CA GLY D 123 -24.75 -15.64 -46.21
C GLY D 123 -24.75 -16.05 -44.75
N HIS D 124 -25.60 -15.44 -43.91
CA HIS D 124 -25.86 -15.88 -42.54
C HIS D 124 -26.72 -17.14 -42.40
N THR D 125 -26.12 -18.25 -42.79
CA THR D 125 -26.81 -19.54 -42.89
C THR D 125 -27.55 -19.98 -41.63
N ARG D 126 -27.10 -19.54 -40.44
CA ARG D 126 -27.81 -19.90 -39.21
C ARG D 126 -29.25 -19.43 -39.21
N ARG D 127 -29.54 -18.31 -39.89
CA ARG D 127 -30.94 -17.89 -40.05
C ARG D 127 -31.75 -18.94 -40.82
N PHE D 128 -31.12 -19.74 -41.67
CA PHE D 128 -31.88 -20.62 -42.54
C PHE D 128 -31.88 -22.09 -42.09
N ASN D 129 -31.06 -22.48 -41.13
CA ASN D 129 -31.16 -23.86 -40.63
C ASN D 129 -32.52 -24.16 -39.99
N PRO D 130 -33.14 -25.29 -40.31
CA PRO D 130 -34.48 -25.59 -39.75
C PRO D 130 -34.53 -25.58 -38.22
N SER D 131 -33.48 -26.03 -37.53
CA SER D 131 -33.46 -26.00 -36.07
C SER D 131 -33.58 -24.58 -35.51
N HIS D 132 -32.87 -23.64 -36.12
CA HIS D 132 -32.95 -22.25 -35.72
C HIS D 132 -34.24 -21.61 -36.19
N GLN D 133 -34.72 -21.98 -37.37
CA GLN D 133 -36.03 -21.50 -37.79
C GLN D 133 -37.13 -21.95 -36.83
N TRP D 134 -37.08 -23.19 -36.35
CA TRP D 134 -38.03 -23.65 -35.36
C TRP D 134 -38.00 -22.78 -34.12
N VAL D 135 -36.80 -22.51 -33.60
CA VAL D 135 -36.71 -21.65 -32.44
C VAL D 135 -37.22 -20.24 -32.75
N HIS D 136 -36.86 -19.69 -33.92
CA HIS D 136 -37.29 -18.35 -34.28
C HIS D 136 -38.82 -18.27 -34.32
N LYS D 137 -39.44 -19.25 -34.95
CA LYS D 137 -40.90 -19.32 -35.02
C LYS D 137 -41.55 -19.45 -33.65
N LYS D 138 -40.93 -20.18 -32.73
CA LYS D 138 -41.44 -20.24 -31.35
C LYS D 138 -41.36 -18.90 -30.66
N ILE D 139 -40.28 -18.17 -30.90
CA ILE D 139 -40.13 -16.83 -30.33
C ILE D 139 -41.17 -15.88 -30.91
N GLU D 140 -41.32 -15.89 -32.23
CA GLU D 140 -42.32 -15.04 -32.89
C GLU D 140 -43.75 -15.32 -32.42
N ALA D 141 -44.08 -16.57 -32.11
CA ALA D 141 -45.37 -17.00 -31.56
C ALA D 141 -45.55 -16.65 -30.08
N GLY D 142 -44.53 -16.10 -29.40
CA GLY D 142 -44.63 -15.82 -27.98
C GLY D 142 -44.59 -17.02 -27.06
N GLU D 143 -44.15 -18.14 -27.57
CA GLU D 143 -44.07 -19.37 -26.81
C GLU D 143 -42.73 -19.54 -26.11
N PHE D 144 -41.74 -18.71 -26.47
CA PHE D 144 -40.38 -18.83 -25.93
C PHE D 144 -39.72 -17.45 -25.85
N ASN D 145 -39.03 -17.18 -24.73
CA ASN D 145 -38.18 -16.00 -24.62
C ASN D 145 -36.79 -16.45 -24.20
N ILE D 146 -35.77 -16.00 -24.93
CA ILE D 146 -34.37 -16.31 -24.63
C ILE D 146 -33.89 -15.63 -23.35
N GLN D 147 -33.39 -16.42 -22.40
CA GLN D 147 -32.64 -15.86 -21.29
C GLN D 147 -31.12 -15.86 -21.52
N GLN D 148 -30.55 -16.97 -21.99
CA GLN D 148 -29.12 -17.05 -22.29
C GLN D 148 -28.88 -17.99 -23.49
N MET D 149 -27.98 -17.59 -24.38
CA MET D 149 -27.40 -18.47 -25.42
C MET D 149 -25.94 -18.74 -25.08
N ASP D 150 -25.57 -20.02 -24.96
CA ASP D 150 -24.19 -20.42 -24.74
C ASP D 150 -23.61 -21.15 -25.98
N VAL D 151 -22.55 -20.62 -26.59
CA VAL D 151 -22.10 -21.06 -27.91
C VAL D 151 -20.60 -21.42 -27.96
N GLN D 152 -20.26 -22.54 -28.64
CA GLN D 152 -18.87 -22.96 -28.88
C GLN D 152 -18.65 -23.10 -30.40
N THR D 153 -17.67 -22.35 -30.95
CA THR D 153 -17.22 -22.51 -32.34
C THR D 153 -15.75 -22.93 -32.38
N TYR D 154 -15.53 -24.22 -32.66
CA TYR D 154 -14.24 -24.89 -32.50
C TYR D 154 -13.72 -25.57 -33.76
N PHE D 155 -12.44 -25.36 -34.08
CA PHE D 155 -11.81 -26.10 -35.17
C PHE D 155 -10.44 -26.52 -34.66
N PHE D 156 -9.80 -27.50 -35.31
CA PHE D 156 -8.39 -27.75 -35.04
C PHE D 156 -7.70 -27.22 -36.29
N ARG D 157 -7.20 -25.98 -36.22
CA ARG D 157 -6.74 -25.26 -37.40
C ARG D 157 -5.49 -24.41 -37.11
N ARG D 158 -4.36 -25.09 -36.93
CA ARG D 158 -3.05 -24.48 -36.71
C ARG D 158 -2.32 -24.26 -38.03
N THR D 159 -2.97 -24.66 -39.11
CA THR D 159 -2.63 -24.54 -40.51
C THR D 159 -3.89 -23.98 -41.16
N ASN D 160 -3.69 -23.33 -42.28
CA ASN D 160 -4.69 -22.63 -43.09
C ASN D 160 -5.46 -23.64 -43.93
N MET D 161 -6.25 -24.45 -43.22
CA MET D 161 -7.05 -25.54 -43.77
C MET D 161 -8.55 -25.22 -43.70
N ASN D 162 -9.31 -25.63 -44.72
CA ASN D 162 -10.77 -25.54 -44.68
C ASN D 162 -11.38 -26.63 -43.80
N ALA D 163 -12.71 -26.56 -43.65
CA ALA D 163 -13.49 -27.52 -42.86
C ALA D 163 -13.41 -28.95 -43.38
N LEU D 164 -12.93 -29.16 -44.59
CA LEU D 164 -12.73 -30.50 -45.12
C LEU D 164 -11.29 -30.96 -44.94
N GLY D 165 -10.50 -30.20 -44.20
CA GLY D 165 -9.12 -30.55 -43.99
C GLY D 165 -8.18 -30.24 -45.14
N GLN D 166 -8.62 -29.46 -46.14
CA GLN D 166 -7.69 -29.13 -47.22
C GLN D 166 -7.02 -27.80 -46.92
N ALA D 167 -5.76 -27.65 -47.35
CA ALA D 167 -5.11 -26.36 -47.17
C ALA D 167 -5.78 -25.22 -47.91
N ARG D 168 -6.02 -24.11 -47.20
CA ARG D 168 -6.44 -22.85 -47.77
C ARG D 168 -5.23 -22.01 -48.18
N SER D 169 -5.44 -21.18 -49.19
CA SER D 169 -4.50 -20.15 -49.60
C SER D 169 -4.66 -18.82 -48.86
N TRP D 170 -5.64 -18.70 -47.97
CA TRP D 170 -5.94 -17.47 -47.25
C TRP D 170 -6.11 -17.73 -45.76
N THR D 171 -5.95 -16.68 -44.95
CA THR D 171 -6.09 -16.79 -43.49
C THR D 171 -7.48 -16.34 -43.04
N ASP D 172 -8.11 -17.18 -42.22
CA ASP D 172 -9.42 -17.06 -41.61
C ASP D 172 -9.31 -16.15 -40.37
N HIS D 173 -10.44 -15.87 -39.69
CA HIS D 173 -10.40 -14.90 -38.59
C HIS D 173 -11.55 -15.26 -37.64
N LEU D 174 -11.22 -15.48 -36.36
CA LEU D 174 -12.20 -15.87 -35.35
C LEU D 174 -13.33 -14.85 -35.16
N LEU D 175 -12.99 -13.57 -35.12
CA LEU D 175 -13.93 -12.46 -35.00
C LEU D 175 -14.82 -12.21 -36.22
N TRP D 176 -14.23 -11.77 -37.33
CA TRP D 176 -15.05 -11.31 -38.45
C TRP D 176 -15.81 -12.44 -39.12
N HIS D 177 -15.22 -13.63 -39.22
CA HIS D 177 -15.92 -14.75 -39.85
C HIS D 177 -16.69 -15.62 -38.86
N HIS D 178 -16.13 -15.92 -37.73
CA HIS D 178 -16.77 -16.93 -36.90
C HIS D 178 -17.66 -16.29 -35.85
N ALA D 179 -17.24 -15.20 -35.23
CA ALA D 179 -18.13 -14.54 -34.26
C ALA D 179 -19.36 -13.92 -34.92
N ALA D 180 -19.24 -13.47 -36.18
CA ALA D 180 -20.38 -12.93 -36.94
C ALA D 180 -21.62 -13.82 -36.96
N HIS D 181 -21.45 -15.15 -37.06
CA HIS D 181 -22.63 -16.01 -37.00
C HIS D 181 -23.40 -15.82 -35.70
N THR D 182 -22.70 -15.79 -34.57
CA THR D 182 -23.42 -15.73 -33.30
C THR D 182 -23.85 -14.33 -32.94
N VAL D 183 -23.03 -13.32 -33.19
CA VAL D 183 -23.46 -11.96 -32.89
C VAL D 183 -24.76 -11.63 -33.61
N ASP D 184 -24.81 -11.93 -34.91
CA ASP D 184 -26.05 -11.73 -35.66
C ASP D 184 -27.18 -12.61 -35.12
N LEU D 185 -26.94 -13.92 -35.00
CA LEU D 185 -28.00 -14.81 -34.55
C LEU D 185 -28.54 -14.46 -33.16
N PHE D 186 -27.67 -14.02 -32.23
CA PHE D 186 -28.14 -13.60 -30.90
C PHE D 186 -29.08 -12.41 -31.02
N ALA D 187 -28.65 -11.36 -31.70
CA ALA D 187 -29.56 -10.21 -31.82
C ALA D 187 -30.85 -10.59 -32.53
N TYR D 188 -30.74 -11.40 -33.58
CA TYR D 188 -31.88 -11.84 -34.36
C TYR D 188 -32.88 -12.66 -33.53
N GLN D 189 -32.41 -13.71 -32.84
CA GLN D 189 -33.28 -14.57 -32.04
C GLN D 189 -33.80 -13.87 -30.79
N ALA D 190 -32.98 -13.01 -30.17
CA ALA D 190 -33.45 -12.22 -29.03
C ALA D 190 -34.46 -11.16 -29.45
N GLY D 191 -34.56 -10.84 -30.74
CA GLY D 191 -35.44 -9.76 -31.14
C GLY D 191 -35.07 -8.42 -30.55
N SER D 192 -33.80 -8.22 -30.18
CA SER D 192 -33.44 -7.06 -29.41
C SER D 192 -32.00 -6.69 -29.72
N PRO D 193 -31.69 -5.41 -29.84
CA PRO D 193 -30.31 -4.99 -30.12
C PRO D 193 -29.32 -5.30 -29.00
N ILE D 194 -28.08 -5.55 -29.41
CA ILE D 194 -26.98 -5.69 -28.46
C ILE D 194 -26.60 -4.34 -27.87
N VAL D 195 -26.53 -4.29 -26.54
CA VAL D 195 -26.24 -3.07 -25.80
C VAL D 195 -24.96 -3.18 -24.99
N LYS D 196 -24.40 -4.37 -24.81
CA LYS D 196 -23.10 -4.51 -24.21
C LYS D 196 -22.36 -5.66 -24.89
N ALA D 197 -21.10 -5.44 -25.26
CA ALA D 197 -20.30 -6.52 -25.81
C ALA D 197 -18.88 -6.41 -25.27
N ASN D 198 -18.30 -7.53 -24.84
CA ASN D 198 -16.92 -7.62 -24.36
C ASN D 198 -16.24 -8.87 -24.95
N ALA D 199 -14.99 -8.72 -25.35
CA ALA D 199 -14.16 -9.83 -25.78
C ALA D 199 -12.78 -9.82 -25.14
N VAL D 200 -12.21 -10.99 -24.95
CA VAL D 200 -10.77 -11.07 -24.69
C VAL D 200 -10.22 -12.13 -25.62
N GLN D 201 -8.96 -11.95 -26.02
CA GLN D 201 -8.32 -12.89 -26.94
C GLN D 201 -6.97 -13.31 -26.37
N GLY D 202 -6.53 -14.51 -26.77
CA GLY D 202 -5.20 -14.98 -26.51
C GLY D 202 -4.13 -14.36 -27.42
N PRO D 203 -2.90 -14.88 -27.28
CA PRO D 203 -1.77 -14.40 -28.07
C PRO D 203 -1.92 -14.64 -29.57
N ILE D 204 -1.32 -13.73 -30.34
CA ILE D 204 -1.23 -13.83 -31.80
C ILE D 204 -0.28 -14.97 -32.16
N HIS D 205 -0.74 -15.86 -33.04
CA HIS D 205 0.06 -17.00 -33.51
C HIS D 205 1.22 -16.58 -34.40
N LYS D 206 2.43 -17.00 -33.97
CA LYS D 206 3.67 -16.61 -34.63
C LYS D 206 3.64 -16.82 -36.14
N ASP D 207 3.07 -17.93 -36.63
CA ASP D 207 3.16 -18.18 -38.08
C ASP D 207 1.93 -17.71 -38.85
N LEU D 208 0.77 -17.58 -38.21
CA LEU D 208 -0.47 -17.23 -38.90
C LEU D 208 -0.87 -15.76 -38.73
N GLY D 209 -0.38 -15.09 -37.69
CA GLY D 209 -0.71 -13.71 -37.47
C GLY D 209 -2.12 -13.42 -36.99
N ILE D 210 -2.82 -14.43 -36.45
CA ILE D 210 -4.18 -14.27 -35.97
C ILE D 210 -4.28 -14.85 -34.56
N ALA D 211 -5.28 -14.40 -33.81
CA ALA D 211 -5.62 -15.03 -32.54
C ALA D 211 -6.20 -16.44 -32.73
N MET D 212 -5.78 -17.38 -31.88
CA MET D 212 -6.25 -18.76 -31.91
C MET D 212 -7.41 -19.04 -30.94
N ASP D 213 -7.68 -18.16 -29.98
CA ASP D 213 -8.74 -18.27 -28.97
C ASP D 213 -9.35 -16.89 -28.71
N MET D 214 -10.66 -16.86 -28.51
CA MET D 214 -11.38 -15.61 -28.30
C MET D 214 -12.61 -15.91 -27.44
N SER D 215 -12.98 -14.96 -26.58
CA SER D 215 -14.19 -15.09 -25.78
C SER D 215 -15.06 -13.86 -25.94
N ILE D 216 -16.33 -14.03 -26.25
CA ILE D 216 -17.21 -12.89 -26.46
C ILE D 216 -18.41 -13.04 -25.53
N GLN D 217 -18.81 -11.93 -24.91
CA GLN D 217 -20.03 -11.85 -24.11
C GLN D 217 -20.93 -10.73 -24.62
N LEU D 218 -22.20 -11.03 -24.81
CA LEU D 218 -23.20 -10.08 -25.28
C LEU D 218 -24.37 -9.95 -24.31
N LYS D 219 -24.95 -8.74 -24.27
CA LYS D 219 -26.20 -8.47 -23.58
C LYS D 219 -27.13 -7.70 -24.52
N ALA D 220 -28.35 -8.19 -24.71
CA ALA D 220 -29.40 -7.49 -25.45
C ALA D 220 -30.10 -6.47 -24.57
N ALA D 221 -30.70 -5.47 -25.22
CA ALA D 221 -31.40 -4.41 -24.49
C ALA D 221 -32.50 -4.97 -23.58
N ASN D 222 -33.18 -6.03 -23.99
CA ASN D 222 -34.17 -6.71 -23.16
C ASN D 222 -33.58 -7.57 -22.02
N GLY D 223 -32.25 -7.65 -21.87
CA GLY D 223 -31.63 -8.38 -20.79
C GLY D 223 -31.15 -9.80 -21.10
N ALA D 224 -31.53 -10.38 -22.24
CA ALA D 224 -30.96 -11.68 -22.65
C ALA D 224 -29.44 -11.58 -22.77
N ILE D 225 -28.74 -12.66 -22.44
CA ILE D 225 -27.28 -12.68 -22.55
C ILE D 225 -26.82 -13.83 -23.47
N CYS D 226 -25.65 -13.65 -24.06
CA CYS D 226 -24.96 -14.67 -24.85
C CYS D 226 -23.52 -14.82 -24.42
N THR D 227 -23.06 -16.05 -24.26
CA THR D 227 -21.65 -16.37 -24.09
C THR D 227 -21.13 -17.14 -25.30
N LEU D 228 -20.02 -16.70 -25.89
CA LEU D 228 -19.44 -17.34 -27.08
C LEU D 228 -17.96 -17.67 -26.83
N SER D 229 -17.60 -18.95 -26.89
CA SER D 229 -16.20 -19.40 -26.88
C SER D 229 -15.75 -19.78 -28.30
N LEU D 230 -14.66 -19.18 -28.80
CA LEU D 230 -14.08 -19.55 -30.10
C LEU D 230 -12.66 -20.05 -29.99
N SER D 231 -12.35 -21.06 -30.80
CA SER D 231 -11.01 -21.62 -30.84
C SER D 231 -10.65 -22.26 -32.18
N PHE D 232 -9.42 -22.00 -32.63
CA PHE D 232 -8.76 -22.78 -33.67
C PHE D 232 -7.80 -23.82 -33.10
N ASN D 233 -7.71 -23.95 -31.76
CA ASN D 233 -6.92 -24.93 -31.01
C ASN D 233 -7.67 -26.17 -30.50
N ASN D 234 -8.99 -26.28 -30.70
CA ASN D 234 -9.83 -27.36 -30.15
C ASN D 234 -9.57 -28.65 -30.93
N ASP D 235 -8.81 -29.57 -30.35
CA ASP D 235 -8.67 -30.92 -30.90
C ASP D 235 -9.78 -31.94 -30.61
N GLY D 236 -10.94 -31.70 -31.24
CA GLY D 236 -12.11 -32.54 -31.08
C GLY D 236 -13.06 -32.32 -32.25
N PRO D 237 -14.32 -32.74 -32.08
CA PRO D 237 -15.37 -32.44 -33.08
C PRO D 237 -15.46 -30.95 -33.37
N LEU D 238 -15.37 -30.63 -34.64
CA LEU D 238 -15.34 -29.28 -35.19
C LEU D 238 -16.73 -28.75 -35.50
N GLY D 239 -16.89 -27.46 -35.32
CA GLY D 239 -18.09 -26.76 -35.69
C GLY D 239 -18.64 -25.97 -34.54
N THR D 240 -19.90 -25.57 -34.70
CA THR D 240 -20.68 -24.84 -33.72
C THR D 240 -21.85 -25.59 -33.09
N PHE D 241 -21.93 -25.50 -31.78
CA PHE D 241 -22.98 -26.05 -30.92
C PHE D 241 -23.65 -24.90 -30.23
N PHE D 242 -24.99 -24.82 -30.34
CA PHE D 242 -25.76 -23.75 -29.74
C PHE D 242 -26.68 -24.31 -28.64
N ARG D 243 -26.63 -23.68 -27.48
CA ARG D 243 -27.57 -23.90 -26.39
C ARG D 243 -28.45 -22.68 -26.14
N TYR D 244 -29.74 -22.82 -26.44
CA TYR D 244 -30.79 -21.86 -26.08
C TYR D 244 -31.35 -22.17 -24.69
N ILE D 245 -31.11 -21.30 -23.68
CA ILE D 245 -31.77 -21.44 -22.39
C ILE D 245 -32.88 -20.41 -22.30
N GLY D 246 -34.14 -20.84 -22.36
CA GLY D 246 -35.26 -19.92 -22.25
C GLY D 246 -36.21 -20.14 -21.10
N ASP D 247 -37.29 -19.35 -21.12
CA ASP D 247 -38.31 -19.44 -20.08
C ASP D 247 -39.10 -20.74 -20.17
N THR D 248 -39.35 -21.24 -21.37
CA THR D 248 -40.17 -22.42 -21.52
C THR D 248 -39.34 -23.65 -21.84
N GLY D 249 -38.04 -23.51 -22.08
CA GLY D 249 -37.33 -24.74 -22.36
C GLY D 249 -35.86 -24.47 -22.57
N THR D 250 -35.15 -25.54 -22.90
CA THR D 250 -33.76 -25.43 -23.29
C THR D 250 -33.66 -26.24 -24.55
N TYR D 251 -32.97 -25.69 -25.54
CA TYR D 251 -32.78 -26.37 -26.81
C TYR D 251 -31.32 -26.36 -27.23
N LEU D 252 -30.89 -27.48 -27.79
CA LEU D 252 -29.52 -27.69 -28.26
C LEU D 252 -29.59 -27.88 -29.77
N ALA D 253 -29.12 -26.89 -30.53
CA ALA D 253 -29.03 -26.99 -31.97
C ALA D 253 -27.61 -27.37 -32.38
N ARG D 254 -27.50 -28.42 -33.17
CA ARG D 254 -26.24 -28.87 -33.72
C ARG D 254 -26.48 -29.04 -35.21
N TYR D 255 -26.16 -28.00 -35.99
CA TYR D 255 -26.56 -27.93 -37.39
C TYR D 255 -28.06 -28.14 -37.60
N ASP D 256 -28.43 -29.19 -38.32
CA ASP D 256 -29.84 -29.38 -38.60
C ASP D 256 -30.57 -30.19 -37.54
N ASP D 257 -29.87 -30.80 -36.59
CA ASP D 257 -30.57 -31.49 -35.52
C ASP D 257 -30.88 -30.53 -34.39
N LEU D 258 -32.04 -30.75 -33.77
CA LEU D 258 -32.44 -29.98 -32.60
C LEU D 258 -32.86 -30.98 -31.53
N TYR D 259 -32.46 -30.69 -30.28
CA TYR D 259 -32.82 -31.49 -29.11
C TYR D 259 -33.26 -30.60 -27.95
N THR D 260 -34.03 -31.17 -27.03
CA THR D 260 -34.23 -30.51 -25.75
C THR D 260 -32.95 -30.55 -24.92
N GLY D 261 -32.94 -29.77 -23.83
CA GLY D 261 -31.84 -29.86 -22.87
C GLY D 261 -31.76 -31.21 -22.20
N LYS D 262 -32.72 -32.08 -22.48
CA LYS D 262 -32.66 -33.44 -22.01
C LYS D 262 -32.35 -34.32 -23.22
N ASP D 263 -31.90 -33.67 -24.31
CA ASP D 263 -31.53 -34.32 -25.58
C ASP D 263 -32.67 -35.08 -26.26
N GLU D 264 -33.94 -34.74 -26.02
CA GLU D 264 -34.97 -35.37 -26.84
C GLU D 264 -35.00 -34.64 -28.17
N LYS D 265 -34.85 -35.42 -29.22
CA LYS D 265 -34.83 -34.90 -30.59
C LYS D 265 -36.19 -34.31 -30.93
N ILE D 266 -36.18 -33.12 -31.50
CA ILE D 266 -37.36 -32.47 -32.03
C ILE D 266 -37.37 -32.69 -33.54
N ASP D 267 -38.51 -33.10 -34.08
CA ASP D 267 -38.65 -33.22 -35.53
C ASP D 267 -38.81 -31.85 -36.20
N VAL D 268 -37.76 -31.41 -36.89
CA VAL D 268 -37.74 -30.16 -37.66
C VAL D 268 -37.93 -30.35 -39.17
N SER D 269 -38.11 -31.56 -39.68
CA SER D 269 -38.23 -31.71 -41.13
C SER D 269 -39.44 -31.04 -41.81
N GLN D 270 -40.50 -30.75 -41.07
CA GLN D 270 -41.71 -30.03 -41.50
C GLN D 270 -41.54 -28.51 -41.58
N VAL D 271 -40.42 -27.97 -41.10
CA VAL D 271 -40.28 -26.53 -40.90
C VAL D 271 -40.06 -25.82 -42.22
N ASP D 272 -39.36 -26.45 -43.15
CA ASP D 272 -38.96 -25.83 -44.40
C ASP D 272 -38.95 -26.93 -45.45
N VAL D 273 -38.92 -26.51 -46.71
CA VAL D 273 -39.01 -27.47 -47.81
C VAL D 273 -37.75 -28.30 -47.98
N SER D 274 -36.65 -27.90 -47.34
CA SER D 274 -35.37 -28.59 -47.37
C SER D 274 -34.74 -28.55 -45.98
N MET D 275 -33.99 -29.58 -45.66
CA MET D 275 -33.18 -29.60 -44.46
C MET D 275 -31.80 -28.97 -44.67
N ASN D 276 -31.47 -28.49 -45.89
CA ASN D 276 -30.16 -27.90 -46.16
C ASN D 276 -30.27 -26.38 -46.08
N GLY D 277 -29.65 -25.80 -45.04
CA GLY D 277 -29.67 -24.37 -44.86
C GLY D 277 -29.07 -23.55 -46.00
N ILE D 278 -28.07 -24.09 -46.70
CA ILE D 278 -27.52 -23.35 -47.84
C ILE D 278 -28.51 -23.28 -48.98
N GLU D 279 -29.23 -24.37 -49.21
CA GLU D 279 -30.25 -24.36 -50.24
C GLU D 279 -31.37 -23.39 -49.88
N LEU D 280 -31.80 -23.37 -48.62
CA LEU D 280 -32.85 -22.45 -48.18
C LEU D 280 -32.40 -20.98 -48.27
N GLN D 281 -31.14 -20.71 -47.93
CA GLN D 281 -30.53 -19.39 -48.11
C GLN D 281 -30.57 -18.94 -49.60
N ASP D 282 -30.18 -19.84 -50.51
CA ASP D 282 -30.20 -19.48 -51.93
C ASP D 282 -31.62 -19.30 -52.43
N ARG D 283 -32.54 -20.14 -51.96
CA ARG D 283 -33.96 -19.96 -52.27
C ARG D 283 -34.46 -18.59 -51.84
N GLU D 284 -34.11 -18.15 -50.64
CA GLU D 284 -34.53 -16.82 -50.20
C GLU D 284 -33.98 -15.72 -51.10
N PHE D 285 -32.70 -15.82 -51.46
CA PHE D 285 -32.09 -14.83 -52.37
C PHE D 285 -32.82 -14.75 -53.72
N PHE D 286 -33.07 -15.92 -54.33
CA PHE D 286 -33.73 -15.94 -55.63
C PHE D 286 -35.20 -15.56 -55.52
N ALA D 287 -35.85 -15.89 -54.40
CA ALA D 287 -37.21 -15.42 -54.19
C ALA D 287 -37.29 -13.90 -54.09
N ALA D 288 -36.40 -13.30 -53.30
CA ALA D 288 -36.39 -11.84 -53.20
C ALA D 288 -36.16 -11.18 -54.56
N ILE D 289 -35.25 -11.75 -55.35
CA ILE D 289 -35.05 -11.24 -56.71
C ILE D 289 -36.31 -11.39 -57.57
N ARG D 290 -36.94 -12.58 -57.57
CA ARG D 290 -38.12 -12.80 -58.43
C ARG D 290 -39.30 -11.92 -58.03
N GLU D 291 -39.45 -11.69 -56.74
CA GLU D 291 -40.56 -10.97 -56.16
C GLU D 291 -40.29 -9.48 -56.01
N GLY D 292 -39.05 -9.05 -56.20
CA GLY D 292 -38.71 -7.65 -56.02
C GLY D 292 -38.86 -7.18 -54.59
N ARG D 293 -38.52 -8.04 -53.62
CA ARG D 293 -38.60 -7.74 -52.19
C ARG D 293 -37.21 -7.83 -51.56
N GLU D 294 -37.08 -7.28 -50.36
CA GLU D 294 -35.88 -7.50 -49.54
C GLU D 294 -35.74 -8.96 -49.06
N PRO D 295 -34.57 -9.56 -49.19
CA PRO D 295 -34.38 -10.88 -48.59
C PRO D 295 -34.18 -10.77 -47.08
N ASN D 296 -34.56 -11.83 -46.39
CA ASN D 296 -34.04 -12.15 -45.06
C ASN D 296 -32.52 -12.25 -45.13
N SER D 297 -31.84 -11.64 -44.16
CA SER D 297 -30.38 -11.52 -44.16
C SER D 297 -29.83 -10.59 -45.21
N SER D 298 -30.62 -9.57 -45.57
CA SER D 298 -30.13 -8.46 -46.36
C SER D 298 -29.00 -7.72 -45.62
N VAL D 299 -28.13 -7.05 -46.39
CA VAL D 299 -27.04 -6.27 -45.80
C VAL D 299 -27.58 -5.30 -44.75
N GLN D 300 -28.74 -4.72 -45.01
CA GLN D 300 -29.36 -3.84 -44.03
C GLN D 300 -29.76 -4.59 -42.76
N GLN D 301 -30.33 -5.80 -42.88
CA GLN D 301 -30.73 -6.53 -41.68
C GLN D 301 -29.55 -6.94 -40.81
N VAL D 302 -28.43 -7.38 -41.42
CA VAL D 302 -27.27 -7.91 -40.72
C VAL D 302 -26.22 -6.86 -40.31
N PHE D 303 -26.29 -5.64 -40.84
CA PHE D 303 -25.26 -4.63 -40.64
C PHE D 303 -24.91 -4.35 -39.15
N ASN D 304 -25.87 -4.44 -38.23
CA ASN D 304 -25.54 -4.24 -36.81
C ASN D 304 -24.58 -5.28 -36.27
N CYS D 305 -24.59 -6.50 -36.84
CA CYS D 305 -23.56 -7.46 -36.47
C CYS D 305 -22.18 -6.91 -36.71
N TYR D 306 -21.99 -6.27 -37.87
CA TYR D 306 -20.69 -5.69 -38.23
C TYR D 306 -20.34 -4.47 -37.39
N LYS D 307 -21.33 -3.70 -36.94
CA LYS D 307 -21.01 -2.64 -35.98
C LYS D 307 -20.51 -3.18 -34.63
N VAL D 308 -21.21 -4.20 -34.09
CA VAL D 308 -20.79 -4.79 -32.82
C VAL D 308 -19.41 -5.40 -32.93
N LEU D 309 -19.14 -6.11 -34.05
CA LEU D 309 -17.83 -6.70 -34.31
C LEU D 309 -16.72 -5.65 -34.36
N HIS D 310 -16.99 -4.51 -35.00
CA HIS D 310 -16.02 -3.42 -35.01
C HIS D 310 -15.70 -2.94 -33.59
N ASP D 311 -16.74 -2.78 -32.78
CA ASP D 311 -16.50 -2.37 -31.40
C ASP D 311 -15.64 -3.39 -30.65
N LEU D 312 -15.90 -4.68 -30.90
CA LEU D 312 -15.11 -5.75 -30.30
C LEU D 312 -13.65 -5.72 -30.74
N GLU D 313 -13.41 -5.47 -32.02
CA GLU D 313 -12.03 -5.31 -32.49
C GLU D 313 -11.35 -4.14 -31.80
N GLN D 314 -12.05 -3.01 -31.65
CA GLN D 314 -11.46 -1.88 -30.95
C GLN D 314 -11.15 -2.20 -29.48
N GLN D 315 -12.03 -2.94 -28.84
CA GLN D 315 -11.79 -3.40 -27.47
C GLN D 315 -10.55 -4.28 -27.39
N LEU D 316 -10.44 -5.27 -28.27
CA LEU D 316 -9.31 -6.19 -28.23
C LEU D 316 -7.97 -5.50 -28.49
N ASN D 317 -7.95 -4.38 -29.22
CA ASN D 317 -6.71 -3.63 -29.44
C ASN D 317 -6.41 -2.69 -28.28
N LYS E 3 28.10 -6.03 -27.47
CA LYS E 3 26.68 -6.34 -27.66
C LYS E 3 25.81 -5.12 -27.84
N THR E 4 24.94 -5.18 -28.85
CA THR E 4 23.91 -4.18 -29.00
C THR E 4 22.94 -4.24 -27.83
N ILE E 5 22.70 -3.09 -27.20
CA ILE E 5 21.69 -2.98 -26.15
C ILE E 5 20.31 -2.87 -26.81
N LYS E 6 19.43 -3.79 -26.47
CA LYS E 6 18.06 -3.78 -26.97
C LYS E 6 17.10 -3.09 -26.01
N VAL E 7 16.31 -2.15 -26.54
CA VAL E 7 15.47 -1.29 -25.72
C VAL E 7 14.00 -1.52 -26.09
N ALA E 8 13.14 -1.61 -25.10
CA ALA E 8 11.71 -1.39 -25.28
C ALA E 8 11.38 0.03 -24.83
N LEU E 9 10.61 0.75 -25.63
CA LEU E 9 10.13 2.07 -25.24
C LEU E 9 8.62 1.99 -25.09
N ALA E 10 8.13 2.45 -23.94
CA ALA E 10 6.71 2.51 -23.57
C ALA E 10 6.22 3.96 -23.58
N GLY E 11 5.22 4.24 -24.42
CA GLY E 11 4.63 5.56 -24.53
C GLY E 11 5.19 6.35 -25.70
N ALA E 12 4.60 6.14 -26.87
CA ALA E 12 4.91 6.87 -28.10
C ALA E 12 4.35 8.29 -28.17
N GLY E 13 4.27 9.01 -27.05
CA GLY E 13 3.86 10.39 -27.04
C GLY E 13 4.99 11.32 -27.47
N ALA E 14 4.79 12.61 -27.19
CA ALA E 14 5.73 13.69 -27.55
C ALA E 14 7.15 13.49 -27.02
N PHE E 15 7.28 13.03 -25.75
CA PHE E 15 8.60 12.76 -25.21
C PHE E 15 9.15 11.42 -25.68
N GLY E 16 8.30 10.41 -25.77
CA GLY E 16 8.75 9.17 -26.38
C GLY E 16 9.32 9.41 -27.77
N ILE E 17 8.66 10.25 -28.57
CA ILE E 17 9.19 10.63 -29.87
C ILE E 17 10.54 11.34 -29.75
N LYS E 18 10.70 12.25 -28.79
CA LYS E 18 12.01 12.90 -28.62
C LYS E 18 13.10 11.89 -28.26
N HIS E 19 12.78 10.90 -27.43
CA HIS E 19 13.76 9.83 -27.17
C HIS E 19 14.09 9.04 -28.43
N LEU E 20 13.09 8.65 -29.22
CA LEU E 20 13.39 7.94 -30.48
C LEU E 20 14.28 8.77 -31.42
N ASP E 21 14.01 10.07 -31.51
CA ASP E 21 14.85 10.95 -32.33
C ASP E 21 16.27 11.05 -31.79
N GLY E 22 16.44 11.04 -30.47
CA GLY E 22 17.78 11.06 -29.90
C GLY E 22 18.51 9.74 -30.13
N ILE E 23 17.84 8.63 -29.83
CA ILE E 23 18.43 7.30 -29.93
C ILE E 23 18.89 7.00 -31.34
N LYS E 24 18.22 7.55 -32.37
CA LYS E 24 18.75 7.34 -33.71
C LYS E 24 20.23 7.73 -33.85
N ASN E 25 20.75 8.63 -33.03
CA ASN E 25 22.15 9.06 -33.08
C ASN E 25 23.08 8.29 -32.15
N ILE E 26 22.62 7.27 -31.43
CA ILE E 26 23.44 6.56 -30.44
C ILE E 26 23.79 5.15 -30.92
N ASP E 27 25.07 4.95 -31.23
CA ASP E 27 25.62 3.65 -31.66
C ASP E 27 25.50 2.55 -30.59
N GLY E 28 25.27 1.33 -31.06
CA GLY E 28 25.15 0.13 -30.24
C GLY E 28 23.93 0.07 -29.36
N VAL E 29 22.89 0.80 -29.74
CA VAL E 29 21.58 0.73 -29.11
C VAL E 29 20.58 0.52 -30.22
N GLU E 30 19.58 -0.31 -29.96
CA GLU E 30 18.53 -0.59 -30.92
C GLU E 30 17.23 -0.71 -30.15
N VAL E 31 16.23 0.05 -30.58
CA VAL E 31 14.87 -0.07 -30.06
C VAL E 31 14.17 -1.22 -30.79
N VAL E 32 13.91 -2.30 -30.07
CA VAL E 32 13.30 -3.49 -30.67
C VAL E 32 11.80 -3.60 -30.40
N SER E 33 11.28 -2.97 -29.34
CA SER E 33 9.87 -3.03 -28.98
C SER E 33 9.32 -1.65 -28.65
N LEU E 34 8.12 -1.35 -29.17
CA LEU E 34 7.37 -0.16 -28.82
C LEU E 34 6.03 -0.53 -28.17
N VAL E 35 5.78 0.01 -26.98
CA VAL E 35 4.56 -0.19 -26.20
C VAL E 35 3.77 1.12 -26.20
N GLY E 36 2.46 1.03 -26.48
CA GLY E 36 1.58 2.19 -26.42
C GLY E 36 0.12 1.81 -26.26
N ARG E 37 -0.66 2.78 -25.76
CA ARG E 37 -2.04 2.47 -25.36
C ARG E 37 -2.95 2.03 -26.52
N ARG E 38 -2.69 2.45 -27.76
CA ARG E 38 -3.59 2.17 -28.90
C ARG E 38 -2.81 1.54 -30.03
N PHE E 39 -3.14 0.27 -30.33
CA PHE E 39 -2.38 -0.54 -31.28
C PHE E 39 -2.13 0.18 -32.60
N ASP E 40 -3.17 0.73 -33.24
CA ASP E 40 -2.95 1.34 -34.55
C ASP E 40 -1.96 2.49 -34.51
N GLN E 41 -2.05 3.36 -33.49
CA GLN E 41 -1.12 4.48 -33.38
C GLN E 41 0.30 4.03 -33.05
N THR E 42 0.42 3.04 -32.16
CA THR E 42 1.74 2.51 -31.87
C THR E 42 2.37 1.84 -33.08
N LYS E 43 1.58 1.06 -33.84
CA LYS E 43 2.13 0.41 -35.02
C LYS E 43 2.57 1.42 -36.07
N GLU E 44 1.77 2.46 -36.29
CA GLU E 44 2.15 3.53 -37.20
C GLU E 44 3.46 4.21 -36.80
N VAL E 45 3.64 4.51 -35.50
CA VAL E 45 4.91 5.10 -35.07
C VAL E 45 6.06 4.13 -35.25
N ALA E 46 5.87 2.87 -34.84
CA ALA E 46 6.92 1.87 -34.99
C ALA E 46 7.34 1.74 -36.45
N ASP E 47 6.38 1.70 -37.37
CA ASP E 47 6.70 1.60 -38.78
C ASP E 47 7.49 2.82 -39.26
N LYS E 48 7.13 4.02 -38.79
CA LYS E 48 7.93 5.18 -39.17
C LYS E 48 9.37 5.03 -38.70
N TYR E 49 9.59 4.41 -37.54
CA TYR E 49 10.92 4.25 -36.96
C TYR E 49 11.54 2.89 -37.22
N GLY E 50 10.83 2.01 -37.92
CA GLY E 50 11.32 0.68 -38.21
C GLY E 50 11.39 -0.23 -37.00
N ILE E 51 10.53 -0.01 -36.03
CA ILE E 51 10.50 -0.84 -34.83
C ILE E 51 9.60 -2.04 -35.10
N ALA E 52 10.16 -3.24 -34.97
CA ALA E 52 9.47 -4.44 -35.42
C ALA E 52 8.33 -4.85 -34.50
N HIS E 53 8.51 -4.74 -33.19
CA HIS E 53 7.49 -5.23 -32.27
C HIS E 53 6.62 -4.10 -31.72
N VAL E 54 5.32 -4.36 -31.71
CA VAL E 54 4.34 -3.41 -31.22
C VAL E 54 3.44 -4.10 -30.23
N ALA E 55 3.32 -3.53 -29.04
CA ALA E 55 2.44 -4.08 -28.03
C ALA E 55 1.60 -2.98 -27.41
N THR E 56 0.47 -3.42 -26.86
CA THR E 56 -0.43 -2.64 -26.04
C THR E 56 -0.28 -2.95 -24.57
N ASP E 57 0.44 -4.02 -24.21
CA ASP E 57 0.76 -4.33 -22.82
C ASP E 57 2.27 -4.30 -22.62
N LEU E 58 2.69 -3.72 -21.49
CA LEU E 58 4.11 -3.72 -21.13
C LEU E 58 4.62 -5.14 -20.93
N ALA E 59 3.76 -6.00 -20.37
CA ALA E 59 4.17 -7.37 -20.07
C ALA E 59 4.63 -8.14 -21.31
N GLU E 60 4.01 -7.88 -22.47
CA GLU E 60 4.46 -8.52 -23.69
C GLU E 60 5.91 -8.18 -24.03
N SER E 61 6.32 -6.93 -23.84
CA SER E 61 7.70 -6.59 -24.11
C SER E 61 8.63 -7.09 -23.03
N LEU E 62 8.14 -7.10 -21.78
CA LEU E 62 8.95 -7.65 -20.70
C LEU E 62 9.16 -9.16 -20.88
N ALA E 63 8.22 -9.83 -21.55
CA ALA E 63 8.36 -11.25 -21.83
C ALA E 63 9.40 -11.52 -22.92
N LEU E 64 9.82 -10.50 -23.66
CA LEU E 64 10.84 -10.72 -24.68
C LEU E 64 12.19 -10.98 -24.01
N PRO E 65 12.81 -12.13 -24.21
CA PRO E 65 14.10 -12.37 -23.55
C PRO E 65 15.23 -11.49 -24.05
N GLU E 66 15.16 -11.03 -25.30
CA GLU E 66 16.20 -10.20 -25.90
C GLU E 66 16.24 -8.76 -25.39
N VAL E 67 15.14 -8.23 -24.86
CA VAL E 67 15.11 -6.86 -24.37
C VAL E 67 16.00 -6.72 -23.14
N ASP E 68 16.95 -5.78 -23.19
CA ASP E 68 17.85 -5.51 -22.09
C ASP E 68 17.35 -4.36 -21.22
N ALA E 69 16.72 -3.35 -21.83
CA ALA E 69 16.35 -2.17 -21.08
C ALA E 69 15.01 -1.66 -21.56
N VAL E 70 14.35 -0.89 -20.69
CA VAL E 70 13.06 -0.26 -20.96
C VAL E 70 13.16 1.23 -20.64
N ILE E 71 12.62 2.06 -21.53
CA ILE E 71 12.41 3.49 -21.29
C ILE E 71 10.91 3.77 -21.17
N LEU E 72 10.50 4.35 -20.04
CA LEU E 72 9.10 4.65 -19.73
C LEU E 72 8.77 6.13 -19.94
N CYS E 73 7.99 6.42 -21.00
CA CYS E 73 7.46 7.75 -21.32
C CYS E 73 5.92 7.75 -21.25
N THR E 74 5.38 6.92 -20.37
CA THR E 74 3.94 6.77 -20.17
C THR E 74 3.42 7.93 -19.33
N PRO E 75 2.10 7.99 -19.08
CA PRO E 75 1.59 8.98 -18.10
C PRO E 75 2.18 8.77 -16.72
N THR E 76 2.41 9.90 -16.03
CA THR E 76 3.04 9.91 -14.70
C THR E 76 2.46 8.88 -13.74
N GLN E 77 1.14 8.70 -13.75
CA GLN E 77 0.45 7.79 -12.83
C GLN E 77 0.87 6.33 -12.96
N MET E 78 1.48 5.94 -14.08
CA MET E 78 1.87 4.57 -14.32
C MET E 78 3.32 4.23 -13.97
N HIS E 79 4.15 5.26 -13.78
CA HIS E 79 5.61 5.11 -13.73
C HIS E 79 6.08 4.13 -12.67
N ALA E 80 5.60 4.27 -11.43
CA ALA E 80 6.10 3.42 -10.36
C ALA E 80 5.74 1.96 -10.58
N GLU E 81 4.47 1.68 -10.89
CA GLU E 81 4.04 0.31 -11.20
C GLU E 81 4.86 -0.30 -12.33
N GLN E 82 5.03 0.46 -13.42
CA GLN E 82 5.73 -0.07 -14.57
C GLN E 82 7.22 -0.28 -14.32
N ALA E 83 7.86 0.65 -13.60
CA ALA E 83 9.27 0.45 -13.26
C ALA E 83 9.47 -0.81 -12.41
N ILE E 84 8.58 -1.02 -11.45
CA ILE E 84 8.62 -2.24 -10.66
C ILE E 84 8.46 -3.47 -11.56
N ALA E 85 7.48 -3.42 -12.48
CA ALA E 85 7.28 -4.54 -13.39
C ALA E 85 8.52 -4.82 -14.26
N CYS E 86 9.18 -3.77 -14.76
CA CYS E 86 10.40 -3.95 -15.54
C CYS E 86 11.48 -4.65 -14.74
N MET E 87 11.75 -4.16 -13.52
CA MET E 87 12.81 -4.75 -12.71
C MET E 87 12.49 -6.16 -12.24
N LYS E 88 11.23 -6.45 -11.93
CA LYS E 88 10.85 -7.82 -11.61
C LYS E 88 11.06 -8.77 -12.79
N ALA E 89 10.94 -8.27 -14.02
CA ALA E 89 11.26 -9.03 -15.22
C ALA E 89 12.75 -9.06 -15.53
N GLY E 90 13.58 -8.51 -14.64
CA GLY E 90 15.01 -8.50 -14.82
C GLY E 90 15.54 -7.49 -15.83
N LYS E 91 14.77 -6.44 -16.13
CA LYS E 91 15.15 -5.46 -17.13
C LYS E 91 15.63 -4.17 -16.45
N HIS E 92 16.70 -3.60 -16.98
CA HIS E 92 17.04 -2.25 -16.57
C HIS E 92 15.90 -1.34 -17.00
N VAL E 93 15.72 -0.27 -16.24
CA VAL E 93 14.60 0.64 -16.45
C VAL E 93 15.07 2.06 -16.30
N GLN E 94 14.59 2.91 -17.20
CA GLN E 94 14.67 4.37 -17.10
C GLN E 94 13.25 4.91 -17.04
N VAL E 95 13.00 5.80 -16.10
CA VAL E 95 11.65 6.31 -15.88
C VAL E 95 11.75 7.78 -16.16
N GLU E 96 10.87 8.27 -17.02
CA GLU E 96 10.78 9.68 -17.24
C GLU E 96 10.43 10.36 -15.92
N ILE E 97 10.80 11.62 -15.80
CA ILE E 97 10.43 12.36 -14.60
C ILE E 97 8.94 12.65 -14.61
N PRO E 98 8.26 12.60 -13.45
CA PRO E 98 8.73 12.13 -12.12
C PRO E 98 8.78 10.62 -11.88
N LEU E 99 9.71 10.12 -11.07
CA LEU E 99 9.70 8.71 -10.67
C LEU E 99 8.34 8.23 -10.17
N ALA E 100 7.65 9.06 -9.37
CA ALA E 100 6.31 8.74 -8.93
C ALA E 100 5.64 10.04 -8.48
N ASP E 101 4.32 10.00 -8.34
CA ASP E 101 3.63 11.10 -7.68
C ASP E 101 3.33 10.80 -6.21
N ALA E 102 3.94 9.77 -5.62
CA ALA E 102 3.84 9.51 -4.18
C ALA E 102 5.14 8.95 -3.61
N LEU E 103 5.49 9.36 -2.39
CA LEU E 103 6.71 8.84 -1.75
C LEU E 103 6.69 7.32 -1.55
N LYS E 104 5.56 6.73 -1.15
CA LYS E 104 5.55 5.28 -0.96
C LYS E 104 6.00 4.54 -2.21
N ASP E 105 5.47 4.94 -3.36
CA ASP E 105 5.78 4.23 -4.59
C ASP E 105 7.23 4.46 -5.02
N ALA E 106 7.73 5.69 -4.87
CA ALA E 106 9.16 5.95 -5.10
C ALA E 106 10.05 5.12 -4.18
N GLN E 107 9.63 4.91 -2.93
CA GLN E 107 10.38 4.07 -2.00
C GLN E 107 10.36 2.62 -2.46
N GLU E 108 9.20 2.16 -2.92
CA GLU E 108 9.09 0.81 -3.46
C GLU E 108 10.01 0.61 -4.68
N VAL E 109 10.10 1.61 -5.56
CA VAL E 109 11.03 1.51 -6.69
C VAL E 109 12.48 1.48 -6.21
N ALA E 110 12.84 2.36 -5.26
CA ALA E 110 14.21 2.37 -4.77
C ALA E 110 14.58 1.05 -4.10
N GLU E 111 13.69 0.50 -3.28
CA GLU E 111 13.96 -0.76 -2.63
C GLU E 111 14.09 -1.90 -3.63
N LEU E 112 13.23 -1.94 -4.65
CA LEU E 112 13.39 -3.00 -5.64
C LEU E 112 14.68 -2.83 -6.44
N GLN E 113 15.07 -1.60 -6.77
CA GLN E 113 16.37 -1.40 -7.40
C GLN E 113 17.49 -1.96 -6.54
N LYS E 114 17.44 -1.65 -5.25
CA LYS E 114 18.44 -2.15 -4.32
C LYS E 114 18.42 -3.67 -4.25
N GLN E 115 17.23 -4.27 -4.33
CA GLN E 115 17.15 -5.72 -4.28
C GLN E 115 17.74 -6.35 -5.55
N THR E 116 17.47 -5.75 -6.71
CA THR E 116 17.94 -6.30 -8.00
C THR E 116 19.33 -5.84 -8.42
N GLY E 117 19.78 -4.66 -8.00
CA GLY E 117 21.03 -4.13 -8.52
C GLY E 117 20.97 -3.73 -9.99
N LEU E 118 19.78 -3.67 -10.58
CA LEU E 118 19.60 -3.22 -11.95
C LEU E 118 19.77 -1.70 -12.00
N VAL E 119 20.28 -1.22 -13.14
CA VAL E 119 20.24 0.20 -13.47
C VAL E 119 18.81 0.74 -13.46
N ALA E 120 18.55 1.64 -12.51
CA ALA E 120 17.32 2.41 -12.53
C ALA E 120 17.65 3.89 -12.52
N MET E 121 17.24 4.57 -13.60
CA MET E 121 17.54 5.98 -13.86
C MET E 121 16.22 6.71 -13.94
N VAL E 122 16.20 7.96 -13.46
CA VAL E 122 15.07 8.86 -13.62
C VAL E 122 15.46 9.96 -14.61
N GLY E 123 14.53 10.33 -15.50
CA GLY E 123 14.80 11.33 -16.51
C GLY E 123 14.88 12.80 -16.05
N HIS E 124 15.74 13.14 -15.07
CA HIS E 124 16.04 14.52 -14.74
C HIS E 124 16.93 15.25 -15.74
N THR E 125 16.36 15.48 -16.92
CA THR E 125 17.06 16.03 -18.07
C THR E 125 17.80 17.34 -17.78
N ARG E 126 17.35 18.12 -16.79
CA ARG E 126 18.09 19.34 -16.47
C ARG E 126 19.53 19.04 -16.08
N ARG E 127 19.81 17.86 -15.52
CA ARG E 127 21.21 17.46 -15.29
C ARG E 127 22.01 17.31 -16.57
N PHE E 128 21.37 16.98 -17.69
CA PHE E 128 22.16 16.65 -18.86
C PHE E 128 22.20 17.74 -19.92
N ASN E 129 21.40 18.79 -19.80
CA ASN E 129 21.50 19.90 -20.74
C ASN E 129 22.86 20.57 -20.66
N PRO E 130 23.49 20.86 -21.80
CA PRO E 130 24.84 21.44 -21.77
C PRO E 130 24.97 22.73 -20.94
N SER E 131 23.94 23.59 -20.98
CA SER E 131 23.93 24.83 -20.20
C SER E 131 24.00 24.62 -18.68
N HIS E 132 23.27 23.63 -18.18
CA HIS E 132 23.28 23.31 -16.75
C HIS E 132 24.55 22.56 -16.40
N GLN E 133 25.03 21.71 -17.30
CA GLN E 133 26.33 21.06 -17.11
C GLN E 133 27.47 22.08 -17.03
N TRP E 134 27.42 23.11 -17.87
CA TRP E 134 28.41 24.19 -17.82
C TRP E 134 28.43 24.88 -16.44
N VAL E 135 27.25 25.25 -15.95
CA VAL E 135 27.19 25.88 -14.62
C VAL E 135 27.70 24.89 -13.55
N HIS E 136 27.30 23.62 -13.66
CA HIS E 136 27.73 22.60 -12.71
C HIS E 136 29.24 22.46 -12.67
N LYS E 137 29.88 22.38 -13.84
CA LYS E 137 31.34 22.29 -13.88
C LYS E 137 32.03 23.51 -13.29
N LYS E 138 31.45 24.70 -13.48
CA LYS E 138 32.01 25.89 -12.81
C LYS E 138 31.91 25.83 -11.29
N ILE E 139 30.81 25.31 -10.78
CA ILE E 139 30.62 25.15 -9.34
C ILE E 139 31.56 24.09 -8.77
N GLU E 140 31.66 22.95 -9.42
CA GLU E 140 32.55 21.93 -8.95
C GLU E 140 34.00 22.41 -8.88
N ALA E 141 34.41 23.29 -9.80
CA ALA E 141 35.75 23.88 -9.77
C ALA E 141 35.95 24.92 -8.69
N GLY E 142 34.91 25.30 -7.96
CA GLY E 142 34.97 26.36 -6.96
C GLY E 142 35.05 27.75 -7.55
N GLU E 143 34.73 27.88 -8.83
CA GLU E 143 34.76 29.13 -9.56
C GLU E 143 33.43 29.88 -9.46
N PHE E 144 32.38 29.22 -9.00
CA PHE E 144 31.05 29.81 -8.92
C PHE E 144 30.30 29.24 -7.72
N ASN E 145 29.64 30.11 -6.96
CA ASN E 145 28.72 29.66 -5.93
C ASN E 145 27.38 30.36 -6.11
N ILE E 146 26.33 29.57 -6.13
CA ILE E 146 24.96 30.05 -6.26
C ILE E 146 24.54 30.78 -4.98
N GLN E 147 24.12 32.03 -5.11
CA GLN E 147 23.42 32.72 -4.03
C GLN E 147 21.90 32.58 -4.17
N GLN E 148 21.36 32.79 -5.38
CA GLN E 148 19.92 32.60 -5.57
C GLN E 148 19.64 32.04 -6.97
N MET E 149 18.71 31.10 -7.06
CA MET E 149 18.10 30.65 -8.32
C MET E 149 16.65 31.11 -8.39
N ASP E 150 16.32 31.87 -9.44
CA ASP E 150 14.95 32.32 -9.72
C ASP E 150 14.43 31.57 -10.97
N VAL E 151 13.36 30.79 -10.82
CA VAL E 151 12.88 29.85 -11.84
C VAL E 151 11.40 30.07 -12.11
N GLN E 152 11.01 30.05 -13.40
CA GLN E 152 9.62 30.11 -13.85
C GLN E 152 9.32 28.91 -14.74
N THR E 153 8.31 28.11 -14.37
CA THR E 153 7.79 27.01 -15.20
C THR E 153 6.32 27.30 -15.54
N TYR E 154 6.08 27.73 -16.79
CA TYR E 154 4.80 28.27 -17.26
C TYR E 154 4.23 27.58 -18.50
N PHE E 155 2.92 27.27 -18.46
CA PHE E 155 2.22 26.79 -19.64
C PHE E 155 0.87 27.48 -19.68
N PHE E 156 0.22 27.46 -20.85
CA PHE E 156 -1.19 27.84 -20.93
C PHE E 156 -1.89 26.50 -21.16
N ARG E 157 -2.40 25.92 -20.08
CA ARG E 157 -2.87 24.54 -20.06
C ARG E 157 -4.10 24.37 -19.18
N ARG E 158 -5.25 24.85 -19.66
CA ARG E 158 -6.54 24.71 -18.98
C ARG E 158 -7.26 23.42 -19.39
N THR E 159 -6.61 22.65 -20.26
CA THR E 159 -6.96 21.34 -20.80
C THR E 159 -5.72 20.47 -20.64
N ASN E 160 -5.93 19.17 -20.61
CA ASN E 160 -4.94 18.11 -20.39
C ASN E 160 -4.14 17.92 -21.69
N MET E 161 -3.34 18.95 -22.02
CA MET E 161 -2.51 19.00 -23.23
C MET E 161 -1.00 18.91 -22.98
N ASN E 162 -0.30 18.21 -23.91
CA ASN E 162 1.16 18.15 -23.92
C ASN E 162 1.76 19.46 -24.47
N ALA E 163 3.10 19.53 -24.44
CA ALA E 163 3.83 20.70 -24.91
C ALA E 163 3.64 21.03 -26.38
N LEU E 164 3.07 20.14 -27.19
CA LEU E 164 2.78 20.43 -28.58
C LEU E 164 1.34 20.87 -28.78
N GLY E 165 0.59 21.08 -27.71
CA GLY E 165 -0.79 21.48 -27.89
C GLY E 165 -1.75 20.36 -28.23
N GLN E 166 -1.34 19.10 -28.13
CA GLN E 166 -2.30 18.04 -28.41
C GLN E 166 -2.91 17.59 -27.09
N ALA E 167 -4.17 17.17 -27.15
CA ALA E 167 -4.82 16.65 -25.94
C ALA E 167 -4.16 15.40 -25.37
N ARG E 168 -3.90 15.43 -24.07
CA ARG E 168 -3.50 14.26 -23.28
C ARG E 168 -4.71 13.51 -22.78
N SER E 169 -4.55 12.22 -22.58
CA SER E 169 -5.51 11.35 -21.91
C SER E 169 -5.32 11.30 -20.39
N TRP E 170 -4.32 11.99 -19.85
CA TRP E 170 -4.01 11.98 -18.43
C TRP E 170 -3.79 13.40 -17.92
N THR E 171 -3.95 13.60 -16.61
CA THR E 171 -3.77 14.92 -16.00
C THR E 171 -2.40 15.03 -15.35
N ASP E 172 -1.72 16.13 -15.67
CA ASP E 172 -0.39 16.53 -15.21
C ASP E 172 -0.44 17.15 -13.81
N HIS E 173 0.72 17.56 -13.28
CA HIS E 173 0.69 18.02 -11.89
C HIS E 173 1.85 18.99 -11.74
N LEU E 174 1.56 20.22 -11.28
CA LEU E 174 2.56 21.28 -11.11
C LEU E 174 3.69 20.92 -10.14
N LEU E 175 3.34 20.33 -9.00
CA LEU E 175 4.29 19.87 -7.99
C LEU E 175 5.13 18.67 -8.40
N TRP E 176 4.47 17.51 -8.54
CA TRP E 176 5.23 16.28 -8.69
C TRP E 176 5.96 16.20 -10.03
N HIS E 177 5.38 16.72 -11.10
CA HIS E 177 6.14 16.59 -12.35
C HIS E 177 7.04 17.79 -12.63
N HIS E 178 6.56 18.99 -12.42
CA HIS E 178 7.27 20.18 -12.86
C HIS E 178 8.13 20.76 -11.76
N ALA E 179 7.65 20.83 -10.52
CA ALA E 179 8.52 21.35 -9.47
C ALA E 179 9.72 20.42 -9.25
N ALA E 180 9.54 19.12 -9.49
CA ALA E 180 10.62 18.14 -9.37
C ALA E 180 11.89 18.51 -10.14
N HIS E 181 11.77 19.08 -11.35
CA HIS E 181 12.96 19.52 -12.07
C HIS E 181 13.77 20.55 -11.28
N THR E 182 13.09 21.54 -10.69
CA THR E 182 13.82 22.60 -10.03
C THR E 182 14.27 22.20 -8.64
N VAL E 183 13.45 21.48 -7.87
CA VAL E 183 13.87 21.00 -6.55
C VAL E 183 15.13 20.15 -6.65
N ASP E 184 15.14 19.20 -7.59
CA ASP E 184 16.34 18.41 -7.83
C ASP E 184 17.51 19.27 -8.29
N LEU E 185 17.30 20.06 -9.34
CA LEU E 185 18.38 20.87 -9.91
C LEU E 185 18.96 21.88 -8.92
N PHE E 186 18.13 22.48 -8.08
CA PHE E 186 18.65 23.37 -7.05
C PHE E 186 19.57 22.67 -6.09
N ALA E 187 19.13 21.54 -5.52
CA ALA E 187 20.02 20.86 -4.58
C ALA E 187 21.29 20.41 -5.27
N TYR E 188 21.15 19.91 -6.49
CA TYR E 188 22.28 19.45 -7.30
C TYR E 188 23.27 20.56 -7.60
N GLN E 189 22.81 21.70 -8.12
CA GLN E 189 23.72 22.80 -8.45
C GLN E 189 24.26 23.49 -7.19
N ALA E 190 23.45 23.59 -6.14
CA ALA E 190 23.92 24.13 -4.88
C ALA E 190 24.90 23.18 -4.18
N GLY E 191 24.97 21.92 -4.61
CA GLY E 191 25.81 20.96 -3.92
C GLY E 191 25.46 20.75 -2.46
N SER E 192 24.21 21.01 -2.07
CA SER E 192 23.89 21.06 -0.66
C SER E 192 22.42 20.64 -0.49
N PRO E 193 22.10 19.86 0.54
CA PRO E 193 20.71 19.45 0.75
C PRO E 193 19.79 20.62 1.09
N ILE E 194 18.53 20.48 0.68
CA ILE E 194 17.49 21.42 1.05
C ILE E 194 17.11 21.29 2.51
N VAL E 195 17.10 22.41 3.22
CA VAL E 195 16.80 22.42 4.65
C VAL E 195 15.55 23.24 4.93
N LYS E 196 15.05 24.01 3.97
CA LYS E 196 13.78 24.68 4.13
C LYS E 196 13.04 24.68 2.80
N ALA E 197 11.76 24.32 2.83
CA ALA E 197 10.93 24.40 1.63
C ALA E 197 9.56 24.88 2.07
N ASN E 198 8.98 25.85 1.35
CA ASN E 198 7.61 26.31 1.59
C ASN E 198 6.92 26.42 0.25
N ALA E 199 5.66 26.00 0.20
CA ALA E 199 4.82 26.18 -0.98
C ALA E 199 3.48 26.75 -0.60
N VAL E 200 2.91 27.54 -1.51
CA VAL E 200 1.49 27.86 -1.45
C VAL E 200 0.90 27.63 -2.84
N GLN E 201 -0.39 27.23 -2.89
CA GLN E 201 -1.05 26.97 -4.17
C GLN E 201 -2.38 27.71 -4.21
N GLY E 202 -2.84 28.04 -5.41
CA GLY E 202 -4.17 28.53 -5.60
C GLY E 202 -5.25 27.46 -5.51
N PRO E 203 -6.48 27.85 -5.80
CA PRO E 203 -7.62 26.92 -5.77
C PRO E 203 -7.51 25.80 -6.79
N ILE E 204 -8.11 24.68 -6.41
CA ILE E 204 -8.24 23.50 -7.26
C ILE E 204 -9.21 23.80 -8.41
N HIS E 205 -8.76 23.49 -9.63
CA HIS E 205 -9.55 23.67 -10.83
C HIS E 205 -10.73 22.70 -10.89
N LYS E 206 -11.94 23.27 -11.03
CA LYS E 206 -13.18 22.50 -10.99
C LYS E 206 -13.19 21.28 -11.91
N ASP E 207 -12.67 21.40 -13.15
CA ASP E 207 -12.78 20.25 -14.06
C ASP E 207 -11.57 19.34 -14.06
N LEU E 208 -10.41 19.84 -13.69
CA LEU E 208 -9.19 19.08 -13.74
C LEU E 208 -8.79 18.52 -12.39
N GLY E 209 -9.29 19.10 -11.29
CA GLY E 209 -8.92 18.59 -10.00
C GLY E 209 -7.50 18.84 -9.53
N ILE E 210 -6.79 19.79 -10.14
CA ILE E 210 -5.41 20.10 -9.76
C ILE E 210 -5.29 21.61 -9.54
N ALA E 211 -4.26 21.98 -8.78
CA ALA E 211 -3.90 23.40 -8.67
C ALA E 211 -3.36 23.96 -9.99
N MET E 212 -3.78 25.18 -10.34
CA MET E 212 -3.34 25.84 -11.58
C MET E 212 -2.15 26.80 -11.40
N ASP E 213 -1.83 27.19 -10.17
CA ASP E 213 -0.73 28.08 -9.83
C ASP E 213 -0.12 27.58 -8.54
N MET E 214 1.20 27.69 -8.45
CA MET E 214 1.93 27.22 -7.28
C MET E 214 3.20 28.04 -7.11
N SER E 215 3.58 28.28 -5.86
CA SER E 215 4.82 28.98 -5.54
C SER E 215 5.65 28.17 -4.56
N ILE E 216 6.93 27.95 -4.89
CA ILE E 216 7.80 27.16 -4.03
C ILE E 216 9.02 28.01 -3.72
N GLN E 217 9.45 27.99 -2.45
CA GLN E 217 10.69 28.61 -1.98
C GLN E 217 11.58 27.57 -1.28
N LEU E 218 12.85 27.52 -1.66
CA LEU E 218 13.82 26.59 -1.08
C LEU E 218 15.04 27.31 -0.50
N LYS E 219 15.61 26.70 0.55
CA LYS E 219 16.91 27.11 1.08
C LYS E 219 17.78 25.88 1.27
N ALA E 220 18.99 25.91 0.71
CA ALA E 220 20.01 24.90 0.94
C ALA E 220 20.79 25.13 2.24
N ALA E 221 21.37 24.04 2.75
CA ALA E 221 22.13 24.13 4.00
C ALA E 221 23.26 25.15 3.91
N ASN E 222 23.88 25.31 2.73
CA ASN E 222 24.91 26.35 2.58
C ASN E 222 24.35 27.79 2.49
N GLY E 223 23.02 28.00 2.58
CA GLY E 223 22.44 29.33 2.59
C GLY E 223 21.91 29.84 1.25
N ALA E 224 22.23 29.18 0.14
CA ALA E 224 21.64 29.52 -1.16
C ALA E 224 20.11 29.42 -1.13
N ILE E 225 19.43 30.27 -1.89
CA ILE E 225 17.96 30.21 -1.94
C ILE E 225 17.49 29.99 -3.38
N CYS E 226 16.29 29.43 -3.50
CA CYS E 226 15.60 29.26 -4.78
C CYS E 226 14.17 29.78 -4.66
N THR E 227 13.74 30.56 -5.67
CA THR E 227 12.35 30.94 -5.87
C THR E 227 11.81 30.28 -7.15
N LEU E 228 10.68 29.59 -7.07
CA LEU E 228 10.09 28.90 -8.22
C LEU E 228 8.63 29.31 -8.35
N SER E 229 8.26 29.93 -9.48
CA SER E 229 6.85 30.18 -9.84
C SER E 229 6.37 29.18 -10.89
N LEU E 230 5.27 28.46 -10.62
CA LEU E 230 4.69 27.57 -11.61
C LEU E 230 3.26 27.96 -11.94
N SER E 231 2.92 27.86 -13.23
CA SER E 231 1.56 28.18 -13.67
C SER E 231 1.17 27.43 -14.94
N PHE E 232 -0.05 26.89 -14.94
CA PHE E 232 -0.76 26.44 -16.13
C PHE E 232 -1.73 27.50 -16.67
N ASN E 233 -1.80 28.66 -16.03
CA ASN E 233 -2.62 29.79 -16.44
C ASN E 233 -1.92 30.89 -17.27
N ASN E 234 -0.61 30.76 -17.48
CA ASN E 234 0.29 31.73 -18.14
C ASN E 234 0.06 31.67 -19.65
N ASP E 235 -0.65 32.67 -20.16
CA ASP E 235 -0.79 32.90 -21.59
C ASP E 235 0.38 33.60 -22.29
N GLY E 236 1.49 32.87 -22.40
CA GLY E 236 2.70 33.39 -23.01
C GLY E 236 3.62 32.27 -23.45
N PRO E 237 4.89 32.61 -23.71
CA PRO E 237 5.92 31.61 -23.99
C PRO E 237 5.99 30.52 -22.91
N LEU E 238 5.88 29.29 -23.33
CA LEU E 238 5.83 28.12 -22.49
C LEU E 238 7.21 27.53 -22.21
N GLY E 239 7.36 26.98 -21.02
CA GLY E 239 8.56 26.28 -20.67
C GLY E 239 9.17 26.81 -19.39
N THR E 240 10.43 26.42 -19.19
CA THR E 240 11.24 26.84 -18.06
C THR E 240 12.41 27.76 -18.37
N PHE E 241 12.51 28.83 -17.58
CA PHE E 241 13.57 29.83 -17.61
C PHE E 241 14.27 29.78 -16.26
N PHE E 242 15.61 29.63 -16.28
CA PHE E 242 16.40 29.55 -15.06
C PHE E 242 17.34 30.74 -14.94
N ARG E 243 17.33 31.41 -13.78
CA ARG E 243 18.33 32.42 -13.45
C ARG E 243 19.21 31.99 -12.27
N TYR E 244 20.49 31.73 -12.54
CA TYR E 244 21.53 31.49 -11.54
C TYR E 244 22.14 32.84 -11.15
N ILE E 245 21.91 33.30 -9.92
CA ILE E 245 22.58 34.50 -9.44
C ILE E 245 23.70 34.08 -8.51
N GLY E 246 24.96 34.22 -8.92
CA GLY E 246 26.04 33.84 -8.04
C GLY E 246 27.04 34.94 -7.66
N ASP E 247 28.08 34.48 -6.98
CA ASP E 247 29.14 35.37 -6.52
C ASP E 247 29.98 35.89 -7.68
N THR E 248 30.19 35.09 -8.71
CA THR E 248 31.06 35.50 -9.80
C THR E 248 30.26 35.87 -11.05
N GLY E 249 28.95 35.63 -11.08
CA GLY E 249 28.25 36.01 -12.30
C GLY E 249 26.78 35.75 -12.17
N THR E 250 26.06 36.01 -13.26
CA THR E 250 24.66 35.66 -13.37
C THR E 250 24.48 34.97 -14.70
N TYR E 251 23.73 33.86 -14.72
CA TYR E 251 23.45 33.11 -15.95
C TYR E 251 21.98 32.81 -16.11
N LEU E 252 21.50 32.90 -17.35
CA LEU E 252 20.12 32.67 -17.76
C LEU E 252 20.11 31.47 -18.69
N ALA E 253 19.55 30.35 -18.21
CA ALA E 253 19.38 29.13 -19.01
C ALA E 253 17.98 29.00 -19.58
N ARG E 254 17.92 28.79 -20.90
CA ARG E 254 16.70 28.57 -21.69
C ARG E 254 16.91 27.31 -22.53
N TYR E 255 16.42 26.17 -22.04
CA TYR E 255 16.73 24.84 -22.54
C TYR E 255 18.23 24.63 -22.59
N ASP E 256 18.76 24.39 -23.79
CA ASP E 256 20.18 24.10 -23.97
C ASP E 256 21.03 25.36 -24.15
N ASP E 257 20.41 26.52 -24.31
CA ASP E 257 21.14 27.79 -24.41
C ASP E 257 21.46 28.42 -23.05
N LEU E 258 22.63 29.07 -22.97
CA LEU E 258 23.06 29.79 -21.78
C LEU E 258 23.46 31.22 -22.12
N TYR E 259 23.07 32.16 -21.23
CA TYR E 259 23.39 33.56 -21.39
C TYR E 259 23.91 34.18 -20.09
N THR E 260 24.65 35.28 -20.23
CA THR E 260 24.89 36.14 -19.08
C THR E 260 23.61 36.89 -18.69
N GLY E 261 23.63 37.52 -17.52
CA GLY E 261 22.56 38.40 -17.11
C GLY E 261 22.39 39.67 -17.95
N LYS E 262 23.31 39.83 -18.90
CA LYS E 262 23.28 40.90 -19.89
C LYS E 262 22.91 40.40 -21.28
N ASP E 263 22.35 39.20 -21.37
CA ASP E 263 21.94 38.51 -22.60
C ASP E 263 23.09 38.22 -23.55
N GLU E 264 24.33 38.15 -23.07
CA GLU E 264 25.42 37.71 -23.92
C GLU E 264 25.47 36.18 -23.95
N LYS E 265 25.42 35.61 -25.15
CA LYS E 265 25.43 34.16 -25.32
C LYS E 265 26.75 33.54 -24.90
N ILE E 266 26.68 32.48 -24.10
CA ILE E 266 27.82 31.66 -23.72
C ILE E 266 27.76 30.43 -24.62
N ASP E 267 28.89 30.07 -25.25
CA ASP E 267 28.99 28.82 -26.01
C ASP E 267 29.17 27.56 -25.15
N VAL E 268 28.11 26.75 -25.07
CA VAL E 268 28.14 25.46 -24.36
C VAL E 268 28.31 24.27 -25.30
N SER E 269 28.45 24.50 -26.61
CA SER E 269 28.61 23.40 -27.56
C SER E 269 29.89 22.61 -27.33
N GLN E 270 30.84 23.18 -26.60
CA GLN E 270 32.08 22.55 -26.20
C GLN E 270 31.90 21.57 -25.04
N VAL E 271 30.74 21.57 -24.39
CA VAL E 271 30.54 20.84 -23.15
C VAL E 271 30.31 19.35 -23.38
N ASP E 272 29.61 18.99 -24.44
CA ASP E 272 29.21 17.59 -24.62
C ASP E 272 29.13 17.27 -26.11
N VAL E 273 29.08 15.97 -26.41
CA VAL E 273 29.07 15.50 -27.78
C VAL E 273 27.75 15.76 -28.49
N SER E 274 26.72 16.18 -27.76
CA SER E 274 25.42 16.52 -28.29
C SER E 274 24.89 17.76 -27.60
N MET E 275 24.13 18.58 -28.33
CA MET E 275 23.41 19.70 -27.74
C MET E 275 22.03 19.31 -27.21
N ASN E 276 21.63 18.06 -27.38
CA ASN E 276 20.32 17.59 -26.94
C ASN E 276 20.44 16.85 -25.60
N GLY E 277 19.90 17.48 -24.55
CA GLY E 277 19.90 16.89 -23.22
C GLY E 277 19.20 15.54 -23.11
N ILE E 278 18.18 15.32 -23.92
CA ILE E 278 17.48 14.04 -23.90
C ILE E 278 18.37 12.92 -24.43
N GLU E 279 19.12 13.21 -25.48
CA GLU E 279 20.08 12.27 -26.03
C GLU E 279 21.20 11.97 -25.03
N LEU E 280 21.68 13.02 -24.36
CA LEU E 280 22.73 12.85 -23.34
C LEU E 280 22.23 12.03 -22.16
N GLN E 281 20.98 12.22 -21.77
CA GLN E 281 20.35 11.39 -20.74
C GLN E 281 20.36 9.91 -21.15
N ASP E 282 19.97 9.61 -22.39
CA ASP E 282 19.98 8.20 -22.81
C ASP E 282 21.39 7.63 -22.92
N ARG E 283 22.35 8.41 -23.41
CA ARG E 283 23.74 7.97 -23.42
C ARG E 283 24.24 7.61 -22.03
N GLU E 284 23.92 8.43 -21.03
CA GLU E 284 24.31 8.11 -19.65
C GLU E 284 23.66 6.80 -19.18
N PHE E 285 22.37 6.62 -19.47
CA PHE E 285 21.68 5.38 -19.10
C PHE E 285 22.36 4.14 -19.69
N PHE E 286 22.63 4.15 -21.01
CA PHE E 286 23.27 2.98 -21.65
C PHE E 286 24.73 2.83 -21.29
N ALA E 287 25.45 3.94 -21.06
CA ALA E 287 26.82 3.80 -20.58
C ALA E 287 26.85 3.10 -19.23
N ALA E 288 26.00 3.52 -18.29
CA ALA E 288 25.92 2.87 -17.00
C ALA E 288 25.57 1.38 -17.15
N ILE E 289 24.66 1.05 -18.07
CA ILE E 289 24.37 -0.37 -18.32
C ILE E 289 25.61 -1.13 -18.81
N ARG E 290 26.33 -0.58 -19.81
CA ARG E 290 27.50 -1.31 -20.34
C ARG E 290 28.63 -1.42 -19.32
N GLU E 291 28.81 -0.41 -18.47
CA GLU E 291 29.91 -0.35 -17.52
C GLU E 291 29.58 -0.97 -16.18
N GLY E 292 28.33 -1.30 -15.93
CA GLY E 292 27.94 -1.87 -14.63
C GLY E 292 28.13 -0.94 -13.45
N ARG E 293 27.86 0.36 -13.65
CA ARG E 293 27.98 1.39 -12.65
C ARG E 293 26.61 2.04 -12.45
N GLU E 294 26.50 2.79 -11.35
CA GLU E 294 25.36 3.67 -11.14
C GLU E 294 25.35 4.84 -12.13
N PRO E 295 24.21 5.15 -12.75
CA PRO E 295 24.12 6.35 -13.57
C PRO E 295 24.00 7.63 -12.75
N ASN E 296 24.47 8.72 -13.33
CA ASN E 296 24.04 10.05 -12.94
C ASN E 296 22.52 10.17 -13.06
N SER E 297 21.87 10.71 -12.04
CA SER E 297 20.41 10.74 -11.96
C SER E 297 19.82 9.37 -11.71
N SER E 298 20.56 8.52 -11.01
CA SER E 298 19.99 7.29 -10.47
C SER E 298 18.87 7.62 -9.49
N VAL E 299 17.96 6.67 -9.32
CA VAL E 299 16.86 6.86 -8.36
C VAL E 299 17.37 7.28 -7.00
N GLN E 300 18.50 6.69 -6.56
CA GLN E 300 19.07 7.07 -5.27
C GLN E 300 19.56 8.52 -5.26
N GLN E 301 20.21 8.96 -6.32
CA GLN E 301 20.72 10.32 -6.32
C GLN E 301 19.58 11.35 -6.25
N VAL E 302 18.49 11.10 -6.97
CA VAL E 302 17.37 12.04 -7.10
C VAL E 302 16.31 11.86 -6.01
N PHE E 303 16.32 10.76 -5.27
CA PHE E 303 15.27 10.42 -4.30
C PHE E 303 14.95 11.50 -3.23
N ASN E 304 15.95 12.25 -2.75
CA ASN E 304 15.64 13.30 -1.78
C ASN E 304 14.73 14.37 -2.37
N CYS E 305 14.78 14.54 -3.69
CA CYS E 305 13.80 15.40 -4.32
C CYS E 305 12.38 14.96 -4.03
N TYR E 306 12.14 13.66 -4.14
CA TYR E 306 10.79 13.15 -3.91
C TYR E 306 10.39 13.26 -2.45
N LYS E 307 11.37 13.18 -1.55
CA LYS E 307 11.10 13.44 -0.13
C LYS E 307 10.69 14.89 0.11
N VAL E 308 11.43 15.83 -0.47
CA VAL E 308 11.10 17.24 -0.34
C VAL E 308 9.72 17.53 -0.93
N LEU E 309 9.44 16.96 -2.10
CA LEU E 309 8.13 17.13 -2.72
C LEU E 309 7.02 16.60 -1.82
N HIS E 310 7.25 15.46 -1.19
CA HIS E 310 6.28 14.93 -0.25
C HIS E 310 6.08 15.90 0.91
N ASP E 311 7.16 16.46 1.44
CA ASP E 311 7.00 17.44 2.50
C ASP E 311 6.19 18.65 2.04
N LEU E 312 6.42 19.09 0.81
CA LEU E 312 5.62 20.18 0.25
C LEU E 312 4.15 19.81 0.10
N GLU E 313 3.85 18.59 -0.37
CA GLU E 313 2.45 18.16 -0.44
C GLU E 313 1.79 18.13 0.94
N GLN E 314 2.50 17.63 1.96
CA GLN E 314 1.92 17.66 3.31
C GLN E 314 1.69 19.08 3.79
N GLN E 315 2.60 19.99 3.46
CA GLN E 315 2.42 21.41 3.76
C GLN E 315 1.18 21.96 3.08
N LEU E 316 1.02 21.65 1.78
CA LEU E 316 -0.10 22.17 0.97
C LEU E 316 -1.48 21.72 1.45
N ASN E 317 -1.61 20.56 2.10
CA ASN E 317 -2.91 20.14 2.66
C ASN E 317 -2.72 19.45 4.01
N LYS F 3 -5.59 79.46 -4.64
CA LYS F 3 -4.34 79.58 -3.89
C LYS F 3 -3.36 78.43 -4.15
N THR F 4 -2.10 78.82 -4.40
CA THR F 4 -0.97 77.90 -4.47
C THR F 4 -0.67 77.20 -3.14
N ILE F 5 -0.56 75.88 -3.20
CA ILE F 5 -0.12 75.07 -2.08
C ILE F 5 1.41 75.21 -2.04
N LYS F 6 1.96 75.67 -0.91
CA LYS F 6 3.41 75.75 -0.76
C LYS F 6 4.01 74.54 -0.06
N VAL F 7 5.05 73.97 -0.68
CA VAL F 7 5.64 72.70 -0.29
C VAL F 7 7.11 72.86 0.06
N ALA F 8 7.53 72.18 1.13
CA ALA F 8 8.91 71.85 1.44
C ALA F 8 9.25 70.41 1.04
N LEU F 9 10.40 70.22 0.40
CA LEU F 9 10.94 68.92 0.05
C LEU F 9 12.21 68.62 0.85
N ALA F 10 12.22 67.47 1.50
CA ALA F 10 13.37 67.02 2.28
C ALA F 10 14.07 65.86 1.57
N GLY F 11 15.34 66.07 1.24
CA GLY F 11 16.12 65.07 0.58
C GLY F 11 16.17 65.28 -0.90
N ALA F 12 17.10 66.11 -1.32
CA ALA F 12 17.40 66.41 -2.72
C ALA F 12 18.16 65.30 -3.44
N GLY F 13 17.92 64.02 -3.13
CA GLY F 13 18.51 62.89 -3.82
C GLY F 13 17.86 62.57 -5.17
N ALA F 14 18.19 61.36 -5.66
CA ALA F 14 17.69 60.91 -6.96
C ALA F 14 16.16 60.96 -7.07
N PHE F 15 15.48 60.56 -5.99
CA PHE F 15 14.03 60.61 -5.98
C PHE F 15 13.50 62.02 -5.72
N GLY F 16 14.14 62.76 -4.83
CA GLY F 16 13.76 64.16 -4.66
C GLY F 16 13.80 64.94 -5.97
N ILE F 17 14.83 64.70 -6.77
CA ILE F 17 14.91 65.31 -8.10
C ILE F 17 13.76 64.89 -8.99
N LYS F 18 13.39 63.60 -8.95
CA LYS F 18 12.24 63.21 -9.77
C LYS F 18 10.96 63.94 -9.33
N HIS F 19 10.78 64.15 -8.02
CA HIS F 19 9.66 64.95 -7.53
C HIS F 19 9.71 66.39 -8.00
N LEU F 20 10.86 67.06 -7.92
CA LEU F 20 10.94 68.44 -8.40
C LEU F 20 10.55 68.54 -9.88
N ASP F 21 11.03 67.58 -10.69
CA ASP F 21 10.68 67.52 -12.12
C ASP F 21 9.20 67.28 -12.32
N GLY F 22 8.58 66.47 -11.46
CA GLY F 22 7.15 66.25 -11.58
C GLY F 22 6.35 67.49 -11.22
N ILE F 23 6.70 68.10 -10.07
CA ILE F 23 5.98 69.26 -9.56
C ILE F 23 6.04 70.40 -10.55
N LYS F 24 7.11 70.51 -11.35
CA LYS F 24 7.12 71.57 -12.38
C LYS F 24 5.89 71.52 -13.30
N ASN F 25 5.26 70.36 -13.47
CA ASN F 25 4.07 70.21 -14.31
C ASN F 25 2.74 70.33 -13.57
N ILE F 26 2.75 70.64 -12.27
CA ILE F 26 1.53 70.68 -11.47
C ILE F 26 1.21 72.13 -11.13
N ASP F 27 0.16 72.65 -11.75
CA ASP F 27 -0.34 74.01 -11.51
C ASP F 27 -0.81 74.20 -10.08
N GLY F 28 -0.58 75.41 -9.56
CA GLY F 28 -1.00 75.77 -8.20
C GLY F 28 -0.26 75.07 -7.09
N VAL F 29 0.95 74.60 -7.35
CA VAL F 29 1.86 74.06 -6.35
C VAL F 29 3.19 74.77 -6.53
N GLU F 30 3.83 75.10 -5.42
CA GLU F 30 5.13 75.77 -5.52
C GLU F 30 6.01 75.23 -4.39
N VAL F 31 7.21 74.79 -4.76
CA VAL F 31 8.24 74.38 -3.81
C VAL F 31 8.98 75.61 -3.29
N VAL F 32 8.78 75.92 -2.01
CA VAL F 32 9.40 77.09 -1.41
C VAL F 32 10.63 76.76 -0.56
N SER F 33 10.75 75.53 -0.06
CA SER F 33 11.91 75.18 0.76
C SER F 33 12.52 73.84 0.36
N LEU F 34 13.84 73.80 0.28
CA LEU F 34 14.61 72.57 0.08
C LEU F 34 15.57 72.27 1.21
N VAL F 35 15.46 71.04 1.74
CA VAL F 35 16.28 70.49 2.82
C VAL F 35 17.22 69.43 2.25
N GLY F 36 18.51 69.53 2.60
CA GLY F 36 19.48 68.52 2.21
C GLY F 36 20.69 68.53 3.13
N ARG F 37 21.38 67.39 3.14
CA ARG F 37 22.43 67.17 4.14
C ARG F 37 23.60 68.15 4.03
N ARG F 38 23.86 68.68 2.83
CA ARG F 38 24.99 69.55 2.53
C ARG F 38 24.54 70.85 1.87
N PHE F 39 24.75 71.96 2.57
CA PHE F 39 24.23 73.24 2.14
C PHE F 39 24.55 73.52 0.67
N ASP F 40 25.83 73.43 0.30
CA ASP F 40 26.24 73.80 -1.06
C ASP F 40 25.55 72.96 -2.12
N GLN F 41 25.42 71.65 -1.89
CA GLN F 41 24.74 70.82 -2.85
C GLN F 41 23.25 71.13 -2.91
N THR F 42 22.65 71.36 -1.73
CA THR F 42 21.25 71.76 -1.67
C THR F 42 21.01 73.09 -2.37
N LYS F 43 21.89 74.07 -2.16
CA LYS F 43 21.74 75.37 -2.80
C LYS F 43 21.88 75.28 -4.32
N GLU F 44 22.83 74.49 -4.79
CA GLU F 44 22.95 74.30 -6.22
C GLU F 44 21.65 73.75 -6.81
N VAL F 45 21.06 72.75 -6.16
CA VAL F 45 19.77 72.22 -6.62
C VAL F 45 18.64 73.26 -6.50
N ALA F 46 18.56 73.96 -5.36
CA ALA F 46 17.51 74.97 -5.17
C ALA F 46 17.54 76.05 -6.25
N ASP F 47 18.72 76.58 -6.55
CA ASP F 47 18.81 77.58 -7.61
C ASP F 47 18.42 76.98 -8.95
N LYS F 48 18.81 75.73 -9.21
CA LYS F 48 18.39 75.08 -10.45
C LYS F 48 16.88 74.97 -10.58
N TYR F 49 16.19 74.72 -9.47
CA TYR F 49 14.75 74.54 -9.45
C TYR F 49 13.98 75.79 -8.99
N GLY F 50 14.69 76.88 -8.68
CA GLY F 50 14.07 78.10 -8.21
C GLY F 50 13.50 78.07 -6.80
N ILE F 51 14.05 77.25 -5.92
CA ILE F 51 13.57 77.15 -4.55
C ILE F 51 14.26 78.22 -3.71
N ALA F 52 13.48 79.13 -3.10
CA ALA F 52 14.06 80.31 -2.47
C ALA F 52 14.76 80.01 -1.14
N HIS F 53 14.18 79.14 -0.32
CA HIS F 53 14.72 78.86 1.01
C HIS F 53 15.50 77.54 1.00
N VAL F 54 16.67 77.53 1.66
CA VAL F 54 17.52 76.33 1.73
C VAL F 54 17.93 76.04 3.17
N ALA F 55 17.72 74.79 3.63
CA ALA F 55 18.11 74.35 4.95
C ALA F 55 18.82 72.99 4.94
N THR F 56 19.60 72.74 5.99
CA THR F 56 20.22 71.43 6.26
C THR F 56 19.51 70.67 7.37
N ASP F 57 18.63 71.33 8.12
CA ASP F 57 17.77 70.70 9.11
C ASP F 57 16.33 70.92 8.69
N LEU F 58 15.52 69.87 8.83
CA LEU F 58 14.10 69.99 8.51
C LEU F 58 13.36 70.99 9.38
N ALA F 59 13.75 71.12 10.64
CA ALA F 59 13.04 72.04 11.54
C ALA F 59 13.03 73.46 11.00
N GLU F 60 14.12 73.87 10.33
CA GLU F 60 14.13 75.20 9.73
C GLU F 60 13.00 75.34 8.70
N SER F 61 12.74 74.28 7.90
CA SER F 61 11.63 74.40 6.96
C SER F 61 10.28 74.27 7.64
N LEU F 62 10.20 73.46 8.69
CA LEU F 62 8.95 73.34 9.45
C LEU F 62 8.59 74.63 10.20
N ALA F 63 9.59 75.45 10.56
CA ALA F 63 9.27 76.71 11.22
C ALA F 63 8.66 77.75 10.30
N LEU F 64 8.72 77.57 8.99
CA LEU F 64 8.08 78.53 8.08
C LEU F 64 6.57 78.43 8.15
N PRO F 65 5.86 79.50 8.53
CA PRO F 65 4.38 79.43 8.61
C PRO F 65 3.66 79.28 7.27
N GLU F 66 4.27 79.75 6.20
CA GLU F 66 3.72 79.70 4.86
C GLU F 66 3.78 78.28 4.26
N VAL F 67 4.68 77.41 4.75
CA VAL F 67 4.78 76.06 4.22
C VAL F 67 3.51 75.28 4.56
N ASP F 68 2.85 74.75 3.53
CA ASP F 68 1.64 73.96 3.73
C ASP F 68 1.90 72.48 3.79
N ALA F 69 2.85 71.95 3.02
CA ALA F 69 3.01 70.50 2.92
C ALA F 69 4.48 70.14 2.81
N VAL F 70 4.80 68.90 3.18
CA VAL F 70 6.17 68.39 3.11
C VAL F 70 6.21 67.05 2.38
N ILE F 71 7.22 66.91 1.51
CA ILE F 71 7.56 65.65 0.87
C ILE F 71 8.89 65.14 1.41
N LEU F 72 8.89 63.93 1.97
CA LEU F 72 10.08 63.33 2.58
C LEU F 72 10.70 62.29 1.65
N CYS F 73 11.87 62.62 1.07
CA CYS F 73 12.66 61.69 0.26
C CYS F 73 14.03 61.42 0.88
N THR F 74 14.10 61.46 2.19
CA THR F 74 15.33 61.23 2.96
C THR F 74 15.64 59.74 3.07
N PRO F 75 16.76 59.36 3.71
CA PRO F 75 16.97 57.94 4.01
C PRO F 75 15.90 57.34 4.90
N THR F 76 15.59 56.08 4.60
CA THR F 76 14.55 55.29 5.25
C THR F 76 14.59 55.31 6.78
N GLN F 77 15.79 55.22 7.37
CA GLN F 77 15.90 55.17 8.82
C GLN F 77 15.33 56.41 9.50
N MET F 78 15.18 57.51 8.76
CA MET F 78 14.68 58.79 9.25
C MET F 78 13.19 59.04 9.02
N HIS F 79 12.52 58.27 8.17
CA HIS F 79 11.18 58.65 7.69
C HIS F 79 10.13 58.85 8.80
N ALA F 80 9.98 57.89 9.70
CA ALA F 80 8.92 57.96 10.71
C ALA F 80 9.09 59.14 11.66
N GLU F 81 10.27 59.30 12.24
CA GLU F 81 10.50 60.46 13.08
C GLU F 81 10.19 61.74 12.31
N GLN F 82 10.67 61.80 11.07
CA GLN F 82 10.48 63.02 10.30
C GLN F 82 9.02 63.24 9.98
N ALA F 83 8.29 62.17 9.68
CA ALA F 83 6.86 62.33 9.44
C ALA F 83 6.14 62.86 10.68
N ILE F 84 6.50 62.34 11.86
CA ILE F 84 5.94 62.84 13.10
C ILE F 84 6.27 64.32 13.29
N ALA F 85 7.51 64.71 13.03
CA ALA F 85 7.84 66.12 13.19
C ALA F 85 6.99 66.99 12.29
N CYS F 86 6.78 66.56 11.03
CA CYS F 86 5.95 67.31 10.10
C CYS F 86 4.55 67.52 10.63
N MET F 87 3.92 66.45 11.10
CA MET F 87 2.56 66.57 11.58
C MET F 87 2.48 67.39 12.87
N LYS F 88 3.50 67.28 13.75
CA LYS F 88 3.53 68.16 14.92
C LYS F 88 3.63 69.62 14.53
N ALA F 89 4.28 69.90 13.40
CA ALA F 89 4.31 71.26 12.87
C ALA F 89 3.06 71.65 12.09
N GLY F 90 2.02 70.81 12.06
CA GLY F 90 0.83 71.17 11.33
C GLY F 90 0.96 71.07 9.81
N LYS F 91 1.92 70.30 9.30
CA LYS F 91 2.10 70.19 7.85
C LYS F 91 1.57 68.84 7.37
N HIS F 92 0.86 68.85 6.25
CA HIS F 92 0.58 67.60 5.57
C HIS F 92 1.91 67.00 5.15
N VAL F 93 1.95 65.69 5.06
CA VAL F 93 3.20 65.01 4.74
C VAL F 93 2.96 63.86 3.77
N GLN F 94 3.85 63.74 2.81
CA GLN F 94 3.97 62.56 1.95
C GLN F 94 5.33 61.97 2.25
N VAL F 95 5.36 60.67 2.51
CA VAL F 95 6.57 60.02 2.93
C VAL F 95 6.91 58.95 1.91
N GLU F 96 8.14 58.99 1.42
CA GLU F 96 8.55 57.91 0.57
C GLU F 96 8.47 56.59 1.30
N ILE F 97 8.29 55.56 0.50
CA ILE F 97 8.24 54.19 0.98
C ILE F 97 9.64 53.79 1.40
N PRO F 98 9.77 53.02 2.47
CA PRO F 98 8.71 52.61 3.40
C PRO F 98 8.30 53.69 4.42
N LEU F 99 7.03 53.63 4.81
CA LEU F 99 6.53 54.45 5.89
C LEU F 99 7.42 54.40 7.12
N ALA F 100 7.93 53.23 7.45
CA ALA F 100 8.89 53.07 8.53
C ALA F 100 9.59 51.76 8.25
N ASP F 101 10.73 51.56 8.90
CA ASP F 101 11.35 50.25 8.89
C ASP F 101 11.01 49.43 10.13
N ALA F 102 10.04 49.86 10.93
CA ALA F 102 9.52 49.09 12.05
C ALA F 102 8.02 49.31 12.21
N LEU F 103 7.30 48.26 12.59
CA LEU F 103 5.85 48.37 12.80
C LEU F 103 5.51 49.41 13.88
N LYS F 104 6.29 49.44 14.97
CA LYS F 104 6.06 50.38 16.06
C LYS F 104 6.07 51.83 15.56
N ASP F 105 7.05 52.18 14.73
CA ASP F 105 7.16 53.55 14.25
C ASP F 105 6.04 53.88 13.28
N ALA F 106 5.69 52.93 12.42
CA ALA F 106 4.52 53.12 11.56
C ALA F 106 3.26 53.35 12.38
N GLN F 107 3.13 52.67 13.53
CA GLN F 107 1.98 52.94 14.37
C GLN F 107 2.02 54.34 14.96
N GLU F 108 3.19 54.80 15.39
CA GLU F 108 3.26 56.16 15.92
C GLU F 108 2.85 57.20 14.86
N VAL F 109 3.26 56.99 13.61
CA VAL F 109 2.84 57.86 12.52
C VAL F 109 1.32 57.80 12.31
N ALA F 110 0.76 56.60 12.30
CA ALA F 110 -0.68 56.46 12.12
C ALA F 110 -1.46 57.13 13.25
N GLU F 111 -1.00 56.96 14.49
CA GLU F 111 -1.69 57.58 15.62
C GLU F 111 -1.63 59.10 15.54
N LEU F 112 -0.48 59.66 15.17
CA LEU F 112 -0.46 61.11 15.06
C LEU F 112 -1.30 61.63 13.90
N GLN F 113 -1.33 60.93 12.75
CA GLN F 113 -2.22 61.35 11.67
C GLN F 113 -3.67 61.39 12.14
N LYS F 114 -4.10 60.33 12.83
CA LYS F 114 -5.46 60.27 13.36
C LYS F 114 -5.74 61.39 14.38
N GLN F 115 -4.77 61.74 15.20
CA GLN F 115 -4.97 62.82 16.17
C GLN F 115 -5.08 64.18 15.50
N THR F 116 -4.27 64.43 14.48
CA THR F 116 -4.26 65.73 13.81
C THR F 116 -5.29 65.85 12.70
N GLY F 117 -5.70 64.74 12.08
CA GLY F 117 -6.54 64.78 10.90
C GLY F 117 -5.89 65.33 9.65
N LEU F 118 -4.56 65.48 9.66
CA LEU F 118 -3.79 65.91 8.50
C LEU F 118 -3.65 64.78 7.47
N VAL F 119 -3.59 65.16 6.20
CA VAL F 119 -3.13 64.24 5.13
C VAL F 119 -1.72 63.71 5.38
N ALA F 120 -1.60 62.42 5.64
CA ALA F 120 -0.31 61.76 5.65
C ALA F 120 -0.34 60.58 4.66
N MET F 121 0.51 60.66 3.65
CA MET F 121 0.54 59.75 2.51
C MET F 121 1.88 59.04 2.48
N VAL F 122 1.88 57.77 2.04
CA VAL F 122 3.11 57.03 1.78
C VAL F 122 3.26 56.84 0.27
N GLY F 123 4.49 57.04 -0.24
CA GLY F 123 4.78 56.96 -1.66
C GLY F 123 4.81 55.58 -2.30
N HIS F 124 3.71 54.81 -2.17
CA HIS F 124 3.53 53.56 -2.91
C HIS F 124 3.20 53.78 -4.38
N THR F 125 4.21 54.27 -5.11
CA THR F 125 4.10 54.72 -6.49
C THR F 125 3.45 53.71 -7.43
N ARG F 126 3.54 52.41 -7.11
CA ARG F 126 2.93 51.38 -7.93
C ARG F 126 1.43 51.58 -8.06
N ARG F 127 0.79 52.18 -7.04
CA ARG F 127 -0.62 52.52 -7.18
C ARG F 127 -0.84 53.54 -8.27
N PHE F 128 0.15 54.36 -8.55
CA PHE F 128 -0.01 55.48 -9.46
C PHE F 128 0.64 55.26 -10.83
N ASN F 129 1.41 54.19 -11.03
CA ASN F 129 1.92 53.93 -12.37
C ASN F 129 0.78 53.68 -13.35
N PRO F 130 0.78 54.31 -14.52
CA PRO F 130 -0.33 54.11 -15.48
C PRO F 130 -0.56 52.63 -15.84
N SER F 131 0.52 51.87 -15.95
CA SER F 131 0.44 50.44 -16.23
C SER F 131 -0.30 49.66 -15.13
N HIS F 132 -0.01 49.99 -13.87
CA HIS F 132 -0.68 49.33 -12.74
C HIS F 132 -2.09 49.87 -12.59
N GLN F 133 -2.30 51.15 -12.86
CA GLN F 133 -3.67 51.66 -12.87
C GLN F 133 -4.54 50.98 -13.91
N TRP F 134 -3.99 50.72 -15.11
CA TRP F 134 -4.72 49.99 -16.15
C TRP F 134 -5.16 48.62 -15.64
N VAL F 135 -4.23 47.88 -15.03
CA VAL F 135 -4.65 46.59 -14.50
C VAL F 135 -5.70 46.77 -13.41
N HIS F 136 -5.50 47.76 -12.52
CA HIS F 136 -6.44 48.00 -11.43
C HIS F 136 -7.85 48.30 -11.97
N LYS F 137 -7.95 49.19 -12.96
CA LYS F 137 -9.24 49.51 -13.57
C LYS F 137 -9.91 48.32 -14.26
N LYS F 138 -9.14 47.43 -14.88
CA LYS F 138 -9.75 46.21 -15.43
C LYS F 138 -10.33 45.32 -14.33
N ILE F 139 -9.63 45.25 -13.20
CA ILE F 139 -10.13 44.48 -12.07
C ILE F 139 -11.41 45.12 -11.49
N GLU F 140 -11.40 46.43 -11.29
CA GLU F 140 -12.59 47.12 -10.78
C GLU F 140 -13.79 46.97 -11.70
N ALA F 141 -13.57 46.90 -13.01
CA ALA F 141 -14.63 46.64 -13.98
C ALA F 141 -15.11 45.17 -14.00
N GLY F 142 -14.47 44.28 -13.25
CA GLY F 142 -14.78 42.85 -13.26
C GLY F 142 -14.36 42.05 -14.48
N GLU F 143 -13.48 42.60 -15.30
CA GLU F 143 -12.95 42.04 -16.54
C GLU F 143 -11.68 41.18 -16.36
N PHE F 144 -11.05 41.23 -15.19
CA PHE F 144 -9.79 40.52 -14.94
C PHE F 144 -9.72 40.09 -13.48
N ASN F 145 -9.29 38.85 -13.23
CA ASN F 145 -8.99 38.45 -11.86
C ASN F 145 -7.58 37.88 -11.78
N ILE F 146 -6.78 38.38 -10.82
CA ILE F 146 -5.42 37.87 -10.61
C ILE F 146 -5.42 36.47 -10.02
N GLN F 147 -4.74 35.52 -10.69
CA GLN F 147 -4.41 34.24 -10.10
C GLN F 147 -3.01 34.20 -9.45
N GLN F 148 -1.99 34.73 -10.14
CA GLN F 148 -0.66 34.77 -9.60
C GLN F 148 0.07 36.04 -10.05
N MET F 149 0.82 36.67 -9.13
CA MET F 149 1.79 37.71 -9.48
C MET F 149 3.21 37.16 -9.25
N ASP F 150 4.04 37.13 -10.29
CA ASP F 150 5.46 36.73 -10.15
C ASP F 150 6.36 37.96 -10.33
N VAL F 151 7.15 38.32 -9.32
CA VAL F 151 7.87 39.61 -9.26
C VAL F 151 9.35 39.41 -9.01
N GLN F 152 10.20 40.17 -9.73
CA GLN F 152 11.64 40.20 -9.54
C GLN F 152 12.05 41.65 -9.25
N THR F 153 12.67 41.87 -8.08
CA THR F 153 13.29 43.14 -7.69
C THR F 153 14.79 42.94 -7.48
N TYR F 154 15.59 43.40 -8.44
CA TYR F 154 17.01 43.12 -8.59
C TYR F 154 17.90 44.36 -8.65
N PHE F 155 18.99 44.33 -7.89
CA PHE F 155 20.02 45.36 -8.00
C PHE F 155 21.36 44.63 -7.97
N PHE F 156 22.43 45.32 -8.41
CA PHE F 156 23.79 44.84 -8.18
C PHE F 156 24.40 45.77 -7.15
N ARG F 157 24.38 45.35 -5.89
CA ARG F 157 24.74 46.35 -4.90
C ARG F 157 25.50 45.63 -3.76
N ARG F 158 26.71 45.17 -4.04
CA ARG F 158 27.56 44.53 -3.03
C ARG F 158 28.53 45.44 -2.28
N THR F 159 28.61 46.72 -2.58
CA THR F 159 29.53 47.63 -1.89
C THR F 159 28.86 48.90 -1.41
N ASN F 160 29.44 49.48 -0.35
CA ASN F 160 28.91 50.71 0.23
C ASN F 160 29.41 51.92 -0.55
N MET F 161 29.98 51.62 -1.72
CA MET F 161 30.57 52.47 -2.75
C MET F 161 31.29 53.75 -2.36
N ASN F 162 32.39 54.07 -3.05
CA ASN F 162 33.05 55.37 -2.91
C ASN F 162 32.80 56.28 -4.09
N ALA F 163 32.01 55.85 -5.07
CA ALA F 163 31.74 56.71 -6.21
C ALA F 163 30.29 56.71 -6.67
N LEU F 164 30.08 56.86 -7.98
CA LEU F 164 28.77 56.83 -8.63
C LEU F 164 27.87 57.90 -8.00
N GLY F 165 28.49 58.68 -7.12
CA GLY F 165 28.10 59.75 -6.27
C GLY F 165 29.28 59.64 -5.31
N GLN F 166 29.11 58.98 -4.18
CA GLN F 166 30.19 58.77 -3.21
C GLN F 166 29.83 57.61 -2.27
N ALA F 167 30.35 57.66 -1.06
CA ALA F 167 30.03 56.76 0.05
C ALA F 167 28.54 56.87 0.32
N ARG F 168 27.86 55.75 0.54
CA ARG F 168 26.48 55.91 0.93
C ARG F 168 26.46 56.26 2.40
N SER F 169 25.52 57.12 2.82
CA SER F 169 25.33 57.33 4.24
C SER F 169 24.30 56.44 4.89
N TRP F 170 23.55 55.66 4.13
CA TRP F 170 22.53 54.81 4.71
C TRP F 170 22.54 53.42 4.09
N THR F 171 22.05 52.43 4.83
CA THR F 171 21.95 51.07 4.32
C THR F 171 20.49 50.78 3.95
N ASP F 172 20.28 50.26 2.74
CA ASP F 172 18.97 49.88 2.24
C ASP F 172 18.61 48.48 2.79
N HIS F 173 17.43 47.98 2.46
CA HIS F 173 16.98 46.73 3.08
C HIS F 173 16.01 46.10 2.08
N LEU F 174 16.27 44.84 1.75
CA LEU F 174 15.42 44.15 0.78
C LEU F 174 13.96 44.08 1.21
N LEU F 175 13.71 43.76 2.49
CA LEU F 175 12.36 43.68 3.03
C LEU F 175 11.55 44.95 3.15
N TRP F 176 11.97 45.85 4.04
CA TRP F 176 11.13 46.99 4.37
C TRP F 176 11.02 47.94 3.19
N HIS F 177 12.09 48.10 2.40
CA HIS F 177 11.99 49.03 1.29
C HIS F 177 11.52 48.37 0.00
N HIS F 178 12.01 47.19 -0.34
CA HIS F 178 11.71 46.70 -1.67
C HIS F 178 10.54 45.74 -1.66
N ALA F 179 10.44 44.84 -0.70
CA ALA F 179 9.29 43.94 -0.68
C ALA F 179 7.99 44.71 -0.42
N ALA F 180 8.05 45.81 0.34
CA ALA F 180 6.86 46.63 0.58
C ALA F 180 6.09 47.04 -0.70
N HIS F 181 6.78 47.35 -1.81
CA HIS F 181 6.01 47.66 -3.02
C HIS F 181 5.10 46.52 -3.41
N THR F 182 5.61 45.29 -3.37
CA THR F 182 4.85 44.14 -3.85
C THR F 182 3.85 43.66 -2.83
N VAL F 183 4.21 43.63 -1.54
CA VAL F 183 3.24 43.21 -0.54
C VAL F 183 2.01 44.12 -0.59
N ASP F 184 2.23 45.45 -0.61
CA ASP F 184 1.11 46.36 -0.74
C ASP F 184 0.37 46.20 -2.06
N LEU F 185 1.10 46.28 -3.18
CA LEU F 185 0.47 46.20 -4.49
C LEU F 185 -0.28 44.87 -4.70
N PHE F 186 0.25 43.75 -4.22
CA PHE F 186 -0.45 42.48 -4.33
C PHE F 186 -1.80 42.54 -3.63
N ALA F 187 -1.82 42.94 -2.35
CA ALA F 187 -3.13 42.99 -1.68
C ALA F 187 -4.09 43.99 -2.37
N TYR F 188 -3.57 45.14 -2.79
CA TYR F 188 -4.38 46.14 -3.47
C TYR F 188 -4.97 45.61 -4.78
N GLN F 189 -4.13 45.02 -5.63
CA GLN F 189 -4.59 44.51 -6.93
C GLN F 189 -5.45 43.25 -6.79
N ALA F 190 -5.14 42.39 -5.82
CA ALA F 190 -5.99 41.25 -5.55
C ALA F 190 -7.31 41.67 -4.93
N GLY F 191 -7.40 42.91 -4.41
CA GLY F 191 -8.57 43.37 -3.71
C GLY F 191 -8.92 42.59 -2.46
N SER F 192 -7.93 41.93 -1.85
CA SER F 192 -8.14 40.95 -0.79
C SER F 192 -6.93 40.91 0.14
N PRO F 193 -7.13 40.80 1.47
CA PRO F 193 -6.00 40.73 2.42
C PRO F 193 -5.11 39.48 2.31
N ILE F 194 -3.84 39.68 2.64
CA ILE F 194 -2.90 38.57 2.77
C ILE F 194 -3.18 37.76 4.03
N VAL F 195 -3.31 36.45 3.85
CA VAL F 195 -3.63 35.52 4.93
C VAL F 195 -2.54 34.47 5.17
N LYS F 196 -1.57 34.31 4.25
CA LYS F 196 -0.38 33.47 4.45
C LYS F 196 0.82 34.14 3.81
N ALA F 197 1.92 34.20 4.55
CA ALA F 197 3.17 34.75 4.05
C ALA F 197 4.35 33.91 4.52
N ASN F 198 5.29 33.62 3.62
CA ASN F 198 6.51 32.91 3.97
C ASN F 198 7.67 33.64 3.29
N ALA F 199 8.78 33.79 4.00
CA ALA F 199 10.00 34.33 3.42
C ALA F 199 11.20 33.46 3.78
N VAL F 200 12.18 33.42 2.88
CA VAL F 200 13.53 32.94 3.20
C VAL F 200 14.54 33.94 2.69
N GLN F 201 15.67 34.02 3.38
CA GLN F 201 16.75 34.93 3.05
C GLN F 201 18.05 34.17 2.98
N GLY F 202 19.00 34.70 2.22
CA GLY F 202 20.35 34.22 2.25
C GLY F 202 21.10 34.70 3.50
N PRO F 203 22.39 34.40 3.58
CA PRO F 203 23.21 34.80 4.73
C PRO F 203 23.33 36.30 4.88
N ILE F 204 23.47 36.76 6.14
CA ILE F 204 23.75 38.17 6.39
C ILE F 204 25.17 38.45 5.92
N HIS F 205 25.31 39.47 5.09
CA HIS F 205 26.59 39.92 4.55
C HIS F 205 27.48 40.58 5.60
N LYS F 206 28.72 40.06 5.71
CA LYS F 206 29.66 40.48 6.75
C LYS F 206 29.81 42.00 6.89
N ASP F 207 29.86 42.76 5.77
CA ASP F 207 30.13 44.20 5.89
C ASP F 207 28.88 45.07 5.93
N LEU F 208 27.76 44.60 5.40
CA LEU F 208 26.56 45.43 5.34
C LEU F 208 25.56 45.10 6.41
N GLY F 209 25.62 43.91 7.00
CA GLY F 209 24.67 43.55 8.02
C GLY F 209 23.27 43.28 7.50
N ILE F 210 23.13 43.02 6.19
CA ILE F 210 21.82 42.75 5.62
C ILE F 210 21.88 41.48 4.79
N ALA F 211 20.71 40.87 4.62
CA ALA F 211 20.55 39.80 3.66
C ALA F 211 20.69 40.37 2.24
N MET F 212 21.40 39.64 1.36
CA MET F 212 21.62 40.02 -0.04
C MET F 212 20.62 39.41 -1.02
N ASP F 213 19.88 38.38 -0.61
CA ASP F 213 18.90 37.68 -1.43
C ASP F 213 17.71 37.32 -0.56
N MET F 214 16.53 37.40 -1.13
CA MET F 214 15.34 37.13 -0.32
C MET F 214 14.26 36.59 -1.24
N SER F 215 13.46 35.67 -0.72
CA SER F 215 12.31 35.11 -1.41
C SER F 215 11.06 35.21 -0.55
N ILE F 216 10.00 35.79 -1.09
CA ILE F 216 8.75 36.00 -0.35
C ILE F 216 7.62 35.35 -1.15
N GLN F 217 6.73 34.65 -0.47
CA GLN F 217 5.49 34.12 -1.04
C GLN F 217 4.27 34.60 -0.28
N LEU F 218 3.26 35.10 -1.00
CA LEU F 218 2.03 35.58 -0.39
C LEU F 218 0.82 34.83 -0.92
N LYS F 219 -0.18 34.66 -0.06
CA LYS F 219 -1.50 34.14 -0.46
C LYS F 219 -2.59 35.04 0.11
N ALA F 220 -3.47 35.52 -0.77
CA ALA F 220 -4.69 36.27 -0.44
C ALA F 220 -5.87 35.39 -0.05
N ALA F 221 -6.79 35.98 0.71
CA ALA F 221 -7.98 35.26 1.14
C ALA F 221 -8.80 34.74 -0.03
N ASN F 222 -8.87 35.49 -1.16
CA ASN F 222 -9.56 34.98 -2.35
C ASN F 222 -8.78 33.90 -3.12
N GLY F 223 -7.60 33.51 -2.67
CA GLY F 223 -6.84 32.45 -3.29
C GLY F 223 -5.77 32.91 -4.26
N ALA F 224 -5.74 34.19 -4.66
CA ALA F 224 -4.62 34.70 -5.46
C ALA F 224 -3.29 34.50 -4.71
N ILE F 225 -2.22 34.21 -5.47
CA ILE F 225 -0.89 34.05 -4.89
C ILE F 225 0.09 35.01 -5.55
N CYS F 226 1.17 35.32 -4.82
CA CYS F 226 2.30 36.10 -5.30
C CYS F 226 3.61 35.39 -4.96
N THR F 227 4.53 35.34 -5.93
CA THR F 227 5.93 34.94 -5.73
C THR F 227 6.82 36.16 -5.94
N LEU F 228 7.73 36.45 -4.99
CA LEU F 228 8.62 37.62 -5.06
C LEU F 228 10.08 37.20 -4.85
N SER F 229 10.92 37.44 -5.86
CA SER F 229 12.38 37.30 -5.78
C SER F 229 13.05 38.66 -5.64
N LEU F 230 13.87 38.87 -4.58
CA LEU F 230 14.65 40.08 -4.40
C LEU F 230 16.15 39.79 -4.32
N SER F 231 16.97 40.65 -4.92
CA SER F 231 18.42 40.47 -4.86
C SER F 231 19.22 41.78 -4.99
N PHE F 232 20.26 41.91 -4.17
CA PHE F 232 21.31 42.89 -4.40
C PHE F 232 22.53 42.30 -5.11
N ASN F 233 22.50 40.98 -5.46
CA ASN F 233 23.55 40.24 -6.17
C ASN F 233 23.38 40.04 -7.70
N ASN F 234 22.29 40.53 -8.30
CA ASN F 234 21.91 40.32 -9.72
C ASN F 234 22.76 41.21 -10.64
N ASP F 235 23.70 40.60 -11.35
CA ASP F 235 24.43 41.28 -12.44
C ASP F 235 23.71 41.38 -13.79
N GLY F 236 22.66 42.22 -13.81
CA GLY F 236 21.83 42.41 -14.99
C GLY F 236 21.03 43.71 -14.97
N PRO F 237 20.01 43.81 -15.81
CA PRO F 237 19.07 44.94 -15.76
C PRO F 237 18.49 45.14 -14.37
N LEU F 238 18.63 46.34 -13.85
CA LEU F 238 18.19 46.61 -12.49
C LEU F 238 16.74 47.07 -12.43
N GLY F 239 16.08 46.68 -11.35
CA GLY F 239 14.74 47.16 -11.12
C GLY F 239 13.75 46.05 -10.89
N THR F 240 12.49 46.41 -11.01
CA THR F 240 11.36 45.50 -10.88
C THR F 240 10.60 45.22 -12.17
N PHE F 241 10.36 43.94 -12.40
CA PHE F 241 9.57 43.39 -13.49
C PHE F 241 8.39 42.68 -12.83
N PHE F 242 7.16 43.00 -13.23
CA PHE F 242 5.97 42.39 -12.64
C PHE F 242 5.24 41.56 -13.68
N ARG F 243 4.89 40.33 -13.32
CA ARG F 243 4.00 39.49 -14.12
C ARG F 243 2.66 39.20 -13.44
N TYR F 244 1.58 39.77 -13.99
CA TYR F 244 0.20 39.45 -13.62
C TYR F 244 -0.34 38.28 -14.44
N ILE F 245 -0.55 37.12 -13.83
CA ILE F 245 -1.22 36.02 -14.53
C ILE F 245 -2.66 35.94 -14.05
N GLY F 246 -3.62 36.31 -14.90
CA GLY F 246 -5.03 36.25 -14.55
C GLY F 246 -5.95 35.34 -15.35
N ASP F 247 -7.24 35.46 -15.05
CA ASP F 247 -8.25 34.65 -15.70
C ASP F 247 -8.45 35.03 -17.15
N THR F 248 -8.33 36.29 -17.47
CA THR F 248 -8.59 36.73 -18.81
C THR F 248 -7.31 37.04 -19.56
N GLY F 249 -6.16 37.01 -18.90
CA GLY F 249 -4.97 37.37 -19.65
C GLY F 249 -3.72 37.25 -18.81
N THR F 250 -2.59 37.64 -19.42
CA THR F 250 -1.32 37.78 -18.74
C THR F 250 -0.77 39.14 -19.11
N TYR F 251 -0.24 39.85 -18.11
CA TYR F 251 0.33 41.17 -18.27
C TYR F 251 1.71 41.27 -17.61
N LEU F 252 2.60 42.03 -18.28
CA LEU F 252 3.97 42.32 -17.89
C LEU F 252 4.11 43.82 -17.63
N ALA F 253 4.31 44.22 -16.38
CA ALA F 253 4.57 45.62 -16.05
C ALA F 253 6.06 45.91 -15.88
N ARG F 254 6.55 46.94 -16.59
CA ARG F 254 7.94 47.40 -16.52
C ARG F 254 7.91 48.93 -16.33
N TYR F 255 8.03 49.38 -15.09
CA TYR F 255 7.77 50.75 -14.67
C TYR F 255 6.38 51.23 -15.11
N ASP F 256 6.34 52.26 -15.93
CA ASP F 256 5.06 52.80 -16.36
C ASP F 256 4.55 52.11 -17.62
N ASP F 257 5.34 51.26 -18.25
CA ASP F 257 4.89 50.50 -19.42
C ASP F 257 4.20 49.18 -19.08
N LEU F 258 3.21 48.84 -19.92
CA LEU F 258 2.51 47.56 -19.77
C LEU F 258 2.52 46.81 -21.08
N TYR F 259 2.68 45.50 -20.98
CA TYR F 259 2.66 44.63 -22.12
C TYR F 259 1.76 43.43 -21.84
N THR F 260 1.28 42.81 -22.90
CA THR F 260 0.69 41.49 -22.78
C THR F 260 1.77 40.45 -22.52
N GLY F 261 1.32 39.25 -22.18
CA GLY F 261 2.21 38.12 -22.06
C GLY F 261 2.85 37.72 -23.38
N LYS F 262 2.51 38.38 -24.50
CA LYS F 262 3.14 38.15 -25.80
C LYS F 262 4.08 39.28 -26.18
N ASP F 263 4.45 40.10 -25.20
CA ASP F 263 5.29 41.27 -25.36
C ASP F 263 4.68 42.29 -26.29
N GLU F 264 3.36 42.26 -26.44
CA GLU F 264 2.68 43.31 -27.19
C GLU F 264 2.47 44.48 -26.24
N LYS F 265 2.98 45.64 -26.62
CA LYS F 265 2.83 46.83 -25.80
C LYS F 265 1.38 47.26 -25.78
N ILE F 266 0.87 47.55 -24.58
CA ILE F 266 -0.47 48.09 -24.34
C ILE F 266 -0.33 49.60 -24.18
N ASP F 267 -1.21 50.34 -24.86
CA ASP F 267 -1.29 51.78 -24.73
C ASP F 267 -1.98 52.23 -23.43
N VAL F 268 -1.18 52.76 -22.50
CA VAL F 268 -1.65 53.31 -21.23
C VAL F 268 -1.72 54.85 -21.18
N SER F 269 -1.39 55.58 -22.27
CA SER F 269 -1.41 57.05 -22.16
C SER F 269 -2.78 57.69 -21.89
N GLN F 270 -3.87 57.00 -22.14
CA GLN F 270 -5.24 57.43 -21.84
C GLN F 270 -5.65 57.24 -20.37
N VAL F 271 -4.87 56.56 -19.55
CA VAL F 271 -5.35 56.13 -18.24
C VAL F 271 -5.37 57.29 -17.24
N ASP F 272 -4.43 58.20 -17.35
CA ASP F 272 -4.24 59.27 -16.39
C ASP F 272 -3.71 60.45 -17.20
N VAL F 273 -3.74 61.63 -16.57
CA VAL F 273 -3.34 62.86 -17.21
C VAL F 273 -1.85 62.95 -17.46
N SER F 274 -1.07 62.03 -16.90
CA SER F 274 0.37 62.01 -17.05
C SER F 274 0.90 60.60 -17.26
N MET F 275 1.99 60.49 -18.00
CA MET F 275 2.65 59.21 -18.07
C MET F 275 3.64 58.96 -16.92
N ASN F 276 3.84 59.93 -16.00
CA ASN F 276 4.79 59.81 -14.89
C ASN F 276 4.08 59.44 -13.60
N GLY F 277 4.31 58.20 -13.13
CA GLY F 277 3.71 57.73 -11.88
C GLY F 277 4.06 58.54 -10.65
N ILE F 278 5.26 59.11 -10.62
CA ILE F 278 5.65 59.97 -9.50
C ILE F 278 4.88 61.27 -9.50
N GLU F 279 4.67 61.84 -10.68
CA GLU F 279 3.87 63.05 -10.80
C GLU F 279 2.42 62.79 -10.42
N LEU F 280 1.86 61.66 -10.86
CA LEU F 280 0.50 61.31 -10.50
C LEU F 280 0.34 61.07 -9.00
N GLN F 281 1.32 60.45 -8.38
CA GLN F 281 1.33 60.29 -6.92
C GLN F 281 1.27 61.66 -6.21
N ASP F 282 2.12 62.59 -6.65
CA ASP F 282 2.13 63.91 -6.02
C ASP F 282 0.84 64.68 -6.32
N ARG F 283 0.30 64.55 -7.54
CA ARG F 283 -1.01 65.13 -7.87
C ARG F 283 -2.13 64.63 -6.95
N GLU F 284 -2.14 63.34 -6.67
CA GLU F 284 -3.12 62.80 -5.75
C GLU F 284 -2.96 63.41 -4.35
N PHE F 285 -1.70 63.54 -3.89
CA PHE F 285 -1.42 64.18 -2.60
C PHE F 285 -1.98 65.62 -2.56
N PHE F 286 -1.71 66.40 -3.60
CA PHE F 286 -2.18 67.79 -3.63
C PHE F 286 -3.69 67.88 -3.84
N ALA F 287 -4.30 66.97 -4.58
CA ALA F 287 -5.75 66.95 -4.66
C ALA F 287 -6.37 66.65 -3.29
N ALA F 288 -5.86 65.64 -2.59
CA ALA F 288 -6.37 65.34 -1.26
C ALA F 288 -6.26 66.54 -0.33
N ILE F 289 -5.14 67.26 -0.40
CA ILE F 289 -5.02 68.49 0.39
C ILE F 289 -6.07 69.53 -0.04
N ARG F 290 -6.21 69.76 -1.34
CA ARG F 290 -7.14 70.79 -1.77
C ARG F 290 -8.59 70.47 -1.45
N GLU F 291 -8.95 69.20 -1.52
CA GLU F 291 -10.32 68.75 -1.34
C GLU F 291 -10.69 68.40 0.08
N GLY F 292 -9.71 68.32 0.98
CA GLY F 292 -9.99 67.92 2.35
C GLY F 292 -10.48 66.49 2.43
N ARG F 293 -9.94 65.63 1.58
CA ARG F 293 -10.31 64.22 1.56
C ARG F 293 -9.07 63.39 1.87
N GLU F 294 -9.28 62.12 2.20
CA GLU F 294 -8.19 61.16 2.27
C GLU F 294 -7.58 60.87 0.91
N PRO F 295 -6.25 60.86 0.78
CA PRO F 295 -5.64 60.41 -0.48
C PRO F 295 -5.66 58.90 -0.62
N ASN F 296 -5.67 58.46 -1.87
CA ASN F 296 -5.22 57.12 -2.26
C ASN F 296 -3.77 56.89 -1.82
N SER F 297 -3.50 55.73 -1.22
CA SER F 297 -2.21 55.42 -0.58
C SER F 297 -1.98 56.20 0.72
N SER F 298 -3.06 56.51 1.42
CA SER F 298 -3.02 56.99 2.78
C SER F 298 -2.39 55.93 3.69
N VAL F 299 -1.84 56.41 4.83
CA VAL F 299 -1.23 55.53 5.84
C VAL F 299 -2.18 54.42 6.24
N GLN F 300 -3.47 54.73 6.35
CA GLN F 300 -4.46 53.72 6.69
C GLN F 300 -4.58 52.65 5.60
N GLN F 301 -4.58 53.06 4.33
CA GLN F 301 -4.74 52.09 3.27
C GLN F 301 -3.57 51.11 3.22
N VAL F 302 -2.35 51.60 3.42
CA VAL F 302 -1.14 50.77 3.30
C VAL F 302 -0.66 50.08 4.58
N PHE F 303 -1.16 50.47 5.74
CA PHE F 303 -0.62 49.93 7.00
C PHE F 303 -0.60 48.38 7.07
N ASN F 304 -1.59 47.69 6.45
CA ASN F 304 -1.55 46.23 6.49
C ASN F 304 -0.32 45.65 5.82
N CYS F 305 0.23 46.36 4.86
CA CYS F 305 1.53 45.96 4.32
C CYS F 305 2.60 45.88 5.39
N TYR F 306 2.66 46.89 6.26
CA TYR F 306 3.67 46.91 7.30
C TYR F 306 3.44 45.82 8.33
N LYS F 307 2.17 45.45 8.56
CA LYS F 307 1.94 44.30 9.44
C LYS F 307 2.49 43.00 8.84
N VAL F 308 2.24 42.75 7.54
CA VAL F 308 2.77 41.54 6.89
C VAL F 308 4.30 41.51 6.91
N LEU F 309 4.93 42.64 6.60
CA LEU F 309 6.39 42.70 6.64
C LEU F 309 6.92 42.38 8.02
N HIS F 310 6.26 42.89 9.07
CA HIS F 310 6.68 42.55 10.43
C HIS F 310 6.59 41.05 10.68
N ASP F 311 5.49 40.42 10.26
CA ASP F 311 5.39 38.96 10.42
C ASP F 311 6.50 38.23 9.67
N LEU F 312 6.84 38.71 8.48
CA LEU F 312 7.95 38.13 7.72
C LEU F 312 9.29 38.32 8.41
N GLU F 313 9.53 39.48 8.98
CA GLU F 313 10.75 39.70 9.73
C GLU F 313 10.86 38.71 10.89
N GLN F 314 9.74 38.47 11.58
CA GLN F 314 9.78 37.45 12.64
C GLN F 314 10.11 36.06 12.10
N GLN F 315 9.57 35.69 10.92
CA GLN F 315 10.00 34.40 10.35
C GLN F 315 11.49 34.37 10.05
N LEU F 316 12.00 35.39 9.38
CA LEU F 316 13.41 35.39 9.03
C LEU F 316 14.27 35.41 10.30
N ASN F 317 13.76 35.95 11.38
CA ASN F 317 14.47 35.94 12.62
C ASN F 317 14.27 34.63 13.41
S SO4 G . 7.05 -27.78 44.77
O1 SO4 G . 7.16 -27.27 43.37
O2 SO4 G . 6.71 -29.22 44.75
O3 SO4 G . 8.34 -27.58 45.48
O4 SO4 G . 6.00 -27.03 45.56
PA NAP H . 7.29 -34.89 49.27
O1A NAP H . 7.14 -34.08 50.53
O2A NAP H . 8.64 -35.18 48.67
O5B NAP H . 6.64 -36.37 49.47
C5B NAP H . 5.31 -36.72 49.27
C4B NAP H . 5.20 -38.02 50.07
O4B NAP H . 5.05 -39.17 49.24
C3B NAP H . 6.45 -38.26 50.93
O3B NAP H . 6.24 -38.34 52.31
C2B NAP H . 7.01 -39.57 50.39
O2B NAP H . 7.52 -40.37 51.40
C1B NAP H . 5.71 -40.22 49.89
N9A NAP H . 5.89 -41.48 49.14
C8A NAP H . 6.98 -41.94 48.44
N7A NAP H . 6.83 -43.13 47.93
C5A NAP H . 5.57 -43.50 48.30
C6A NAP H . 4.81 -44.67 48.07
N6A NAP H . 5.26 -45.70 47.34
N1A NAP H . 3.58 -44.73 48.59
C2A NAP H . 3.11 -43.70 49.30
N3A NAP H . 3.75 -42.56 49.57
C4A NAP H . 4.97 -42.51 49.06
O3 NAP H . 6.41 -34.31 48.06
PN NAP H . 5.48 -33.03 48.06
O1N NAP H . 4.57 -33.32 49.23
O2N NAP H . 6.28 -31.79 47.90
O5D NAP H . 4.64 -33.21 46.66
C5D NAP H . 4.01 -34.41 46.30
C4D NAP H . 3.17 -34.23 45.04
O4D NAP H . 2.33 -33.06 45.21
C3D NAP H . 4.00 -33.96 43.79
O3D NAP H . 3.48 -34.69 42.70
C2D NAP H . 3.81 -32.47 43.55
O2D NAP H . 3.84 -32.16 42.21
C1D NAP H . 2.41 -32.19 44.14
N1N NAP H . 2.28 -30.74 44.58
C2N NAP H . 1.31 -29.88 44.23
C3N NAP H . 1.28 -28.57 44.73
C7N NAP H . 0.22 -27.53 44.42
O7N NAP H . -0.96 -27.83 44.36
N7N NAP H . 0.65 -26.29 44.20
C4N NAP H . 2.31 -28.15 45.57
C5N NAP H . 3.31 -29.04 45.89
C6N NAP H . 3.26 -30.32 45.40
P2B NAP H . 9.26 -40.36 51.62
O1X NAP H . 9.50 -40.37 53.13
O2X NAP H . 9.66 -41.64 50.93
O3X NAP H . 9.74 -39.07 50.99
S SO4 I . 11.75 5.05 26.09
O1 SO4 I . 10.34 4.64 25.86
O2 SO4 I . 12.52 4.01 26.85
O3 SO4 I . 12.34 5.22 24.73
O4 SO4 I . 11.78 6.34 26.86
PA NAP J . 11.54 12.38 22.39
O1A NAP J . 11.62 12.96 23.78
O2A NAP J . 10.28 11.87 21.77
O5B NAP J . 12.10 13.49 21.31
C5B NAP J . 13.45 13.68 20.92
C4B NAP J . 13.53 15.05 20.27
O4B NAP J . 13.73 14.97 18.84
C3B NAP J . 12.22 15.83 20.47
O3B NAP J . 12.37 17.02 21.18
C2B NAP J . 11.71 16.05 19.02
O2B NAP J . 11.11 17.28 18.86
C1B NAP J . 13.05 16.04 18.27
N9A NAP J . 12.85 16.06 16.82
C8A NAP J . 11.76 15.69 16.08
N7A NAP J . 11.89 15.87 14.80
C5A NAP J . 13.15 16.37 14.67
C6A NAP J . 13.92 16.75 13.54
N6A NAP J . 13.44 16.66 12.30
N1A NAP J . 15.17 17.21 13.74
C2A NAP J . 15.61 17.30 14.99
N3A NAP J . 15.00 16.96 16.12
C4A NAP J . 13.76 16.52 15.91
O3 NAP J . 12.45 11.09 22.27
PN NAP J . 13.31 10.42 23.45
O1N NAP J . 12.56 9.79 24.56
O2N NAP J . 14.23 11.54 23.76
O5D NAP J . 14.17 9.35 22.54
C5D NAP J . 14.87 9.79 21.41
C4D NAP J . 15.64 8.60 20.86
O4D NAP J . 16.42 7.97 21.92
C3D NAP J . 14.61 7.61 20.39
O3D NAP J . 15.01 7.06 19.18
C2D NAP J . 14.66 6.58 21.52
O2D NAP J . 14.44 5.29 21.09
C1D NAP J . 16.10 6.64 22.03
N1N NAP J . 16.21 6.23 23.47
C2N NAP J . 17.33 5.73 23.99
C3N NAP J . 17.36 5.33 25.32
C7N NAP J . 18.55 4.74 25.98
O7N NAP J . 19.67 5.14 25.76
N7N NAP J . 18.26 3.73 26.81
C4N NAP J . 16.22 5.43 26.10
C5N NAP J . 15.07 5.93 25.53
C6N NAP J . 15.08 6.28 24.20
P2B NAP J . 9.37 17.27 18.84
O1X NAP J . 9.03 18.77 18.80
O2X NAP J . 9.17 16.49 17.55
O3X NAP J . 8.91 16.47 20.04
S SO4 K . -25.19 -26.88 -5.41
O1 SO4 K . -26.31 -27.15 -6.37
O2 SO4 K . -24.01 -27.66 -5.88
O3 SO4 K . -24.86 -25.41 -5.38
O4 SO4 K . -25.66 -27.31 -4.05
PA NAP L . -28.31 -27.75 1.83
O1A NAP L . -28.37 -29.17 1.40
O2A NAP L . -29.43 -26.79 1.66
O5B NAP L . -28.03 -27.61 3.44
C5B NAP L . -26.81 -27.63 4.13
C4B NAP L . -27.32 -27.84 5.56
O4B NAP L . -27.18 -26.66 6.37
C3B NAP L . -28.83 -28.20 5.59
O3B NAP L . -29.10 -29.46 6.14
C2B NAP L . -29.46 -27.05 6.38
O2B NAP L . -30.46 -27.49 7.24
C1B NAP L . -28.28 -26.63 7.25
N9A NAP L . -28.51 -25.38 7.98
C8A NAP L . -29.33 -24.31 7.70
N7A NAP L . -29.29 -23.37 8.60
C5A NAP L . -28.38 -23.82 9.53
C6A NAP L . -27.90 -23.29 10.75
N6A NAP L . -28.28 -22.10 11.23
N1A NAP L . -27.01 -24.00 11.45
C2A NAP L . -26.63 -25.18 10.97
N3A NAP L . -27.02 -25.78 9.86
C4A NAP L . -27.89 -25.06 9.17
O3 NAP L . -26.96 -27.08 1.25
PN NAP L . -25.86 -27.81 0.32
O1N NAP L . -26.26 -27.49 -1.08
O2N NAP L . -25.64 -29.24 0.66
O5D NAP L . -24.52 -26.89 0.43
C5D NAP L . -24.09 -26.35 1.65
C4D NAP L . -22.89 -25.46 1.42
O4D NAP L . -21.91 -26.18 0.60
C3D NAP L . -23.28 -24.21 0.63
O3D NAP L . -22.62 -23.08 1.10
C2D NAP L . -22.74 -24.47 -0.77
O2D NAP L . -22.29 -23.30 -1.41
C1D NAP L . -21.56 -25.39 -0.46
N1N NAP L . -21.29 -26.15 -1.71
C2N NAP L . -20.08 -26.66 -1.97
C3N NAP L . -19.83 -27.28 -3.17
C7N NAP L . -18.51 -27.85 -3.53
O7N NAP L . -17.58 -27.71 -2.77
N7N NAP L . -18.50 -28.42 -4.74
C4N NAP L . -20.84 -27.32 -4.13
C5N NAP L . -22.08 -26.77 -3.83
C6N NAP L . -22.28 -26.18 -2.61
P2B NAP L . -32.14 -27.31 6.82
O1X NAP L . -32.91 -28.06 7.90
O2X NAP L . -32.24 -25.79 6.89
O3X NAP L . -32.24 -27.93 5.42
S SO4 M . -15.27 -22.50 -42.10
O1 SO4 M . -15.32 -22.60 -43.59
O2 SO4 M . -14.75 -23.82 -41.63
O3 SO4 M . -14.27 -21.42 -41.81
O4 SO4 M . -16.63 -22.21 -41.47
PA NAP N . -11.79 -22.16 -49.73
O1A NAP N . -12.28 -23.57 -49.86
O2A NAP N . -10.40 -21.85 -49.29
O5B NAP N . -11.82 -21.38 -51.16
C5B NAP N . -12.87 -20.68 -51.78
C4B NAP N . -12.35 -20.60 -53.23
O4B NAP N . -11.98 -19.26 -53.57
C3B NAP N . -11.09 -21.48 -53.43
O3B NAP N . -11.21 -22.50 -54.38
C2B NAP N . -10.00 -20.44 -53.76
O2B NAP N . -9.06 -20.80 -54.73
C1B NAP N . -10.86 -19.35 -54.41
N9A NAP N . -10.23 -18.07 -54.68
C8A NAP N . -9.16 -17.43 -54.09
N7A NAP N . -8.90 -16.27 -54.62
C5A NAP N . -9.83 -16.13 -55.63
C6A NAP N . -10.08 -15.12 -56.57
N6A NAP N . -9.34 -13.99 -56.63
N1A NAP N . -11.09 -15.31 -57.43
C2A NAP N . -11.82 -16.42 -57.37
N3A NAP N . -11.67 -17.44 -56.55
C4A NAP N . -10.66 -17.24 -55.69
O3 NAP N . -12.82 -21.26 -48.82
PN NAP N . -14.19 -21.76 -48.08
O1N NAP N . -14.15 -22.67 -46.91
O2N NAP N . -14.98 -22.18 -49.28
O5D NAP N . -14.89 -20.37 -47.67
C5D NAP N . -14.96 -19.38 -48.65
C4D NAP N . -15.81 -18.27 -48.09
O4D NAP N . -17.01 -18.93 -47.65
C3D NAP N . -15.21 -17.59 -46.87
O3D NAP N . -15.44 -16.21 -46.95
C2D NAP N . -16.00 -18.21 -45.70
O2D NAP N . -16.24 -17.34 -44.62
C1D NAP N . -17.33 -18.57 -46.36
N1N NAP N . -17.92 -19.73 -45.64
C2N NAP N . -19.12 -19.65 -45.06
C3N NAP N . -19.66 -20.72 -44.38
C7N NAP N . -21.01 -20.65 -43.77
O7N NAP N . -21.67 -19.64 -43.98
N7N NAP N . -21.42 -21.72 -43.05
C4N NAP N . -18.90 -21.87 -44.23
C5N NAP N . -17.66 -21.90 -44.83
C6N NAP N . -17.16 -20.82 -45.51
P2B NAP N . -7.54 -21.47 -54.19
O1X NAP N . -7.27 -22.51 -55.27
O2X NAP N . -6.65 -20.23 -54.14
O3X NAP N . -7.74 -22.10 -52.83
S SO4 O . 5.39 19.02 -20.32
O1 SO4 O . 4.81 17.69 -19.96
O2 SO4 O . 6.79 19.17 -19.80
O3 SO4 O . 5.45 19.22 -21.79
O4 SO4 O . 4.48 20.05 -19.70
PA NAP P . 1.68 12.33 -23.90
O1A NAP P . 2.12 12.87 -25.24
O2A NAP P . 0.30 12.64 -23.34
O5B NAP P . 1.67 10.70 -23.97
C5B NAP P . 2.74 9.83 -23.71
C4B NAP P . 2.23 8.54 -24.36
O4B NAP P . 1.88 7.53 -23.42
C3B NAP P . 0.95 8.79 -25.19
O3B NAP P . 1.07 8.47 -26.55
C2B NAP P . -0.09 7.89 -24.50
O2B NAP P . -0.92 7.26 -25.40
C1B NAP P . 0.79 6.82 -23.95
N9A NAP P . 0.07 5.92 -23.08
C8A NAP P . -1.08 6.09 -22.34
N7A NAP P . -1.43 5.02 -21.69
C5A NAP P . -0.46 4.11 -22.01
C6A NAP P . -0.25 2.77 -21.66
N6A NAP P . -1.08 2.14 -20.83
N1A NAP P . 0.82 2.15 -22.17
C2A NAP P . 1.64 2.77 -23.00
N3A NAP P . 1.53 4.00 -23.43
C4A NAP P . 0.47 4.63 -22.89
O3 NAP P . 2.78 12.63 -22.73
PN NAP P . 4.21 13.40 -22.84
O1N NAP P . 3.93 14.85 -22.79
O2N NAP P . 5.08 13.00 -23.99
O5D NAP P . 4.90 12.96 -21.42
C5D NAP P . 4.73 11.66 -20.97
C4D NAP P . 5.52 11.35 -19.71
O4D NAP P . 6.88 11.82 -19.91
C3D NAP P . 5.05 12.03 -18.44
O3D NAP P . 5.13 11.10 -17.37
C2D NAP P . 6.05 13.17 -18.17
O2D NAP P . 6.30 13.44 -16.83
C1D NAP P . 7.29 12.56 -18.82
N1N NAP P . 8.24 13.66 -19.21
C2N NAP P . 7.96 14.72 -19.95
C3N NAP P . 8.98 15.63 -20.16
C7N NAP P . 8.80 16.84 -20.98
O7N NAP P . 7.67 17.05 -21.42
N7N NAP P . 9.90 17.59 -21.12
C4N NAP P . 10.25 15.49 -19.64
C5N NAP P . 10.48 14.38 -18.88
C6N NAP P . 9.45 13.50 -18.66
P2B NAP P . -2.53 7.82 -25.64
O1X NAP P . -2.46 9.30 -25.95
O2X NAP P . -2.90 6.89 -26.79
O3X NAP P . -3.19 7.52 -24.30
S SO4 Q . 12.22 49.76 -8.89
O1 SO4 Q . 11.73 49.45 -10.29
O2 SO4 Q . 12.76 48.51 -8.22
O3 SO4 Q . 13.29 50.80 -8.99
O4 SO4 Q . 11.14 50.35 -8.04
PA NAP R . 19.60 58.70 -1.96
O1A NAP R . 19.73 59.19 -3.36
O2A NAP R . 20.59 57.81 -1.28
O5B NAP R . 19.50 60.03 -1.03
C5B NAP R . 18.36 60.79 -0.71
C4B NAP R . 18.91 62.13 -0.21
O4B NAP R . 18.75 62.27 1.20
C3B NAP R . 20.43 62.30 -0.49
O3B NAP R . 20.74 63.38 -1.31
C2B NAP R . 21.03 62.41 0.94
O2B NAP R . 22.04 63.36 1.03
C1B NAP R . 19.86 62.99 1.67
N9A NAP R . 20.07 62.96 3.11
C8A NAP R . 20.89 62.10 3.83
N7A NAP R . 20.89 62.33 5.11
C5A NAP R . 20.06 63.42 5.24
C6A NAP R . 19.65 64.17 6.36
N6A NAP R . 20.06 63.88 7.60
N1A NAP R . 18.81 65.19 6.15
C2A NAP R . 18.41 65.47 4.91
N3A NAP R . 18.73 64.84 3.79
C4A NAP R . 19.54 63.83 4.02
O3 NAP R . 18.20 57.88 -1.77
PN NAP R . 17.07 57.54 -2.88
O1N NAP R . 17.46 56.44 -3.80
O2N NAP R . 16.65 58.85 -3.46
O5D NAP R . 15.89 57.03 -1.89
C5D NAP R . 15.69 57.76 -0.70
C4D NAP R . 14.44 57.25 -0.04
O4D NAP R . 13.46 57.26 -1.11
C3D NAP R . 14.51 55.83 0.48
O3D NAP R . 13.83 55.78 1.71
C2D NAP R . 13.79 55.04 -0.61
O2D NAP R . 13.10 53.93 -0.16
C1D NAP R . 12.80 56.07 -1.20
N1N NAP R . 12.49 55.78 -2.63
C2N NAP R . 11.28 55.41 -3.06
C3N NAP R . 11.05 55.12 -4.39
C7N NAP R . 9.70 54.79 -4.97
O7N NAP R . 9.59 54.78 -6.17
N7N NAP R . 8.68 54.54 -4.16
C4N NAP R . 12.12 55.14 -5.26
C5N NAP R . 13.38 55.46 -4.78
C6N NAP R . 13.54 55.78 -3.46
P2B NAP R . 23.70 62.88 1.01
O1X NAP R . 24.29 63.92 0.07
O2X NAP R . 24.12 63.01 2.51
O3X NAP R . 23.63 61.46 0.44
S SO4 S . 26.39 55.83 -5.03
O1 SO4 S . 25.86 55.75 -6.43
O2 SO4 S . 26.70 57.25 -4.71
O3 SO4 S . 25.34 55.35 -4.08
O4 SO4 S . 27.62 55.00 -4.87
#